data_1OPZ
# 
_entry.id   1OPZ 
# 
_audit_conform.dict_name       mmcif_pdbx.dic 
_audit_conform.dict_version    5.392 
_audit_conform.dict_location   http://mmcif.pdb.org/dictionaries/ascii/mmcif_pdbx.dic 
# 
loop_
_database_2.database_id 
_database_2.database_code 
_database_2.pdbx_database_accession 
_database_2.pdbx_DOI 
PDB   1OPZ         pdb_00001opz 10.2210/pdb1opz/pdb 
RCSB  RCSB018547   ?            ?                   
WWPDB D_1000018547 ?            ?                   
# 
loop_
_pdbx_audit_revision_history.ordinal 
_pdbx_audit_revision_history.data_content_type 
_pdbx_audit_revision_history.major_revision 
_pdbx_audit_revision_history.minor_revision 
_pdbx_audit_revision_history.revision_date 
1 'Structure model' 1 0 2004-03-16 
2 'Structure model' 1 1 2008-04-29 
3 'Structure model' 1 2 2011-07-13 
4 'Structure model' 1 3 2021-10-27 
5 'Structure model' 1 4 2024-05-22 
# 
_pdbx_audit_revision_details.ordinal             1 
_pdbx_audit_revision_details.revision_ordinal    1 
_pdbx_audit_revision_details.data_content_type   'Structure model' 
_pdbx_audit_revision_details.provider            repository 
_pdbx_audit_revision_details.type                'Initial release' 
_pdbx_audit_revision_details.description         ? 
_pdbx_audit_revision_details.details             ? 
# 
loop_
_pdbx_audit_revision_group.ordinal 
_pdbx_audit_revision_group.revision_ordinal 
_pdbx_audit_revision_group.data_content_type 
_pdbx_audit_revision_group.group 
1 2 'Structure model' 'Version format compliance' 
2 3 'Structure model' 'Version format compliance' 
3 4 'Structure model' 'Data collection'           
4 4 'Structure model' 'Database references'       
5 4 'Structure model' 'Derived calculations'      
6 5 'Structure model' 'Data collection'           
# 
loop_
_pdbx_audit_revision_category.ordinal 
_pdbx_audit_revision_category.revision_ordinal 
_pdbx_audit_revision_category.data_content_type 
_pdbx_audit_revision_category.category 
1 4 'Structure model' database_2            
2 4 'Structure model' pdbx_nmr_software     
3 4 'Structure model' pdbx_nmr_spectrometer 
4 4 'Structure model' pdbx_struct_assembly  
5 4 'Structure model' pdbx_struct_oper_list 
6 4 'Structure model' struct_ref_seq_dif    
7 5 'Structure model' chem_comp_atom        
8 5 'Structure model' chem_comp_bond        
# 
loop_
_pdbx_audit_revision_item.ordinal 
_pdbx_audit_revision_item.revision_ordinal 
_pdbx_audit_revision_item.data_content_type 
_pdbx_audit_revision_item.item 
1 4 'Structure model' '_database_2.pdbx_DOI'                
2 4 'Structure model' '_database_2.pdbx_database_accession' 
3 4 'Structure model' '_pdbx_nmr_software.name'             
4 4 'Structure model' '_pdbx_nmr_spectrometer.model'        
5 4 'Structure model' '_struct_ref_seq_dif.details'         
# 
_pdbx_database_status.status_code                     REL 
_pdbx_database_status.entry_id                        1OPZ 
_pdbx_database_status.recvd_initial_deposition_date   2003-03-06 
_pdbx_database_status.deposit_site                    RCSB 
_pdbx_database_status.process_site                    RCSB 
_pdbx_database_status.status_code_mr                  REL 
_pdbx_database_status.SG_entry                        . 
_pdbx_database_status.pdb_format_compatible           Y 
_pdbx_database_status.status_code_sf                  ? 
_pdbx_database_status.status_code_cs                  ? 
_pdbx_database_status.status_code_nmr_data            ? 
_pdbx_database_status.methods_development_category    ? 
# 
loop_
_pdbx_database_related.db_name 
_pdbx_database_related.db_id 
_pdbx_database_related.details 
_pdbx_database_related.content_type 
PDB 1OQ3 . unspecified 
PDB 1OQ6 . unspecified 
# 
loop_
_audit_author.name 
_audit_author.pdbx_ordinal 
'Banci, L.'         1 
'Bertini, I.'       2 
'Ciofi-Baffoni, S.' 3 
'Gonneli, L.'       4 
'Su, X.C.'          5 
# 
_citation.id                        primary 
_citation.title                     
'A core mutation affecting the folding properties of a soluble domain of the ATPase protein CopA from Bacillus subtilis.' 
_citation.journal_abbrev            J.Mol.Biol. 
_citation.journal_volume            331 
_citation.page_first                473 
_citation.page_last                 484 
_citation.year                      2003 
_citation.journal_id_ASTM           JMOBAK 
_citation.country                   UK 
_citation.journal_id_ISSN           0022-2836 
_citation.journal_id_CSD            0070 
_citation.book_publisher            ? 
_citation.pdbx_database_id_PubMed   12888353 
_citation.pdbx_database_id_DOI      '10.1016/S0022-2836(03)00769-1' 
# 
loop_
_citation_author.citation_id 
_citation_author.name 
_citation_author.ordinal 
_citation_author.identifier_ORCID 
primary 'Banci, L.'         1 ? 
primary 'Bertini, I.'       2 ? 
primary 'Ciofi-Baffoni, S.' 3 ? 
primary 'Gonnelli, L.'      4 ? 
primary 'Su, X.C.'          5 ? 
# 
_entity.id                         1 
_entity.type                       polymer 
_entity.src_method                 man 
_entity.pdbx_description           'Potential copper-transporting ATPase' 
_entity.formula_weight             8174.431 
_entity.pdbx_number_of_molecules   1 
_entity.pdbx_ec                    3.6.3.4 
_entity.pdbx_mutation              S46V 
_entity.pdbx_fragment              'the first N-terminal water soluble domain of CopA' 
_entity.details                    ? 
# 
_entity_poly.entity_id                      1 
_entity_poly.type                           'polypeptide(L)' 
_entity_poly.nstd_linkage                   no 
_entity_poly.nstd_monomer                   no 
_entity_poly.pdbx_seq_one_letter_code       MLSEQKEIAMQVSGMTCAACAARIEKGLKRMPGVTDANVNLATETVNVIYDPAETGTAAIQEKIEKLGYHVVIEGR 
_entity_poly.pdbx_seq_one_letter_code_can   MLSEQKEIAMQVSGMTCAACAARIEKGLKRMPGVTDANVNLATETVNVIYDPAETGTAAIQEKIEKLGYHVVIEGR 
_entity_poly.pdbx_strand_id                 A 
_entity_poly.pdbx_target_identifier         ? 
# 
loop_
_entity_poly_seq.entity_id 
_entity_poly_seq.num 
_entity_poly_seq.mon_id 
_entity_poly_seq.hetero 
1 1  MET n 
1 2  LEU n 
1 3  SER n 
1 4  GLU n 
1 5  GLN n 
1 6  LYS n 
1 7  GLU n 
1 8  ILE n 
1 9  ALA n 
1 10 MET n 
1 11 GLN n 
1 12 VAL n 
1 13 SER n 
1 14 GLY n 
1 15 MET n 
1 16 THR n 
1 17 CYS n 
1 18 ALA n 
1 19 ALA n 
1 20 CYS n 
1 21 ALA n 
1 22 ALA n 
1 23 ARG n 
1 24 ILE n 
1 25 GLU n 
1 26 LYS n 
1 27 GLY n 
1 28 LEU n 
1 29 LYS n 
1 30 ARG n 
1 31 MET n 
1 32 PRO n 
1 33 GLY n 
1 34 VAL n 
1 35 THR n 
1 36 ASP n 
1 37 ALA n 
1 38 ASN n 
1 39 VAL n 
1 40 ASN n 
1 41 LEU n 
1 42 ALA n 
1 43 THR n 
1 44 GLU n 
1 45 THR n 
1 46 VAL n 
1 47 ASN n 
1 48 VAL n 
1 49 ILE n 
1 50 TYR n 
1 51 ASP n 
1 52 PRO n 
1 53 ALA n 
1 54 GLU n 
1 55 THR n 
1 56 GLY n 
1 57 THR n 
1 58 ALA n 
1 59 ALA n 
1 60 ILE n 
1 61 GLN n 
1 62 GLU n 
1 63 LYS n 
1 64 ILE n 
1 65 GLU n 
1 66 LYS n 
1 67 LEU n 
1 68 GLY n 
1 69 TYR n 
1 70 HIS n 
1 71 VAL n 
1 72 VAL n 
1 73 ILE n 
1 74 GLU n 
1 75 GLY n 
1 76 ARG n 
# 
_entity_src_gen.entity_id                          1 
_entity_src_gen.pdbx_src_id                        1 
_entity_src_gen.pdbx_alt_source_flag               sample 
_entity_src_gen.pdbx_seq_type                      ? 
_entity_src_gen.pdbx_beg_seq_num                   ? 
_entity_src_gen.pdbx_end_seq_num                   ? 
_entity_src_gen.gene_src_common_name               ? 
_entity_src_gen.gene_src_genus                     Bacillus 
_entity_src_gen.pdbx_gene_src_gene                 YVGX 
_entity_src_gen.gene_src_species                   ? 
_entity_src_gen.gene_src_strain                    ? 
_entity_src_gen.gene_src_tissue                    ? 
_entity_src_gen.gene_src_tissue_fraction           ? 
_entity_src_gen.gene_src_details                   ? 
_entity_src_gen.pdbx_gene_src_fragment             ? 
_entity_src_gen.pdbx_gene_src_scientific_name      'Bacillus subtilis' 
_entity_src_gen.pdbx_gene_src_ncbi_taxonomy_id     1423 
_entity_src_gen.pdbx_gene_src_variant              ? 
_entity_src_gen.pdbx_gene_src_cell_line            ? 
_entity_src_gen.pdbx_gene_src_atcc                 ? 
_entity_src_gen.pdbx_gene_src_organ                ? 
_entity_src_gen.pdbx_gene_src_organelle            ? 
_entity_src_gen.pdbx_gene_src_cell                 ? 
_entity_src_gen.pdbx_gene_src_cellular_location    ? 
_entity_src_gen.host_org_common_name               ? 
_entity_src_gen.pdbx_host_org_scientific_name      'Escherichia coli' 
_entity_src_gen.pdbx_host_org_ncbi_taxonomy_id     562 
_entity_src_gen.host_org_genus                     Escherichia 
_entity_src_gen.pdbx_host_org_gene                 ? 
_entity_src_gen.pdbx_host_org_organ                ? 
_entity_src_gen.host_org_species                   ? 
_entity_src_gen.pdbx_host_org_tissue               ? 
_entity_src_gen.pdbx_host_org_tissue_fraction      ? 
_entity_src_gen.pdbx_host_org_strain               pLysS 
_entity_src_gen.pdbx_host_org_variant              ? 
_entity_src_gen.pdbx_host_org_cell_line            ? 
_entity_src_gen.pdbx_host_org_atcc                 ? 
_entity_src_gen.pdbx_host_org_culture_collection   ? 
_entity_src_gen.pdbx_host_org_cell                 ? 
_entity_src_gen.pdbx_host_org_organelle            ? 
_entity_src_gen.pdbx_host_org_cellular_location    ? 
_entity_src_gen.pdbx_host_org_vector_type          plasmid 
_entity_src_gen.pdbx_host_org_vector               ? 
_entity_src_gen.host_org_details                   ? 
_entity_src_gen.expression_system_id               ? 
_entity_src_gen.plasmid_name                       PET21a 
_entity_src_gen.plasmid_details                    ? 
_entity_src_gen.pdbx_description                   ? 
# 
loop_
_chem_comp.id 
_chem_comp.type 
_chem_comp.mon_nstd_flag 
_chem_comp.name 
_chem_comp.pdbx_synonyms 
_chem_comp.formula 
_chem_comp.formula_weight 
ALA 'L-peptide linking' y ALANINE         ? 'C3 H7 N O2'     89.093  
ARG 'L-peptide linking' y ARGININE        ? 'C6 H15 N4 O2 1' 175.209 
ASN 'L-peptide linking' y ASPARAGINE      ? 'C4 H8 N2 O3'    132.118 
ASP 'L-peptide linking' y 'ASPARTIC ACID' ? 'C4 H7 N O4'     133.103 
CYS 'L-peptide linking' y CYSTEINE        ? 'C3 H7 N O2 S'   121.158 
GLN 'L-peptide linking' y GLUTAMINE       ? 'C5 H10 N2 O3'   146.144 
GLU 'L-peptide linking' y 'GLUTAMIC ACID' ? 'C5 H9 N O4'     147.129 
GLY 'peptide linking'   y GLYCINE         ? 'C2 H5 N O2'     75.067  
HIS 'L-peptide linking' y HISTIDINE       ? 'C6 H10 N3 O2 1' 156.162 
ILE 'L-peptide linking' y ISOLEUCINE      ? 'C6 H13 N O2'    131.173 
LEU 'L-peptide linking' y LEUCINE         ? 'C6 H13 N O2'    131.173 
LYS 'L-peptide linking' y LYSINE          ? 'C6 H15 N2 O2 1' 147.195 
MET 'L-peptide linking' y METHIONINE      ? 'C5 H11 N O2 S'  149.211 
PRO 'L-peptide linking' y PROLINE         ? 'C5 H9 N O2'     115.130 
SER 'L-peptide linking' y SERINE          ? 'C3 H7 N O3'     105.093 
THR 'L-peptide linking' y THREONINE       ? 'C4 H9 N O3'     119.119 
TYR 'L-peptide linking' y TYROSINE        ? 'C9 H11 N O3'    181.189 
VAL 'L-peptide linking' y VALINE          ? 'C5 H11 N O2'    117.146 
# 
loop_
_pdbx_poly_seq_scheme.asym_id 
_pdbx_poly_seq_scheme.entity_id 
_pdbx_poly_seq_scheme.seq_id 
_pdbx_poly_seq_scheme.mon_id 
_pdbx_poly_seq_scheme.ndb_seq_num 
_pdbx_poly_seq_scheme.pdb_seq_num 
_pdbx_poly_seq_scheme.auth_seq_num 
_pdbx_poly_seq_scheme.pdb_mon_id 
_pdbx_poly_seq_scheme.auth_mon_id 
_pdbx_poly_seq_scheme.pdb_strand_id 
_pdbx_poly_seq_scheme.pdb_ins_code 
_pdbx_poly_seq_scheme.hetero 
A 1 1  MET 1  1  1  MET MET A . n 
A 1 2  LEU 2  2  2  LEU LEU A . n 
A 1 3  SER 3  3  3  SER SER A . n 
A 1 4  GLU 4  4  4  GLU GLU A . n 
A 1 5  GLN 5  5  5  GLN GLN A . n 
A 1 6  LYS 6  6  6  LYS LYS A . n 
A 1 7  GLU 7  7  7  GLU GLU A . n 
A 1 8  ILE 8  8  8  ILE ILE A . n 
A 1 9  ALA 9  9  9  ALA ALA A . n 
A 1 10 MET 10 10 10 MET MET A . n 
A 1 11 GLN 11 11 11 GLN GLN A . n 
A 1 12 VAL 12 12 12 VAL VAL A . n 
A 1 13 SER 13 13 13 SER SER A . n 
A 1 14 GLY 14 14 14 GLY GLY A . n 
A 1 15 MET 15 15 15 MET MET A . n 
A 1 16 THR 16 16 16 THR THR A . n 
A 1 17 CYS 17 17 17 CYS CYS A . n 
A 1 18 ALA 18 18 18 ALA ALA A . n 
A 1 19 ALA 19 19 19 ALA ALA A . n 
A 1 20 CYS 20 20 20 CYS CYS A . n 
A 1 21 ALA 21 21 21 ALA ALA A . n 
A 1 22 ALA 22 22 22 ALA ALA A . n 
A 1 23 ARG 23 23 23 ARG ARG A . n 
A 1 24 ILE 24 24 24 ILE ILE A . n 
A 1 25 GLU 25 25 25 GLU GLU A . n 
A 1 26 LYS 26 26 26 LYS LYS A . n 
A 1 27 GLY 27 27 27 GLY GLY A . n 
A 1 28 LEU 28 28 28 LEU LEU A . n 
A 1 29 LYS 29 29 29 LYS LYS A . n 
A 1 30 ARG 30 30 30 ARG ARG A . n 
A 1 31 MET 31 31 31 MET MET A . n 
A 1 32 PRO 32 32 32 PRO PRO A . n 
A 1 33 GLY 33 33 33 GLY GLY A . n 
A 1 34 VAL 34 34 34 VAL VAL A . n 
A 1 35 THR 35 35 35 THR THR A . n 
A 1 36 ASP 36 36 36 ASP ASP A . n 
A 1 37 ALA 37 37 37 ALA ALA A . n 
A 1 38 ASN 38 38 38 ASN ASN A . n 
A 1 39 VAL 39 39 39 VAL VAL A . n 
A 1 40 ASN 40 40 40 ASN ASN A . n 
A 1 41 LEU 41 41 41 LEU LEU A . n 
A 1 42 ALA 42 42 42 ALA ALA A . n 
A 1 43 THR 43 43 43 THR THR A . n 
A 1 44 GLU 44 44 44 GLU GLU A . n 
A 1 45 THR 45 45 45 THR THR A . n 
A 1 46 VAL 46 46 46 VAL VAL A . n 
A 1 47 ASN 47 47 47 ASN ASN A . n 
A 1 48 VAL 48 48 48 VAL VAL A . n 
A 1 49 ILE 49 49 49 ILE ILE A . n 
A 1 50 TYR 50 50 50 TYR TYR A . n 
A 1 51 ASP 51 51 51 ASP ASP A . n 
A 1 52 PRO 52 52 52 PRO PRO A . n 
A 1 53 ALA 53 53 53 ALA ALA A . n 
A 1 54 GLU 54 54 54 GLU GLU A . n 
A 1 55 THR 55 55 55 THR THR A . n 
A 1 56 GLY 56 56 56 GLY GLY A . n 
A 1 57 THR 57 57 57 THR THR A . n 
A 1 58 ALA 58 58 58 ALA ALA A . n 
A 1 59 ALA 59 59 59 ALA ALA A . n 
A 1 60 ILE 60 60 60 ILE ILE A . n 
A 1 61 GLN 61 61 61 GLN GLN A . n 
A 1 62 GLU 62 62 62 GLU GLU A . n 
A 1 63 LYS 63 63 63 LYS LYS A . n 
A 1 64 ILE 64 64 64 ILE ILE A . n 
A 1 65 GLU 65 65 65 GLU GLU A . n 
A 1 66 LYS 66 66 66 LYS LYS A . n 
A 1 67 LEU 67 67 67 LEU LEU A . n 
A 1 68 GLY 68 68 68 GLY GLY A . n 
A 1 69 TYR 69 69 69 TYR TYR A . n 
A 1 70 HIS 70 70 70 HIS HIS A . n 
A 1 71 VAL 71 71 71 VAL VAL A . n 
A 1 72 VAL 72 72 72 VAL VAL A . n 
A 1 73 ILE 73 73 73 ILE ILE A . n 
A 1 74 GLU 74 74 74 GLU GLU A . n 
A 1 75 GLY 75 75 75 GLY GLY A . n 
A 1 76 ARG 76 76 76 ARG ARG A . n 
# 
_exptl.entry_id          1OPZ 
_exptl.method            'SOLUTION NMR' 
_exptl.crystals_number   ? 
# 
_exptl_crystal.id                    1 
_exptl_crystal.density_meas          ? 
_exptl_crystal.density_Matthews      ? 
_exptl_crystal.density_percent_sol   ? 
_exptl_crystal.description           ? 
# 
_diffrn.id                     1 
_diffrn.ambient_temp           ? 
_diffrn.ambient_temp_details   ? 
_diffrn.crystal_id             1 
# 
_diffrn_radiation.diffrn_id                        1 
_diffrn_radiation.wavelength_id                    1 
_diffrn_radiation.pdbx_monochromatic_or_laue_m_l   M 
_diffrn_radiation.monochromator                    ? 
_diffrn_radiation.pdbx_diffrn_protocol             'SINGLE WAVELENGTH' 
_diffrn_radiation.pdbx_scattering_type             ? 
# 
_diffrn_radiation_wavelength.id           1 
_diffrn_radiation_wavelength.wavelength   . 
_diffrn_radiation_wavelength.wt           1.0 
# 
_struct.entry_id                  1OPZ 
_struct.title                     
'A core mutation affecting the folding properties of a soluble domain of the ATPase protein CopA from Bacillus subtilis' 
_struct.pdbx_model_details        ? 
_struct.pdbx_CASP_flag            ? 
_struct.pdbx_model_type_details   'minimized average' 
# 
_struct_keywords.entry_id        1OPZ 
_struct_keywords.pdbx_keywords   HYDROLASE 
_struct_keywords.text            'mutation, folding, abbab fold, HYDROLASE' 
# 
_struct_asym.id                            A 
_struct_asym.pdbx_blank_PDB_chainid_flag   N 
_struct_asym.pdbx_modified                 N 
_struct_asym.entity_id                     1 
_struct_asym.details                       ? 
# 
_struct_ref.id                         1 
_struct_ref.db_name                    UNP 
_struct_ref.db_code                    COPA_BACSU 
_struct_ref.pdbx_db_accession          O32220 
_struct_ref.entity_id                  1 
_struct_ref.pdbx_seq_one_letter_code   MLSEQKEIAMQVSGMTCAACAARIEKGLKRMPGVTDANVNLATETSNVIYDPAETGTAAIQEKIEKLGYHVVTEKA 
_struct_ref.pdbx_align_begin           1 
_struct_ref.pdbx_db_isoform            ? 
# 
_struct_ref_seq.align_id                      1 
_struct_ref_seq.ref_id                        1 
_struct_ref_seq.pdbx_PDB_id_code              1OPZ 
_struct_ref_seq.pdbx_strand_id                A 
_struct_ref_seq.seq_align_beg                 1 
_struct_ref_seq.pdbx_seq_align_beg_ins_code   ? 
_struct_ref_seq.seq_align_end                 76 
_struct_ref_seq.pdbx_seq_align_end_ins_code   ? 
_struct_ref_seq.pdbx_db_accession             O32220 
_struct_ref_seq.db_align_beg                  1 
_struct_ref_seq.pdbx_db_align_beg_ins_code    ? 
_struct_ref_seq.db_align_end                  76 
_struct_ref_seq.pdbx_db_align_end_ins_code    ? 
_struct_ref_seq.pdbx_auth_seq_align_beg       1 
_struct_ref_seq.pdbx_auth_seq_align_end       76 
# 
loop_
_struct_ref_seq_dif.align_id 
_struct_ref_seq_dif.pdbx_pdb_id_code 
_struct_ref_seq_dif.mon_id 
_struct_ref_seq_dif.pdbx_pdb_strand_id 
_struct_ref_seq_dif.seq_num 
_struct_ref_seq_dif.pdbx_pdb_ins_code 
_struct_ref_seq_dif.pdbx_seq_db_name 
_struct_ref_seq_dif.pdbx_seq_db_accession_code 
_struct_ref_seq_dif.db_mon_id 
_struct_ref_seq_dif.pdbx_seq_db_seq_num 
_struct_ref_seq_dif.details 
_struct_ref_seq_dif.pdbx_auth_seq_num 
_struct_ref_seq_dif.pdbx_ordinal 
1 1OPZ VAL A 46 ? UNP O32220 SER 46 'engineered mutation' 46 1 
1 1OPZ ILE A 73 ? UNP O32220 THR 73 'cloning artifact'    73 2 
1 1OPZ GLY A 75 ? UNP O32220 LYS 75 'cloning artifact'    75 3 
1 1OPZ ARG A 76 ? UNP O32220 ALA 76 'cloning artifact'    76 4 
# 
_pdbx_struct_assembly.id                   1 
_pdbx_struct_assembly.details              author_defined_assembly 
_pdbx_struct_assembly.method_details       ? 
_pdbx_struct_assembly.oligomeric_details   monomeric 
_pdbx_struct_assembly.oligomeric_count     1 
# 
_pdbx_struct_assembly_gen.assembly_id       1 
_pdbx_struct_assembly_gen.oper_expression   1 
_pdbx_struct_assembly_gen.asym_id_list      A 
# 
_pdbx_struct_oper_list.id                   1 
_pdbx_struct_oper_list.type                 'identity operation' 
_pdbx_struct_oper_list.name                 1_555 
_pdbx_struct_oper_list.symmetry_operation   ? 
_pdbx_struct_oper_list.matrix[1][1]         1.0000000000 
_pdbx_struct_oper_list.matrix[1][2]         0.0000000000 
_pdbx_struct_oper_list.matrix[1][3]         0.0000000000 
_pdbx_struct_oper_list.vector[1]            0.0000000000 
_pdbx_struct_oper_list.matrix[2][1]         0.0000000000 
_pdbx_struct_oper_list.matrix[2][2]         1.0000000000 
_pdbx_struct_oper_list.matrix[2][3]         0.0000000000 
_pdbx_struct_oper_list.vector[2]            0.0000000000 
_pdbx_struct_oper_list.matrix[3][1]         0.0000000000 
_pdbx_struct_oper_list.matrix[3][2]         0.0000000000 
_pdbx_struct_oper_list.matrix[3][3]         1.0000000000 
_pdbx_struct_oper_list.vector[3]            0.0000000000 
# 
_struct_biol.id   1 
# 
loop_
_struct_conf.conf_type_id 
_struct_conf.id 
_struct_conf.pdbx_PDB_helix_id 
_struct_conf.beg_label_comp_id 
_struct_conf.beg_label_asym_id 
_struct_conf.beg_label_seq_id 
_struct_conf.pdbx_beg_PDB_ins_code 
_struct_conf.end_label_comp_id 
_struct_conf.end_label_asym_id 
_struct_conf.end_label_seq_id 
_struct_conf.pdbx_end_PDB_ins_code 
_struct_conf.beg_auth_comp_id 
_struct_conf.beg_auth_asym_id 
_struct_conf.beg_auth_seq_id 
_struct_conf.end_auth_comp_id 
_struct_conf.end_auth_asym_id 
_struct_conf.end_auth_seq_id 
_struct_conf.pdbx_PDB_helix_class 
_struct_conf.details 
_struct_conf.pdbx_PDB_helix_length 
HELX_P HELX_P1 1 ALA A 19 ? ARG A 30 ? ALA A 19 ARG A 30 1 ? 12 
HELX_P HELX_P2 2 LEU A 41 ? THR A 43 ? LEU A 41 THR A 43 5 ? 3  
HELX_P HELX_P3 3 GLY A 56 ? GLY A 68 ? GLY A 56 GLY A 68 1 ? 13 
# 
_struct_conf_type.id          HELX_P 
_struct_conf_type.criteria    ? 
_struct_conf_type.reference   ? 
# 
_struct_sheet.id               A 
_struct_sheet.type             ? 
_struct_sheet.number_strands   4 
_struct_sheet.details          ? 
# 
loop_
_struct_sheet_order.sheet_id 
_struct_sheet_order.range_id_1 
_struct_sheet_order.range_id_2 
_struct_sheet_order.offset 
_struct_sheet_order.sense 
A 1 2 ? anti-parallel 
A 2 3 ? anti-parallel 
A 3 4 ? anti-parallel 
# 
loop_
_struct_sheet_range.sheet_id 
_struct_sheet_range.id 
_struct_sheet_range.beg_label_comp_id 
_struct_sheet_range.beg_label_asym_id 
_struct_sheet_range.beg_label_seq_id 
_struct_sheet_range.pdbx_beg_PDB_ins_code 
_struct_sheet_range.end_label_comp_id 
_struct_sheet_range.end_label_asym_id 
_struct_sheet_range.end_label_seq_id 
_struct_sheet_range.pdbx_end_PDB_ins_code 
_struct_sheet_range.beg_auth_comp_id 
_struct_sheet_range.beg_auth_asym_id 
_struct_sheet_range.beg_auth_seq_id 
_struct_sheet_range.end_auth_comp_id 
_struct_sheet_range.end_auth_asym_id 
_struct_sheet_range.end_auth_seq_id 
A 1 VAL A 34 ? ASN A 40 ? VAL A 34 ASN A 40 
A 2 THR A 45 ? TYR A 50 ? THR A 45 TYR A 50 
A 3 LYS A 6  ? SER A 13 ? LYS A 6  SER A 13 
A 4 HIS A 70 ? VAL A 72 ? HIS A 70 VAL A 72 
# 
loop_
_pdbx_struct_sheet_hbond.sheet_id 
_pdbx_struct_sheet_hbond.range_id_1 
_pdbx_struct_sheet_hbond.range_id_2 
_pdbx_struct_sheet_hbond.range_1_label_atom_id 
_pdbx_struct_sheet_hbond.range_1_label_comp_id 
_pdbx_struct_sheet_hbond.range_1_label_asym_id 
_pdbx_struct_sheet_hbond.range_1_label_seq_id 
_pdbx_struct_sheet_hbond.range_1_PDB_ins_code 
_pdbx_struct_sheet_hbond.range_1_auth_atom_id 
_pdbx_struct_sheet_hbond.range_1_auth_comp_id 
_pdbx_struct_sheet_hbond.range_1_auth_asym_id 
_pdbx_struct_sheet_hbond.range_1_auth_seq_id 
_pdbx_struct_sheet_hbond.range_2_label_atom_id 
_pdbx_struct_sheet_hbond.range_2_label_comp_id 
_pdbx_struct_sheet_hbond.range_2_label_asym_id 
_pdbx_struct_sheet_hbond.range_2_label_seq_id 
_pdbx_struct_sheet_hbond.range_2_PDB_ins_code 
_pdbx_struct_sheet_hbond.range_2_auth_atom_id 
_pdbx_struct_sheet_hbond.range_2_auth_comp_id 
_pdbx_struct_sheet_hbond.range_2_auth_asym_id 
_pdbx_struct_sheet_hbond.range_2_auth_seq_id 
A 1 2 N ASN A 38 ? N ASN A 38 O ASN A 47 ? O ASN A 47 
A 2 3 O VAL A 46 ? O VAL A 46 N MET A 10 ? N MET A 10 
A 3 4 N GLN A 11 ? N GLN A 11 O VAL A 72 ? O VAL A 72 
# 
loop_
_pdbx_validate_torsion.id 
_pdbx_validate_torsion.PDB_model_num 
_pdbx_validate_torsion.auth_comp_id 
_pdbx_validate_torsion.auth_asym_id 
_pdbx_validate_torsion.auth_seq_id 
_pdbx_validate_torsion.PDB_ins_code 
_pdbx_validate_torsion.label_alt_id 
_pdbx_validate_torsion.phi 
_pdbx_validate_torsion.psi 
1 1 CYS A 17 ? ? 51.35  -136.28 
2 1 ALA A 18 ? ? 32.93  57.27   
3 1 PRO A 52 ? ? -67.56 7.94    
# 
loop_
_pdbx_validate_planes.id 
_pdbx_validate_planes.PDB_model_num 
_pdbx_validate_planes.auth_comp_id 
_pdbx_validate_planes.auth_asym_id 
_pdbx_validate_planes.auth_seq_id 
_pdbx_validate_planes.PDB_ins_code 
_pdbx_validate_planes.label_alt_id 
_pdbx_validate_planes.rmsd 
_pdbx_validate_planes.type 
1 1 TYR A 50 ? ? 0.093 'SIDE CHAIN' 
2 1 ARG A 76 ? ? 0.146 'SIDE CHAIN' 
# 
_pdbx_nmr_ensemble.entry_id                                      1OPZ 
_pdbx_nmr_ensemble.conformers_calculated_total_number            30 
_pdbx_nmr_ensemble.conformers_submitted_total_number             1 
_pdbx_nmr_ensemble.conformer_selection_criteria                  
'The submitted conformer model is the average of 30 structures with the lowest  energy' 
_pdbx_nmr_ensemble.average_constraints_per_residue               ? 
_pdbx_nmr_ensemble.average_constraint_violations_per_residue     ? 
_pdbx_nmr_ensemble.maximum_distance_constraint_violation         ? 
_pdbx_nmr_ensemble.average_distance_constraint_violation         ? 
_pdbx_nmr_ensemble.maximum_upper_distance_constraint_violation   ? 
_pdbx_nmr_ensemble.maximum_lower_distance_constraint_violation   ? 
_pdbx_nmr_ensemble.distance_constraint_violation_method          ? 
_pdbx_nmr_ensemble.maximum_torsion_angle_constraint_violation    ? 
_pdbx_nmr_ensemble.average_torsion_angle_constraint_violation    ? 
_pdbx_nmr_ensemble.torsion_angle_constraint_violation_method     ? 
# 
_pdbx_nmr_representative.entry_id             1OPZ 
_pdbx_nmr_representative.conformer_id         1 
_pdbx_nmr_representative.selection_criteria   'minimized average structure' 
# 
_pdbx_nmr_sample_details.solution_id      1 
_pdbx_nmr_sample_details.contents         
;1.5 mM apoD1S46VCopA,   
20mM phosphate, 90%H2O, 10%D2O,2.0 mM DTT
;
_pdbx_nmr_sample_details.solvent_system   '90% H2O/10% D2O' 
# 
_pdbx_nmr_exptl_sample_conditions.conditions_id       1 
_pdbx_nmr_exptl_sample_conditions.temperature         298 
_pdbx_nmr_exptl_sample_conditions.pressure            1 
_pdbx_nmr_exptl_sample_conditions.pH                  7.0 
_pdbx_nmr_exptl_sample_conditions.ionic_strength      '20 mM phosphate + 2 mMDTT' 
_pdbx_nmr_exptl_sample_conditions.pressure_units      atm 
_pdbx_nmr_exptl_sample_conditions.temperature_units   K 
# 
loop_
_pdbx_nmr_exptl.experiment_id 
_pdbx_nmr_exptl.solution_id 
_pdbx_nmr_exptl.conditions_id 
_pdbx_nmr_exptl.type 
1 1 1 '2D NOESY'             
2 1 1 '2D TOCSY'             
3 1 1 3D_15N-separated_NOESY 
4 1 1 HNHA                   
5 1 1 HNHB                   
# 
_pdbx_nmr_details.entry_id   1OPZ 
_pdbx_nmr_details.text       'The structure was determined using 15N labeled D1S46VCopA' 
# 
_pdbx_nmr_refine.entry_id           1OPZ 
_pdbx_nmr_refine.method             'simulated annealing, torsion angle dynamics, restrained energy minimization' 
_pdbx_nmr_refine.details            ? 
_pdbx_nmr_refine.software_ordinal   1 
# 
loop_
_pdbx_nmr_software.name 
_pdbx_nmr_software.version 
_pdbx_nmr_software.classification 
_pdbx_nmr_software.authors 
_pdbx_nmr_software.ordinal 
XwinNMR 2.6 processing           Bruker                                                                               1 
XEASY   1.3 'structure solution' 'Xia, Bartels'                                                                       2 
DYANA   1.5 'structure solution' 'Gunter, Mumenthaler, Wuthrich'                                                      3 
Amber   5.0 refinement           'Pearlman, Case, Caldwell, Ross, Cheatham, Ferguson, Seibel, Singh, Weiner, Kollman' 4 
# 
loop_
_chem_comp_atom.comp_id 
_chem_comp_atom.atom_id 
_chem_comp_atom.type_symbol 
_chem_comp_atom.pdbx_aromatic_flag 
_chem_comp_atom.pdbx_stereo_config 
_chem_comp_atom.pdbx_ordinal 
ALA N    N N N 1   
ALA CA   C N S 2   
ALA C    C N N 3   
ALA O    O N N 4   
ALA CB   C N N 5   
ALA OXT  O N N 6   
ALA H    H N N 7   
ALA H2   H N N 8   
ALA HA   H N N 9   
ALA HB1  H N N 10  
ALA HB2  H N N 11  
ALA HB3  H N N 12  
ALA HXT  H N N 13  
ARG N    N N N 14  
ARG CA   C N S 15  
ARG C    C N N 16  
ARG O    O N N 17  
ARG CB   C N N 18  
ARG CG   C N N 19  
ARG CD   C N N 20  
ARG NE   N N N 21  
ARG CZ   C N N 22  
ARG NH1  N N N 23  
ARG NH2  N N N 24  
ARG OXT  O N N 25  
ARG H    H N N 26  
ARG H2   H N N 27  
ARG HA   H N N 28  
ARG HB2  H N N 29  
ARG HB3  H N N 30  
ARG HG2  H N N 31  
ARG HG3  H N N 32  
ARG HD2  H N N 33  
ARG HD3  H N N 34  
ARG HE   H N N 35  
ARG HH11 H N N 36  
ARG HH12 H N N 37  
ARG HH21 H N N 38  
ARG HH22 H N N 39  
ARG HXT  H N N 40  
ASN N    N N N 41  
ASN CA   C N S 42  
ASN C    C N N 43  
ASN O    O N N 44  
ASN CB   C N N 45  
ASN CG   C N N 46  
ASN OD1  O N N 47  
ASN ND2  N N N 48  
ASN OXT  O N N 49  
ASN H    H N N 50  
ASN H2   H N N 51  
ASN HA   H N N 52  
ASN HB2  H N N 53  
ASN HB3  H N N 54  
ASN HD21 H N N 55  
ASN HD22 H N N 56  
ASN HXT  H N N 57  
ASP N    N N N 58  
ASP CA   C N S 59  
ASP C    C N N 60  
ASP O    O N N 61  
ASP CB   C N N 62  
ASP CG   C N N 63  
ASP OD1  O N N 64  
ASP OD2  O N N 65  
ASP OXT  O N N 66  
ASP H    H N N 67  
ASP H2   H N N 68  
ASP HA   H N N 69  
ASP HB2  H N N 70  
ASP HB3  H N N 71  
ASP HD2  H N N 72  
ASP HXT  H N N 73  
CYS N    N N N 74  
CYS CA   C N R 75  
CYS C    C N N 76  
CYS O    O N N 77  
CYS CB   C N N 78  
CYS SG   S N N 79  
CYS OXT  O N N 80  
CYS H    H N N 81  
CYS H2   H N N 82  
CYS HA   H N N 83  
CYS HB2  H N N 84  
CYS HB3  H N N 85  
CYS HG   H N N 86  
CYS HXT  H N N 87  
GLN N    N N N 88  
GLN CA   C N S 89  
GLN C    C N N 90  
GLN O    O N N 91  
GLN CB   C N N 92  
GLN CG   C N N 93  
GLN CD   C N N 94  
GLN OE1  O N N 95  
GLN NE2  N N N 96  
GLN OXT  O N N 97  
GLN H    H N N 98  
GLN H2   H N N 99  
GLN HA   H N N 100 
GLN HB2  H N N 101 
GLN HB3  H N N 102 
GLN HG2  H N N 103 
GLN HG3  H N N 104 
GLN HE21 H N N 105 
GLN HE22 H N N 106 
GLN HXT  H N N 107 
GLU N    N N N 108 
GLU CA   C N S 109 
GLU C    C N N 110 
GLU O    O N N 111 
GLU CB   C N N 112 
GLU CG   C N N 113 
GLU CD   C N N 114 
GLU OE1  O N N 115 
GLU OE2  O N N 116 
GLU OXT  O N N 117 
GLU H    H N N 118 
GLU H2   H N N 119 
GLU HA   H N N 120 
GLU HB2  H N N 121 
GLU HB3  H N N 122 
GLU HG2  H N N 123 
GLU HG3  H N N 124 
GLU HE2  H N N 125 
GLU HXT  H N N 126 
GLY N    N N N 127 
GLY CA   C N N 128 
GLY C    C N N 129 
GLY O    O N N 130 
GLY OXT  O N N 131 
GLY H    H N N 132 
GLY H2   H N N 133 
GLY HA2  H N N 134 
GLY HA3  H N N 135 
GLY HXT  H N N 136 
HIS N    N N N 137 
HIS CA   C N S 138 
HIS C    C N N 139 
HIS O    O N N 140 
HIS CB   C N N 141 
HIS CG   C Y N 142 
HIS ND1  N Y N 143 
HIS CD2  C Y N 144 
HIS CE1  C Y N 145 
HIS NE2  N Y N 146 
HIS OXT  O N N 147 
HIS H    H N N 148 
HIS H2   H N N 149 
HIS HA   H N N 150 
HIS HB2  H N N 151 
HIS HB3  H N N 152 
HIS HD1  H N N 153 
HIS HD2  H N N 154 
HIS HE1  H N N 155 
HIS HE2  H N N 156 
HIS HXT  H N N 157 
ILE N    N N N 158 
ILE CA   C N S 159 
ILE C    C N N 160 
ILE O    O N N 161 
ILE CB   C N S 162 
ILE CG1  C N N 163 
ILE CG2  C N N 164 
ILE CD1  C N N 165 
ILE OXT  O N N 166 
ILE H    H N N 167 
ILE H2   H N N 168 
ILE HA   H N N 169 
ILE HB   H N N 170 
ILE HG12 H N N 171 
ILE HG13 H N N 172 
ILE HG21 H N N 173 
ILE HG22 H N N 174 
ILE HG23 H N N 175 
ILE HD11 H N N 176 
ILE HD12 H N N 177 
ILE HD13 H N N 178 
ILE HXT  H N N 179 
LEU N    N N N 180 
LEU CA   C N S 181 
LEU C    C N N 182 
LEU O    O N N 183 
LEU CB   C N N 184 
LEU CG   C N N 185 
LEU CD1  C N N 186 
LEU CD2  C N N 187 
LEU OXT  O N N 188 
LEU H    H N N 189 
LEU H2   H N N 190 
LEU HA   H N N 191 
LEU HB2  H N N 192 
LEU HB3  H N N 193 
LEU HG   H N N 194 
LEU HD11 H N N 195 
LEU HD12 H N N 196 
LEU HD13 H N N 197 
LEU HD21 H N N 198 
LEU HD22 H N N 199 
LEU HD23 H N N 200 
LEU HXT  H N N 201 
LYS N    N N N 202 
LYS CA   C N S 203 
LYS C    C N N 204 
LYS O    O N N 205 
LYS CB   C N N 206 
LYS CG   C N N 207 
LYS CD   C N N 208 
LYS CE   C N N 209 
LYS NZ   N N N 210 
LYS OXT  O N N 211 
LYS H    H N N 212 
LYS H2   H N N 213 
LYS HA   H N N 214 
LYS HB2  H N N 215 
LYS HB3  H N N 216 
LYS HG2  H N N 217 
LYS HG3  H N N 218 
LYS HD2  H N N 219 
LYS HD3  H N N 220 
LYS HE2  H N N 221 
LYS HE3  H N N 222 
LYS HZ1  H N N 223 
LYS HZ2  H N N 224 
LYS HZ3  H N N 225 
LYS HXT  H N N 226 
MET N    N N N 227 
MET CA   C N S 228 
MET C    C N N 229 
MET O    O N N 230 
MET CB   C N N 231 
MET CG   C N N 232 
MET SD   S N N 233 
MET CE   C N N 234 
MET OXT  O N N 235 
MET H    H N N 236 
MET H2   H N N 237 
MET HA   H N N 238 
MET HB2  H N N 239 
MET HB3  H N N 240 
MET HG2  H N N 241 
MET HG3  H N N 242 
MET HE1  H N N 243 
MET HE2  H N N 244 
MET HE3  H N N 245 
MET HXT  H N N 246 
PRO N    N N N 247 
PRO CA   C N S 248 
PRO C    C N N 249 
PRO O    O N N 250 
PRO CB   C N N 251 
PRO CG   C N N 252 
PRO CD   C N N 253 
PRO OXT  O N N 254 
PRO H    H N N 255 
PRO HA   H N N 256 
PRO HB2  H N N 257 
PRO HB3  H N N 258 
PRO HG2  H N N 259 
PRO HG3  H N N 260 
PRO HD2  H N N 261 
PRO HD3  H N N 262 
PRO HXT  H N N 263 
SER N    N N N 264 
SER CA   C N S 265 
SER C    C N N 266 
SER O    O N N 267 
SER CB   C N N 268 
SER OG   O N N 269 
SER OXT  O N N 270 
SER H    H N N 271 
SER H2   H N N 272 
SER HA   H N N 273 
SER HB2  H N N 274 
SER HB3  H N N 275 
SER HG   H N N 276 
SER HXT  H N N 277 
THR N    N N N 278 
THR CA   C N S 279 
THR C    C N N 280 
THR O    O N N 281 
THR CB   C N R 282 
THR OG1  O N N 283 
THR CG2  C N N 284 
THR OXT  O N N 285 
THR H    H N N 286 
THR H2   H N N 287 
THR HA   H N N 288 
THR HB   H N N 289 
THR HG1  H N N 290 
THR HG21 H N N 291 
THR HG22 H N N 292 
THR HG23 H N N 293 
THR HXT  H N N 294 
TYR N    N N N 295 
TYR CA   C N S 296 
TYR C    C N N 297 
TYR O    O N N 298 
TYR CB   C N N 299 
TYR CG   C Y N 300 
TYR CD1  C Y N 301 
TYR CD2  C Y N 302 
TYR CE1  C Y N 303 
TYR CE2  C Y N 304 
TYR CZ   C Y N 305 
TYR OH   O N N 306 
TYR OXT  O N N 307 
TYR H    H N N 308 
TYR H2   H N N 309 
TYR HA   H N N 310 
TYR HB2  H N N 311 
TYR HB3  H N N 312 
TYR HD1  H N N 313 
TYR HD2  H N N 314 
TYR HE1  H N N 315 
TYR HE2  H N N 316 
TYR HH   H N N 317 
TYR HXT  H N N 318 
VAL N    N N N 319 
VAL CA   C N S 320 
VAL C    C N N 321 
VAL O    O N N 322 
VAL CB   C N N 323 
VAL CG1  C N N 324 
VAL CG2  C N N 325 
VAL OXT  O N N 326 
VAL H    H N N 327 
VAL H2   H N N 328 
VAL HA   H N N 329 
VAL HB   H N N 330 
VAL HG11 H N N 331 
VAL HG12 H N N 332 
VAL HG13 H N N 333 
VAL HG21 H N N 334 
VAL HG22 H N N 335 
VAL HG23 H N N 336 
VAL HXT  H N N 337 
# 
loop_
_chem_comp_bond.comp_id 
_chem_comp_bond.atom_id_1 
_chem_comp_bond.atom_id_2 
_chem_comp_bond.value_order 
_chem_comp_bond.pdbx_aromatic_flag 
_chem_comp_bond.pdbx_stereo_config 
_chem_comp_bond.pdbx_ordinal 
ALA N   CA   sing N N 1   
ALA N   H    sing N N 2   
ALA N   H2   sing N N 3   
ALA CA  C    sing N N 4   
ALA CA  CB   sing N N 5   
ALA CA  HA   sing N N 6   
ALA C   O    doub N N 7   
ALA C   OXT  sing N N 8   
ALA CB  HB1  sing N N 9   
ALA CB  HB2  sing N N 10  
ALA CB  HB3  sing N N 11  
ALA OXT HXT  sing N N 12  
ARG N   CA   sing N N 13  
ARG N   H    sing N N 14  
ARG N   H2   sing N N 15  
ARG CA  C    sing N N 16  
ARG CA  CB   sing N N 17  
ARG CA  HA   sing N N 18  
ARG C   O    doub N N 19  
ARG C   OXT  sing N N 20  
ARG CB  CG   sing N N 21  
ARG CB  HB2  sing N N 22  
ARG CB  HB3  sing N N 23  
ARG CG  CD   sing N N 24  
ARG CG  HG2  sing N N 25  
ARG CG  HG3  sing N N 26  
ARG CD  NE   sing N N 27  
ARG CD  HD2  sing N N 28  
ARG CD  HD3  sing N N 29  
ARG NE  CZ   sing N N 30  
ARG NE  HE   sing N N 31  
ARG CZ  NH1  sing N N 32  
ARG CZ  NH2  doub N N 33  
ARG NH1 HH11 sing N N 34  
ARG NH1 HH12 sing N N 35  
ARG NH2 HH21 sing N N 36  
ARG NH2 HH22 sing N N 37  
ARG OXT HXT  sing N N 38  
ASN N   CA   sing N N 39  
ASN N   H    sing N N 40  
ASN N   H2   sing N N 41  
ASN CA  C    sing N N 42  
ASN CA  CB   sing N N 43  
ASN CA  HA   sing N N 44  
ASN C   O    doub N N 45  
ASN C   OXT  sing N N 46  
ASN CB  CG   sing N N 47  
ASN CB  HB2  sing N N 48  
ASN CB  HB3  sing N N 49  
ASN CG  OD1  doub N N 50  
ASN CG  ND2  sing N N 51  
ASN ND2 HD21 sing N N 52  
ASN ND2 HD22 sing N N 53  
ASN OXT HXT  sing N N 54  
ASP N   CA   sing N N 55  
ASP N   H    sing N N 56  
ASP N   H2   sing N N 57  
ASP CA  C    sing N N 58  
ASP CA  CB   sing N N 59  
ASP CA  HA   sing N N 60  
ASP C   O    doub N N 61  
ASP C   OXT  sing N N 62  
ASP CB  CG   sing N N 63  
ASP CB  HB2  sing N N 64  
ASP CB  HB3  sing N N 65  
ASP CG  OD1  doub N N 66  
ASP CG  OD2  sing N N 67  
ASP OD2 HD2  sing N N 68  
ASP OXT HXT  sing N N 69  
CYS N   CA   sing N N 70  
CYS N   H    sing N N 71  
CYS N   H2   sing N N 72  
CYS CA  C    sing N N 73  
CYS CA  CB   sing N N 74  
CYS CA  HA   sing N N 75  
CYS C   O    doub N N 76  
CYS C   OXT  sing N N 77  
CYS CB  SG   sing N N 78  
CYS CB  HB2  sing N N 79  
CYS CB  HB3  sing N N 80  
CYS SG  HG   sing N N 81  
CYS OXT HXT  sing N N 82  
GLN N   CA   sing N N 83  
GLN N   H    sing N N 84  
GLN N   H2   sing N N 85  
GLN CA  C    sing N N 86  
GLN CA  CB   sing N N 87  
GLN CA  HA   sing N N 88  
GLN C   O    doub N N 89  
GLN C   OXT  sing N N 90  
GLN CB  CG   sing N N 91  
GLN CB  HB2  sing N N 92  
GLN CB  HB3  sing N N 93  
GLN CG  CD   sing N N 94  
GLN CG  HG2  sing N N 95  
GLN CG  HG3  sing N N 96  
GLN CD  OE1  doub N N 97  
GLN CD  NE2  sing N N 98  
GLN NE2 HE21 sing N N 99  
GLN NE2 HE22 sing N N 100 
GLN OXT HXT  sing N N 101 
GLU N   CA   sing N N 102 
GLU N   H    sing N N 103 
GLU N   H2   sing N N 104 
GLU CA  C    sing N N 105 
GLU CA  CB   sing N N 106 
GLU CA  HA   sing N N 107 
GLU C   O    doub N N 108 
GLU C   OXT  sing N N 109 
GLU CB  CG   sing N N 110 
GLU CB  HB2  sing N N 111 
GLU CB  HB3  sing N N 112 
GLU CG  CD   sing N N 113 
GLU CG  HG2  sing N N 114 
GLU CG  HG3  sing N N 115 
GLU CD  OE1  doub N N 116 
GLU CD  OE2  sing N N 117 
GLU OE2 HE2  sing N N 118 
GLU OXT HXT  sing N N 119 
GLY N   CA   sing N N 120 
GLY N   H    sing N N 121 
GLY N   H2   sing N N 122 
GLY CA  C    sing N N 123 
GLY CA  HA2  sing N N 124 
GLY CA  HA3  sing N N 125 
GLY C   O    doub N N 126 
GLY C   OXT  sing N N 127 
GLY OXT HXT  sing N N 128 
HIS N   CA   sing N N 129 
HIS N   H    sing N N 130 
HIS N   H2   sing N N 131 
HIS CA  C    sing N N 132 
HIS CA  CB   sing N N 133 
HIS CA  HA   sing N N 134 
HIS C   O    doub N N 135 
HIS C   OXT  sing N N 136 
HIS CB  CG   sing N N 137 
HIS CB  HB2  sing N N 138 
HIS CB  HB3  sing N N 139 
HIS CG  ND1  sing Y N 140 
HIS CG  CD2  doub Y N 141 
HIS ND1 CE1  doub Y N 142 
HIS ND1 HD1  sing N N 143 
HIS CD2 NE2  sing Y N 144 
HIS CD2 HD2  sing N N 145 
HIS CE1 NE2  sing Y N 146 
HIS CE1 HE1  sing N N 147 
HIS NE2 HE2  sing N N 148 
HIS OXT HXT  sing N N 149 
ILE N   CA   sing N N 150 
ILE N   H    sing N N 151 
ILE N   H2   sing N N 152 
ILE CA  C    sing N N 153 
ILE CA  CB   sing N N 154 
ILE CA  HA   sing N N 155 
ILE C   O    doub N N 156 
ILE C   OXT  sing N N 157 
ILE CB  CG1  sing N N 158 
ILE CB  CG2  sing N N 159 
ILE CB  HB   sing N N 160 
ILE CG1 CD1  sing N N 161 
ILE CG1 HG12 sing N N 162 
ILE CG1 HG13 sing N N 163 
ILE CG2 HG21 sing N N 164 
ILE CG2 HG22 sing N N 165 
ILE CG2 HG23 sing N N 166 
ILE CD1 HD11 sing N N 167 
ILE CD1 HD12 sing N N 168 
ILE CD1 HD13 sing N N 169 
ILE OXT HXT  sing N N 170 
LEU N   CA   sing N N 171 
LEU N   H    sing N N 172 
LEU N   H2   sing N N 173 
LEU CA  C    sing N N 174 
LEU CA  CB   sing N N 175 
LEU CA  HA   sing N N 176 
LEU C   O    doub N N 177 
LEU C   OXT  sing N N 178 
LEU CB  CG   sing N N 179 
LEU CB  HB2  sing N N 180 
LEU CB  HB3  sing N N 181 
LEU CG  CD1  sing N N 182 
LEU CG  CD2  sing N N 183 
LEU CG  HG   sing N N 184 
LEU CD1 HD11 sing N N 185 
LEU CD1 HD12 sing N N 186 
LEU CD1 HD13 sing N N 187 
LEU CD2 HD21 sing N N 188 
LEU CD2 HD22 sing N N 189 
LEU CD2 HD23 sing N N 190 
LEU OXT HXT  sing N N 191 
LYS N   CA   sing N N 192 
LYS N   H    sing N N 193 
LYS N   H2   sing N N 194 
LYS CA  C    sing N N 195 
LYS CA  CB   sing N N 196 
LYS CA  HA   sing N N 197 
LYS C   O    doub N N 198 
LYS C   OXT  sing N N 199 
LYS CB  CG   sing N N 200 
LYS CB  HB2  sing N N 201 
LYS CB  HB3  sing N N 202 
LYS CG  CD   sing N N 203 
LYS CG  HG2  sing N N 204 
LYS CG  HG3  sing N N 205 
LYS CD  CE   sing N N 206 
LYS CD  HD2  sing N N 207 
LYS CD  HD3  sing N N 208 
LYS CE  NZ   sing N N 209 
LYS CE  HE2  sing N N 210 
LYS CE  HE3  sing N N 211 
LYS NZ  HZ1  sing N N 212 
LYS NZ  HZ2  sing N N 213 
LYS NZ  HZ3  sing N N 214 
LYS OXT HXT  sing N N 215 
MET N   CA   sing N N 216 
MET N   H    sing N N 217 
MET N   H2   sing N N 218 
MET CA  C    sing N N 219 
MET CA  CB   sing N N 220 
MET CA  HA   sing N N 221 
MET C   O    doub N N 222 
MET C   OXT  sing N N 223 
MET CB  CG   sing N N 224 
MET CB  HB2  sing N N 225 
MET CB  HB3  sing N N 226 
MET CG  SD   sing N N 227 
MET CG  HG2  sing N N 228 
MET CG  HG3  sing N N 229 
MET SD  CE   sing N N 230 
MET CE  HE1  sing N N 231 
MET CE  HE2  sing N N 232 
MET CE  HE3  sing N N 233 
MET OXT HXT  sing N N 234 
PRO N   CA   sing N N 235 
PRO N   CD   sing N N 236 
PRO N   H    sing N N 237 
PRO CA  C    sing N N 238 
PRO CA  CB   sing N N 239 
PRO CA  HA   sing N N 240 
PRO C   O    doub N N 241 
PRO C   OXT  sing N N 242 
PRO CB  CG   sing N N 243 
PRO CB  HB2  sing N N 244 
PRO CB  HB3  sing N N 245 
PRO CG  CD   sing N N 246 
PRO CG  HG2  sing N N 247 
PRO CG  HG3  sing N N 248 
PRO CD  HD2  sing N N 249 
PRO CD  HD3  sing N N 250 
PRO OXT HXT  sing N N 251 
SER N   CA   sing N N 252 
SER N   H    sing N N 253 
SER N   H2   sing N N 254 
SER CA  C    sing N N 255 
SER CA  CB   sing N N 256 
SER CA  HA   sing N N 257 
SER C   O    doub N N 258 
SER C   OXT  sing N N 259 
SER CB  OG   sing N N 260 
SER CB  HB2  sing N N 261 
SER CB  HB3  sing N N 262 
SER OG  HG   sing N N 263 
SER OXT HXT  sing N N 264 
THR N   CA   sing N N 265 
THR N   H    sing N N 266 
THR N   H2   sing N N 267 
THR CA  C    sing N N 268 
THR CA  CB   sing N N 269 
THR CA  HA   sing N N 270 
THR C   O    doub N N 271 
THR C   OXT  sing N N 272 
THR CB  OG1  sing N N 273 
THR CB  CG2  sing N N 274 
THR CB  HB   sing N N 275 
THR OG1 HG1  sing N N 276 
THR CG2 HG21 sing N N 277 
THR CG2 HG22 sing N N 278 
THR CG2 HG23 sing N N 279 
THR OXT HXT  sing N N 280 
TYR N   CA   sing N N 281 
TYR N   H    sing N N 282 
TYR N   H2   sing N N 283 
TYR CA  C    sing N N 284 
TYR CA  CB   sing N N 285 
TYR CA  HA   sing N N 286 
TYR C   O    doub N N 287 
TYR C   OXT  sing N N 288 
TYR CB  CG   sing N N 289 
TYR CB  HB2  sing N N 290 
TYR CB  HB3  sing N N 291 
TYR CG  CD1  doub Y N 292 
TYR CG  CD2  sing Y N 293 
TYR CD1 CE1  sing Y N 294 
TYR CD1 HD1  sing N N 295 
TYR CD2 CE2  doub Y N 296 
TYR CD2 HD2  sing N N 297 
TYR CE1 CZ   doub Y N 298 
TYR CE1 HE1  sing N N 299 
TYR CE2 CZ   sing Y N 300 
TYR CE2 HE2  sing N N 301 
TYR CZ  OH   sing N N 302 
TYR OH  HH   sing N N 303 
TYR OXT HXT  sing N N 304 
VAL N   CA   sing N N 305 
VAL N   H    sing N N 306 
VAL N   H2   sing N N 307 
VAL CA  C    sing N N 308 
VAL CA  CB   sing N N 309 
VAL CA  HA   sing N N 310 
VAL C   O    doub N N 311 
VAL C   OXT  sing N N 312 
VAL CB  CG1  sing N N 313 
VAL CB  CG2  sing N N 314 
VAL CB  HB   sing N N 315 
VAL CG1 HG11 sing N N 316 
VAL CG1 HG12 sing N N 317 
VAL CG1 HG13 sing N N 318 
VAL CG2 HG21 sing N N 319 
VAL CG2 HG22 sing N N 320 
VAL CG2 HG23 sing N N 321 
VAL OXT HXT  sing N N 322 
# 
loop_
_pdbx_nmr_spectrometer.spectrometer_id 
_pdbx_nmr_spectrometer.type 
_pdbx_nmr_spectrometer.manufacturer 
_pdbx_nmr_spectrometer.model 
_pdbx_nmr_spectrometer.field_strength 
1 ? Bruker AVANCE 800 
2 ? Bruker AVANCE 600 
# 
_atom_sites.entry_id                    1OPZ 
_atom_sites.fract_transf_matrix[1][1]   1.000000 
_atom_sites.fract_transf_matrix[1][2]   0.000000 
_atom_sites.fract_transf_matrix[1][3]   0.000000 
_atom_sites.fract_transf_matrix[2][1]   0.000000 
_atom_sites.fract_transf_matrix[2][2]   1.000000 
_atom_sites.fract_transf_matrix[2][3]   0.000000 
_atom_sites.fract_transf_matrix[3][1]   0.000000 
_atom_sites.fract_transf_matrix[3][2]   0.000000 
_atom_sites.fract_transf_matrix[3][3]   1.000000 
_atom_sites.fract_transf_vector[1]      0.00000 
_atom_sites.fract_transf_vector[2]      0.00000 
_atom_sites.fract_transf_vector[3]      0.00000 
# 
loop_
_atom_type.symbol 
C 
H 
N 
O 
S 
# 
loop_
_atom_site.group_PDB 
_atom_site.id 
_atom_site.type_symbol 
_atom_site.label_atom_id 
_atom_site.label_alt_id 
_atom_site.label_comp_id 
_atom_site.label_asym_id 
_atom_site.label_entity_id 
_atom_site.label_seq_id 
_atom_site.pdbx_PDB_ins_code 
_atom_site.Cartn_x 
_atom_site.Cartn_y 
_atom_site.Cartn_z 
_atom_site.occupancy 
_atom_site.B_iso_or_equiv 
_atom_site.pdbx_formal_charge 
_atom_site.auth_seq_id 
_atom_site.auth_comp_id 
_atom_site.auth_asym_id 
_atom_site.auth_atom_id 
_atom_site.pdbx_PDB_model_num 
ATOM 1    N N    . MET A 1 1  ? 21.467  -13.018 -1.284  1.00 10.00 ? 1  MET A N    1 
ATOM 2    C CA   . MET A 1 1  ? 22.626  -12.205 -0.867  1.00 10.00 ? 1  MET A CA   1 
ATOM 3    C C    . MET A 1 1  ? 22.207  -10.864 -0.253  1.00 10.00 ? 1  MET A C    1 
ATOM 4    O O    . MET A 1 1  ? 22.919  -10.337 0.594   1.00 10.00 ? 1  MET A O    1 
ATOM 5    C CB   . MET A 1 1  ? 23.563  -11.939 -2.056  1.00 10.00 ? 1  MET A CB   1 
ATOM 6    C CG   . MET A 1 1  ? 25.023  -11.811 -1.594  1.00 10.00 ? 1  MET A CG   1 
ATOM 7    S SD   . MET A 1 1  ? 25.935  -13.376 -1.581  1.00 10.00 ? 1  MET A SD   1 
ATOM 8    C CE   . MET A 1 1  ? 26.304  -13.526 -3.343  1.00 10.00 ? 1  MET A CE   1 
ATOM 9    H H1   . MET A 1 1  ? 21.006  -12.581 -2.068  1.00 10.00 ? 1  MET A H1   1 
ATOM 10   H H2   . MET A 1 1  ? 21.792  -13.933 -1.564  1.00 10.00 ? 1  MET A H2   1 
ATOM 11   H H3   . MET A 1 1  ? 20.821  -13.113 -0.512  1.00 10.00 ? 1  MET A H3   1 
ATOM 12   H HA   . MET A 1 1  ? 23.160  -12.779 -0.108  1.00 10.00 ? 1  MET A HA   1 
ATOM 13   H HB2  . MET A 1 1  ? 23.496  -12.747 -2.783  1.00 10.00 ? 1  MET A HB2  1 
ATOM 14   H HB3  . MET A 1 1  ? 23.265  -11.014 -2.551  1.00 10.00 ? 1  MET A HB3  1 
ATOM 15   H HG2  . MET A 1 1  ? 25.558  -11.126 -2.253  1.00 10.00 ? 1  MET A HG2  1 
ATOM 16   H HG3  . MET A 1 1  ? 25.060  -11.394 -0.588  1.00 10.00 ? 1  MET A HG3  1 
ATOM 17   H HE1  . MET A 1 1  ? 26.909  -12.672 -3.656  1.00 10.00 ? 1  MET A HE1  1 
ATOM 18   H HE2  . MET A 1 1  ? 26.868  -14.444 -3.517  1.00 10.00 ? 1  MET A HE2  1 
ATOM 19   H HE3  . MET A 1 1  ? 25.384  -13.550 -3.928  1.00 10.00 ? 1  MET A HE3  1 
ATOM 20   N N    . LEU A 1 2  ? 21.096  -10.292 -0.726  1.00 10.00 ? 2  LEU A N    1 
ATOM 21   C CA   . LEU A 1 2  ? 20.726  -8.901  -0.526  1.00 10.00 ? 2  LEU A CA   1 
ATOM 22   C C    . LEU A 1 2  ? 19.233  -8.860  -0.210  1.00 10.00 ? 2  LEU A C    1 
ATOM 23   O O    . LEU A 1 2  ? 18.516  -9.814  -0.515  1.00 10.00 ? 2  LEU A O    1 
ATOM 24   C CB   . LEU A 1 2  ? 20.983  -8.122  -1.835  1.00 10.00 ? 2  LEU A CB   1 
ATOM 25   C CG   . LEU A 1 2  ? 22.189  -7.170  -1.795  1.00 10.00 ? 2  LEU A CG   1 
ATOM 26   C CD1  . LEU A 1 2  ? 23.521  -7.908  -1.972  1.00 10.00 ? 2  LEU A CD1  1 
ATOM 27   C CD2  . LEU A 1 2  ? 22.040  -6.140  -2.922  1.00 10.00 ? 2  LEU A CD2  1 
ATOM 28   H H    . LEU A 1 2  ? 20.419  -10.793 -1.281  1.00 10.00 ? 2  LEU A H    1 
ATOM 29   H HA   . LEU A 1 2  ? 21.274  -8.457  0.307   1.00 10.00 ? 2  LEU A HA   1 
ATOM 30   H HB2  . LEU A 1 2  ? 21.096  -8.813  -2.673  1.00 10.00 ? 2  LEU A HB2  1 
ATOM 31   H HB3  . LEU A 1 2  ? 20.104  -7.511  -2.050  1.00 10.00 ? 2  LEU A HB3  1 
ATOM 32   H HG   . LEU A 1 2  ? 22.197  -6.632  -0.846  1.00 10.00 ? 2  LEU A HG   1 
ATOM 33   H HD11 . LEU A 1 2  ? 23.535  -8.435  -2.926  1.00 10.00 ? 2  LEU A HD11 1 
ATOM 34   H HD12 . LEU A 1 2  ? 24.340  -7.189  -1.955  1.00 10.00 ? 2  LEU A HD12 1 
ATOM 35   H HD13 . LEU A 1 2  ? 23.671  -8.620  -1.163  1.00 10.00 ? 2  LEU A HD13 1 
ATOM 36   H HD21 . LEU A 1 2  ? 21.130  -5.557  -2.778  1.00 10.00 ? 2  LEU A HD21 1 
ATOM 37   H HD22 . LEU A 1 2  ? 22.892  -5.459  -2.920  1.00 10.00 ? 2  LEU A HD22 1 
ATOM 38   H HD23 . LEU A 1 2  ? 21.988  -6.644  -3.888  1.00 10.00 ? 2  LEU A HD23 1 
ATOM 39   N N    . SER A 1 3  ? 18.788  -7.730  0.331   1.00 10.00 ? 3  SER A N    1 
ATOM 40   C CA   . SER A 1 3  ? 17.394  -7.345  0.467   1.00 10.00 ? 3  SER A CA   1 
ATOM 41   C C    . SER A 1 3  ? 17.398  -5.836  0.254   1.00 10.00 ? 3  SER A C    1 
ATOM 42   O O    . SER A 1 3  ? 17.913  -5.109  1.103   1.00 10.00 ? 3  SER A O    1 
ATOM 43   C CB   . SER A 1 3  ? 16.838  -7.753  1.843   1.00 10.00 ? 3  SER A CB   1 
ATOM 44   O OG   . SER A 1 3  ? 17.877  -8.053  2.762   1.00 10.00 ? 3  SER A OG   1 
ATOM 45   H H    . SER A 1 3  ? 19.455  -7.008  0.565   1.00 10.00 ? 3  SER A H    1 
ATOM 46   H HA   . SER A 1 3  ? 16.787  -7.813  -0.311  1.00 10.00 ? 3  SER A HA   1 
ATOM 47   H HB2  . SER A 1 3  ? 16.211  -6.955  2.247   1.00 10.00 ? 3  SER A HB2  1 
ATOM 48   H HB3  . SER A 1 3  ? 16.211  -8.637  1.722   1.00 10.00 ? 3  SER A HB3  1 
ATOM 49   H HG   . SER A 1 3  ? 18.373  -7.247  2.922   1.00 10.00 ? 3  SER A HG   1 
ATOM 50   N N    . GLU A 1 4  ? 16.944  -5.387  -0.919  1.00 10.00 ? 4  GLU A N    1 
ATOM 51   C CA   . GLU A 1 4  ? 16.891  -3.986  -1.290  1.00 10.00 ? 4  GLU A CA   1 
ATOM 52   C C    . GLU A 1 4  ? 15.420  -3.636  -1.471  1.00 10.00 ? 4  GLU A C    1 
ATOM 53   O O    . GLU A 1 4  ? 14.689  -4.319  -2.188  1.00 10.00 ? 4  GLU A O    1 
ATOM 54   C CB   . GLU A 1 4  ? 17.760  -3.692  -2.524  1.00 10.00 ? 4  GLU A CB   1 
ATOM 55   C CG   . GLU A 1 4  ? 17.486  -4.574  -3.752  1.00 10.00 ? 4  GLU A CG   1 
ATOM 56   C CD   . GLU A 1 4  ? 18.434  -4.251  -4.904  1.00 10.00 ? 4  GLU A CD   1 
ATOM 57   O OE1  . GLU A 1 4  ? 18.915  -3.098  -4.948  1.00 10.00 ? 4  GLU A OE1  1 
ATOM 58   O OE2  . GLU A 1 4  ? 18.663  -5.170  -5.719  1.00 10.00 ? 4  GLU A OE2  1 
ATOM 59   H H    . GLU A 1 4  ? 16.465  -6.019  -1.543  1.00 10.00 ? 4  GLU A H    1 
ATOM 60   H HA   . GLU A 1 4  ? 17.291  -3.370  -0.483  1.00 10.00 ? 4  GLU A HA   1 
ATOM 61   H HB2  . GLU A 1 4  ? 17.614  -2.648  -2.809  1.00 10.00 ? 4  GLU A HB2  1 
ATOM 62   H HB3  . GLU A 1 4  ? 18.809  -3.818  -2.250  1.00 10.00 ? 4  GLU A HB3  1 
ATOM 63   H HG2  . GLU A 1 4  ? 17.614  -5.625  -3.497  1.00 10.00 ? 4  GLU A HG2  1 
ATOM 64   H HG3  . GLU A 1 4  ? 16.469  -4.413  -4.107  1.00 10.00 ? 4  GLU A HG3  1 
ATOM 65   N N    . GLN A 1 5  ? 14.978  -2.609  -0.754  1.00 10.00 ? 5  GLN A N    1 
ATOM 66   C CA   . GLN A 1 5  ? 13.574  -2.273  -0.674  1.00 10.00 ? 5  GLN A CA   1 
ATOM 67   C C    . GLN A 1 5  ? 13.148  -1.429  -1.865  1.00 10.00 ? 5  GLN A C    1 
ATOM 68   O O    . GLN A 1 5  ? 13.980  -0.834  -2.551  1.00 10.00 ? 5  GLN A O    1 
ATOM 69   C CB   . GLN A 1 5  ? 13.278  -1.585  0.658   1.00 10.00 ? 5  GLN A CB   1 
ATOM 70   C CG   . GLN A 1 5  ? 14.092  -0.306  0.912   1.00 10.00 ? 5  GLN A CG   1 
ATOM 71   C CD   . GLN A 1 5  ? 13.686  0.380   2.211   1.00 10.00 ? 5  GLN A CD   1 
ATOM 72   O OE1  . GLN A 1 5  ? 14.176  1.457   2.535   1.00 10.00 ? 5  GLN A OE1  1 
ATOM 73   N NE2  . GLN A 1 5  ? 12.762  -0.222  2.952   1.00 10.00 ? 5  GLN A NE2  1 
ATOM 74   H H    . GLN A 1 5  ? 15.635  -2.113  -0.177  1.00 10.00 ? 5  GLN A H    1 
ATOM 75   H HA   . GLN A 1 5  ? 12.993  -3.193  -0.703  1.00 10.00 ? 5  GLN A HA   1 
ATOM 76   H HB2  . GLN A 1 5  ? 12.220  -1.328  0.662   1.00 10.00 ? 5  GLN A HB2  1 
ATOM 77   H HB3  . GLN A 1 5  ? 13.476  -2.308  1.453   1.00 10.00 ? 5  GLN A HB3  1 
ATOM 78   H HG2  . GLN A 1 5  ? 15.156  -0.530  0.971   1.00 10.00 ? 5  GLN A HG2  1 
ATOM 79   H HG3  . GLN A 1 5  ? 13.926  0.401   0.098   1.00 10.00 ? 5  GLN A HG3  1 
ATOM 80   H HE21 . GLN A 1 5  ? 12.339  -1.076  2.639   1.00 10.00 ? 5  GLN A HE21 1 
ATOM 81   H HE22 . GLN A 1 5  ? 12.309  0.283   3.701   1.00 10.00 ? 5  GLN A HE22 1 
ATOM 82   N N    . LYS A 1 6  ? 11.840  -1.392  -2.115  1.00 10.00 ? 6  LYS A N    1 
ATOM 83   C CA   . LYS A 1 6  ? 11.279  -0.731  -3.274  1.00 10.00 ? 6  LYS A CA   1 
ATOM 84   C C    . LYS A 1 6  ? 9.978   -0.044  -2.895  1.00 10.00 ? 6  LYS A C    1 
ATOM 85   O O    . LYS A 1 6  ? 9.261   -0.469  -1.989  1.00 10.00 ? 6  LYS A O    1 
ATOM 86   C CB   . LYS A 1 6  ? 11.066  -1.749  -4.407  1.00 10.00 ? 6  LYS A CB   1 
ATOM 87   C CG   . LYS A 1 6  ? 12.099  -1.592  -5.530  1.00 10.00 ? 6  LYS A CG   1 
ATOM 88   C CD   . LYS A 1 6  ? 11.608  -0.541  -6.540  1.00 10.00 ? 6  LYS A CD   1 
ATOM 89   C CE   . LYS A 1 6  ? 12.691  -0.175  -7.561  1.00 10.00 ? 6  LYS A CE   1 
ATOM 90   N NZ   . LYS A 1 6  ? 12.188  0.798   -8.557  1.00 10.00 ? 6  LYS A NZ   1 
ATOM 91   H H    . LYS A 1 6  ? 11.191  -1.849  -1.475  1.00 10.00 ? 6  LYS A H    1 
ATOM 92   H HA   . LYS A 1 6  ? 11.962  0.052   -3.606  1.00 10.00 ? 6  LYS A HA   1 
ATOM 93   H HB2  . LYS A 1 6  ? 11.139  -2.751  -3.994  1.00 10.00 ? 6  LYS A HB2  1 
ATOM 94   H HB3  . LYS A 1 6  ? 10.069  -1.646  -4.834  1.00 10.00 ? 6  LYS A HB3  1 
ATOM 95   H HG2  . LYS A 1 6  ? 13.062  -1.316  -5.097  1.00 10.00 ? 6  LYS A HG2  1 
ATOM 96   H HG3  . LYS A 1 6  ? 12.216  -2.551  -6.037  1.00 10.00 ? 6  LYS A HG3  1 
ATOM 97   H HD2  . LYS A 1 6  ? 10.729  -0.947  -7.049  1.00 10.00 ? 6  LYS A HD2  1 
ATOM 98   H HD3  . LYS A 1 6  ? 11.308  0.359   -6.005  1.00 10.00 ? 6  LYS A HD3  1 
ATOM 99   H HE2  . LYS A 1 6  ? 13.541  0.264   -7.034  1.00 10.00 ? 6  LYS A HE2  1 
ATOM 100  H HE3  . LYS A 1 6  ? 13.030  -1.079  -8.071  1.00 10.00 ? 6  LYS A HE3  1 
ATOM 101  H HZ1  . LYS A 1 6  ? 12.927  1.036   -9.205  1.00 10.00 ? 6  LYS A HZ1  1 
ATOM 102  H HZ2  . LYS A 1 6  ? 11.416  0.399   -9.073  1.00 10.00 ? 6  LYS A HZ2  1 
ATOM 103  H HZ3  . LYS A 1 6  ? 11.871  1.647   -8.101  1.00 10.00 ? 6  LYS A HZ3  1 
ATOM 104  N N    . GLU A 1 7  ? 9.710   1.013   -3.652  1.00 10.00 ? 7  GLU A N    1 
ATOM 105  C CA   . GLU A 1 7  ? 8.472   1.752   -3.719  1.00 10.00 ? 7  GLU A CA   1 
ATOM 106  C C    . GLU A 1 7  ? 7.563   1.009   -4.696  1.00 10.00 ? 7  GLU A C    1 
ATOM 107  O O    . GLU A 1 7  ? 8.004   0.630   -5.783  1.00 10.00 ? 7  GLU A O    1 
ATOM 108  C CB   . GLU A 1 7  ? 8.765   3.186   -4.205  1.00 10.00 ? 7  GLU A CB   1 
ATOM 109  C CG   . GLU A 1 7  ? 9.897   3.255   -5.249  1.00 10.00 ? 7  GLU A CG   1 
ATOM 110  C CD   . GLU A 1 7  ? 10.002  4.617   -5.920  1.00 10.00 ? 7  GLU A CD   1 
ATOM 111  O OE1  . GLU A 1 7  ? 9.779   5.623   -5.215  1.00 10.00 ? 7  GLU A OE1  1 
ATOM 112  O OE2  . GLU A 1 7  ? 10.336  4.606   -7.126  1.00 10.00 ? 7  GLU A OE2  1 
ATOM 113  H H    . GLU A 1 7  ? 10.365  1.207   -4.389  1.00 10.00 ? 7  GLU A H    1 
ATOM 114  H HA   . GLU A 1 7  ? 7.999   1.805   -2.741  1.00 10.00 ? 7  GLU A HA   1 
ATOM 115  H HB2  . GLU A 1 7  ? 7.855   3.615   -4.630  1.00 10.00 ? 7  GLU A HB2  1 
ATOM 116  H HB3  . GLU A 1 7  ? 9.060   3.809   -3.362  1.00 10.00 ? 7  GLU A HB3  1 
ATOM 117  H HG2  . GLU A 1 7  ? 10.862  3.078   -4.775  1.00 10.00 ? 7  GLU A HG2  1 
ATOM 118  H HG3  . GLU A 1 7  ? 9.723   2.522   -6.034  1.00 10.00 ? 7  GLU A HG3  1 
ATOM 119  N N    . ILE A 1 8  ? 6.303   0.805   -4.316  1.00 10.00 ? 8  ILE A N    1 
ATOM 120  C CA   . ILE A 1 8  ? 5.230   0.516   -5.250  1.00 10.00 ? 8  ILE A CA   1 
ATOM 121  C C    . ILE A 1 8  ? 4.298   1.721   -5.205  1.00 10.00 ? 8  ILE A C    1 
ATOM 122  O O    . ILE A 1 8  ? 4.169   2.345   -4.151  1.00 10.00 ? 8  ILE A O    1 
ATOM 123  C CB   . ILE A 1 8  ? 4.533   -0.810  -4.877  1.00 10.00 ? 8  ILE A CB   1 
ATOM 124  C CG1  . ILE A 1 8  ? 4.113   -1.614  -6.116  1.00 10.00 ? 8  ILE A CG1  1 
ATOM 125  C CG2  . ILE A 1 8  ? 3.318   -0.605  -3.965  1.00 10.00 ? 8  ILE A CG2  1 
ATOM 126  C CD1  . ILE A 1 8  ? 5.324   -2.292  -6.765  1.00 10.00 ? 8  ILE A CD1  1 
ATOM 127  H H    . ILE A 1 8  ? 6.018   1.096   -3.385  1.00 10.00 ? 8  ILE A H    1 
ATOM 128  H HA   . ILE A 1 8  ? 5.632   0.447   -6.260  1.00 10.00 ? 8  ILE A HA   1 
ATOM 129  H HB   . ILE A 1 8  ? 5.248   -1.417  -4.328  1.00 10.00 ? 8  ILE A HB   1 
ATOM 130  H HG12 . ILE A 1 8  ? 3.420   -2.401  -5.815  1.00 10.00 ? 8  ILE A HG12 1 
ATOM 131  H HG13 . ILE A 1 8  ? 3.611   -0.967  -6.836  1.00 10.00 ? 8  ILE A HG13 1 
ATOM 132  H HG21 . ILE A 1 8  ? 3.630   -0.050  -3.085  1.00 10.00 ? 8  ILE A HG21 1 
ATOM 133  H HG22 . ILE A 1 8  ? 2.531   -0.056  -4.485  1.00 10.00 ? 8  ILE A HG22 1 
ATOM 134  H HG23 . ILE A 1 8  ? 2.914   -1.566  -3.655  1.00 10.00 ? 8  ILE A HG23 1 
ATOM 135  H HD11 . ILE A 1 8  ? 6.044   -1.553  -7.114  1.00 10.00 ? 8  ILE A HD11 1 
ATOM 136  H HD12 . ILE A 1 8  ? 5.812   -2.945  -6.041  1.00 10.00 ? 8  ILE A HD12 1 
ATOM 137  H HD13 . ILE A 1 8  ? 4.990   -2.891  -7.613  1.00 10.00 ? 8  ILE A HD13 1 
ATOM 138  N N    . ALA A 1 9  ? 3.657   2.024   -6.334  1.00 10.00 ? 9  ALA A N    1 
ATOM 139  C CA   . ALA A 1 9  ? 2.670   3.083   -6.476  1.00 10.00 ? 9  ALA A CA   1 
ATOM 140  C C    . ALA A 1 9  ? 1.506   2.506   -7.269  1.00 10.00 ? 9  ALA A C    1 
ATOM 141  O O    . ALA A 1 9  ? 1.735   1.932   -8.331  1.00 10.00 ? 9  ALA A O    1 
ATOM 142  C CB   . ALA A 1 9  ? 3.287   4.293   -7.179  1.00 10.00 ? 9  ALA A CB   1 
ATOM 143  H H    . ALA A 1 9  ? 3.773   1.411   -7.128  1.00 10.00 ? 9  ALA A H    1 
ATOM 144  H HA   . ALA A 1 9  ? 2.312   3.393   -5.502  1.00 10.00 ? 9  ALA A HA   1 
ATOM 145  H HB1  . ALA A 1 9  ? 2.533   5.074   -7.287  1.00 10.00 ? 9  ALA A HB1  1 
ATOM 146  H HB2  . ALA A 1 9  ? 4.115   4.680   -6.586  1.00 10.00 ? 9  ALA A HB2  1 
ATOM 147  H HB3  . ALA A 1 9  ? 3.654   4.009   -8.166  1.00 10.00 ? 9  ALA A HB3  1 
ATOM 148  N N    . MET A 1 10 ? 0.287   2.582   -6.730  1.00 10.00 ? 10 MET A N    1 
ATOM 149  C CA   . MET A 1 10 ? -0.858  1.863   -7.278  1.00 10.00 ? 10 MET A CA   1 
ATOM 150  C C    . MET A 1 10 ? -2.152  2.570   -6.864  1.00 10.00 ? 10 MET A C    1 
ATOM 151  O O    . MET A 1 10 ? -2.122  3.444   -5.998  1.00 10.00 ? 10 MET A O    1 
ATOM 152  C CB   . MET A 1 10 ? -0.813  0.406   -6.799  1.00 10.00 ? 10 MET A CB   1 
ATOM 153  C CG   . MET A 1 10 ? -0.919  0.354   -5.274  1.00 10.00 ? 10 MET A CG   1 
ATOM 154  S SD   . MET A 1 10 ? -0.259  -1.130  -4.475  1.00 10.00 ? 10 MET A SD   1 
ATOM 155  C CE   . MET A 1 10 ? -0.240  -0.560  -2.759  1.00 10.00 ? 10 MET A CE   1 
ATOM 156  H H    . MET A 1 10 ? 0.147   3.092   -5.858  1.00 10.00 ? 10 MET A H    1 
ATOM 157  H HA   . MET A 1 10 ? -0.792  1.876   -8.367  1.00 10.00 ? 10 MET A HA   1 
ATOM 158  H HB2  . MET A 1 10 ? -1.624  -0.170  -7.244  1.00 10.00 ? 10 MET A HB2  1 
ATOM 159  H HB3  . MET A 1 10 ? 0.133   -0.038  -7.106  1.00 10.00 ? 10 MET A HB3  1 
ATOM 160  H HG2  . MET A 1 10 ? -0.382  1.185   -4.821  1.00 10.00 ? 10 MET A HG2  1 
ATOM 161  H HG3  . MET A 1 10 ? -1.978  0.463   -5.057  1.00 10.00 ? 10 MET A HG3  1 
ATOM 162  H HE1  . MET A 1 10 ? 0.379   0.332   -2.682  1.00 10.00 ? 10 MET A HE1  1 
ATOM 163  H HE2  . MET A 1 10 ? -1.248  -0.321  -2.423  1.00 10.00 ? 10 MET A HE2  1 
ATOM 164  H HE3  . MET A 1 10 ? 0.179   -1.338  -2.127  1.00 10.00 ? 10 MET A HE3  1 
ATOM 165  N N    . GLN A 1 11 ? -3.281  2.202   -7.479  1.00 10.00 ? 11 GLN A N    1 
ATOM 166  C CA   . GLN A 1 11 ? -4.539  2.915   -7.319  1.00 10.00 ? 11 GLN A CA   1 
ATOM 167  C C    . GLN A 1 11 ? -5.389  2.138   -6.325  1.00 10.00 ? 11 GLN A C    1 
ATOM 168  O O    . GLN A 1 11 ? -5.243  0.919   -6.210  1.00 10.00 ? 11 GLN A O    1 
ATOM 169  C CB   . GLN A 1 11 ? -5.267  3.173   -8.655  1.00 10.00 ? 11 GLN A CB   1 
ATOM 170  C CG   . GLN A 1 11 ? -4.371  3.432   -9.878  1.00 10.00 ? 11 GLN A CG   1 
ATOM 171  C CD   . GLN A 1 11 ? -4.035  2.158   -10.658 1.00 10.00 ? 11 GLN A CD   1 
ATOM 172  O OE1  . GLN A 1 11 ? -4.683  1.838   -11.647 1.00 10.00 ? 11 GLN A OE1  1 
ATOM 173  N NE2  . GLN A 1 11 ? -3.012  1.431   -10.227 1.00 10.00 ? 11 GLN A NE2  1 
ATOM 174  H H    . GLN A 1 11 ? -3.330  1.300   -7.938  1.00 10.00 ? 11 GLN A H    1 
ATOM 175  H HA   . GLN A 1 11 ? -4.342  3.895   -6.900  1.00 10.00 ? 11 GLN A HA   1 
ATOM 176  H HB2  . GLN A 1 11 ? -5.956  2.372   -8.901  1.00 10.00 ? 11 GLN A HB2  1 
ATOM 177  H HB3  . GLN A 1 11 ? -5.878  4.064   -8.504  1.00 10.00 ? 11 GLN A HB3  1 
ATOM 178  H HG2  . GLN A 1 11 ? -4.924  4.080   -10.560 1.00 10.00 ? 11 GLN A HG2  1 
ATOM 179  H HG3  . GLN A 1 11 ? -3.464  3.962   -9.583  1.00 10.00 ? 11 GLN A HG3  1 
ATOM 180  H HE21 . GLN A 1 11 ? -2.518  1.720   -9.416  1.00 10.00 ? 11 GLN A HE21 1 
ATOM 181  H HE22 . GLN A 1 11 ? -2.667  0.622   -10.730 1.00 10.00 ? 11 GLN A HE22 1 
ATOM 182  N N    . VAL A 1 12 ? -6.259  2.834   -5.595  1.00 10.00 ? 12 VAL A N    1 
ATOM 183  C CA   . VAL A 1 12 ? -7.159  2.204   -4.641  1.00 10.00 ? 12 VAL A CA   1 
ATOM 184  C C    . VAL A 1 12 ? -8.589  2.484   -5.072  1.00 10.00 ? 12 VAL A C    1 
ATOM 185  O O    . VAL A 1 12 ? -8.844  3.443   -5.795  1.00 10.00 ? 12 VAL A O    1 
ATOM 186  C CB   . VAL A 1 12 ? -6.884  2.669   -3.199  1.00 10.00 ? 12 VAL A CB   1 
ATOM 187  C CG1  . VAL A 1 12 ? -7.178  1.539   -2.208  1.00 10.00 ? 12 VAL A CG1  1 
ATOM 188  C CG2  . VAL A 1 12 ? -5.420  3.063   -2.987  1.00 10.00 ? 12 VAL A CG2  1 
ATOM 189  H H    . VAL A 1 12 ? -6.374  3.825   -5.773  1.00 10.00 ? 12 VAL A H    1 
ATOM 190  H HA   . VAL A 1 12 ? -7.029  1.127   -4.676  1.00 10.00 ? 12 VAL A HA   1 
ATOM 191  H HB   . VAL A 1 12 ? -7.529  3.513   -2.953  1.00 10.00 ? 12 VAL A HB   1 
ATOM 192  H HG11 . VAL A 1 12 ? -6.531  0.689   -2.426  1.00 10.00 ? 12 VAL A HG11 1 
ATOM 193  H HG12 . VAL A 1 12 ? -6.968  1.887   -1.199  1.00 10.00 ? 12 VAL A HG12 1 
ATOM 194  H HG13 . VAL A 1 12 ? -8.222  1.235   -2.268  1.00 10.00 ? 12 VAL A HG13 1 
ATOM 195  H HG21 . VAL A 1 12 ? -4.784  2.233   -3.300  1.00 10.00 ? 12 VAL A HG21 1 
ATOM 196  H HG22 . VAL A 1 12 ? -5.173  3.956   -3.561  1.00 10.00 ? 12 VAL A HG22 1 
ATOM 197  H HG23 . VAL A 1 12 ? -5.248  3.277   -1.931  1.00 10.00 ? 12 VAL A HG23 1 
ATOM 198  N N    . SER A 1 13 ? -9.511  1.628   -4.640  1.00 10.00 ? 13 SER A N    1 
ATOM 199  C CA   . SER A 1 13 ? -10.932 1.776   -4.870  1.00 10.00 ? 13 SER A CA   1 
ATOM 200  C C    . SER A 1 13 ? -11.605 1.979   -3.511  1.00 10.00 ? 13 SER A C    1 
ATOM 201  O O    . SER A 1 13 ? -11.216 1.331   -2.540  1.00 10.00 ? 13 SER A O    1 
ATOM 202  C CB   . SER A 1 13 ? -11.408 0.481   -5.521  1.00 10.00 ? 13 SER A CB   1 
ATOM 203  O OG   . SER A 1 13 ? -12.651 0.629   -6.174  1.00 10.00 ? 13 SER A OG   1 
ATOM 204  H H    . SER A 1 13 ? -9.226  0.816   -4.100  1.00 10.00 ? 13 SER A H    1 
ATOM 205  H HA   . SER A 1 13 ? -11.142 2.616   -5.534  1.00 10.00 ? 13 SER A HA   1 
ATOM 206  H HB2  . SER A 1 13 ? -10.669 0.125   -6.242  1.00 10.00 ? 13 SER A HB2  1 
ATOM 207  H HB3  . SER A 1 13 ? -11.482 -0.246  -4.722  1.00 10.00 ? 13 SER A HB3  1 
ATOM 208  H HG   . SER A 1 13 ? -12.902 -0.237  -6.519  1.00 10.00 ? 13 SER A HG   1 
ATOM 209  N N    . GLY A 1 14 ? -12.608 2.856   -3.432  1.00 10.00 ? 14 GLY A N    1 
ATOM 210  C CA   . GLY A 1 14 ? -13.470 2.977   -2.262  1.00 10.00 ? 14 GLY A CA   1 
ATOM 211  C C    . GLY A 1 14 ? -13.088 4.119   -1.318  1.00 10.00 ? 14 GLY A C    1 
ATOM 212  O O    . GLY A 1 14 ? -13.901 4.506   -0.485  1.00 10.00 ? 14 GLY A O    1 
ATOM 213  H H    . GLY A 1 14 ? -12.865 3.369   -4.264  1.00 10.00 ? 14 GLY A H    1 
ATOM 214  H HA2  . GLY A 1 14 ? -14.484 3.163   -2.616  1.00 10.00 ? 14 GLY A HA2  1 
ATOM 215  H HA3  . GLY A 1 14 ? -13.487 2.044   -1.698  1.00 10.00 ? 14 GLY A HA3  1 
ATOM 216  N N    . MET A 1 15 ? -11.872 4.666   -1.426  1.00 10.00 ? 15 MET A N    1 
ATOM 217  C CA   . MET A 1 15 ? -11.469 5.853   -0.677  1.00 10.00 ? 15 MET A CA   1 
ATOM 218  C C    . MET A 1 15 ? -12.500 6.979   -0.839  1.00 10.00 ? 15 MET A C    1 
ATOM 219  O O    . MET A 1 15 ? -12.812 7.376   -1.958  1.00 10.00 ? 15 MET A O    1 
ATOM 220  C CB   . MET A 1 15 ? -10.044 6.315   -1.060  1.00 10.00 ? 15 MET A CB   1 
ATOM 221  C CG   . MET A 1 15 ? -9.841  6.854   -2.489  1.00 10.00 ? 15 MET A CG   1 
ATOM 222  S SD   . MET A 1 15 ? -9.883  5.591   -3.780  1.00 10.00 ? 15 MET A SD   1 
ATOM 223  C CE   . MET A 1 15 ? -9.424  6.589   -5.198  1.00 10.00 ? 15 MET A CE   1 
ATOM 224  H H    . MET A 1 15 ? -11.224 4.258   -2.078  1.00 10.00 ? 15 MET A H    1 
ATOM 225  H HA   . MET A 1 15 ? -11.435 5.565   0.375   1.00 10.00 ? 15 MET A HA   1 
ATOM 226  H HB2  . MET A 1 15 ? -9.755  7.111   -0.372  1.00 10.00 ? 15 MET A HB2  1 
ATOM 227  H HB3  . MET A 1 15 ? -9.357  5.481   -0.925  1.00 10.00 ? 15 MET A HB3  1 
ATOM 228  H HG2  . MET A 1 15 ? -10.566 7.624   -2.731  1.00 10.00 ? 15 MET A HG2  1 
ATOM 229  H HG3  . MET A 1 15 ? -8.861  7.333   -2.555  1.00 10.00 ? 15 MET A HG3  1 
ATOM 230  H HE1  . MET A 1 15 ? -9.364  5.940   -6.071  1.00 10.00 ? 15 MET A HE1  1 
ATOM 231  H HE2  . MET A 1 15 ? -8.451  7.034   -4.999  1.00 10.00 ? 15 MET A HE2  1 
ATOM 232  H HE3  . MET A 1 15 ? -10.165 7.368   -5.371  1.00 10.00 ? 15 MET A HE3  1 
ATOM 233  N N    . THR A 1 16 ? -13.007 7.521   0.270   1.00 10.00 ? 16 THR A N    1 
ATOM 234  C CA   . THR A 1 16 ? -13.883 8.686   0.269   1.00 10.00 ? 16 THR A CA   1 
ATOM 235  C C    . THR A 1 16 ? -13.152 9.858   0.928   1.00 10.00 ? 16 THR A C    1 
ATOM 236  O O    . THR A 1 16 ? -13.685 10.516  1.819   1.00 10.00 ? 16 THR A O    1 
ATOM 237  C CB   . THR A 1 16 ? -15.205 8.323   0.959   1.00 10.00 ? 16 THR A CB   1 
ATOM 238  O OG1  . THR A 1 16 ? -14.946 7.670   2.186   1.00 10.00 ? 16 THR A OG1  1 
ATOM 239  C CG2  . THR A 1 16 ? -16.029 7.381   0.074   1.00 10.00 ? 16 THR A CG2  1 
ATOM 240  H H    . THR A 1 16 ? -12.831 7.095   1.169   1.00 10.00 ? 16 THR A H    1 
ATOM 241  H HA   . THR A 1 16 ? -14.119 9.008   -0.747  1.00 10.00 ? 16 THR A HA   1 
ATOM 242  H HB   . THR A 1 16 ? -15.792 9.226   1.134   1.00 10.00 ? 16 THR A HB   1 
ATOM 243  H HG1  . THR A 1 16 ? -14.423 8.255   2.743   1.00 10.00 ? 16 THR A HG1  1 
ATOM 244  H HG21 . THR A 1 16 ? -15.487 6.451   -0.094  1.00 10.00 ? 16 THR A HG21 1 
ATOM 245  H HG22 . THR A 1 16 ? -16.974 7.150   0.565   1.00 10.00 ? 16 THR A HG22 1 
ATOM 246  H HG23 . THR A 1 16 ? -16.233 7.851   -0.888  1.00 10.00 ? 16 THR A HG23 1 
ATOM 247  N N    . CYS A 1 17 ? -11.918 10.108  0.476   1.00 10.00 ? 17 CYS A N    1 
ATOM 248  C CA   . CYS A 1 17 ? -11.056 11.184  0.956   1.00 10.00 ? 17 CYS A CA   1 
ATOM 249  C C    . CYS A 1 17 ? -10.957 11.143  2.487   1.00 10.00 ? 17 CYS A C    1 
ATOM 250  O O    . CYS A 1 17 ? -10.791 10.046  3.010   1.00 10.00 ? 17 CYS A O    1 
ATOM 251  C CB   . CYS A 1 17 ? -11.493 12.514  0.336   1.00 10.00 ? 17 CYS A CB   1 
ATOM 252  S SG   . CYS A 1 17 ? -10.170 13.733  0.525   1.00 10.00 ? 17 CYS A SG   1 
ATOM 253  H H    . CYS A 1 17 ? -11.541 9.484   -0.220  1.00 10.00 ? 17 CYS A H    1 
ATOM 254  H HA   . CYS A 1 17 ? -10.060 10.966  0.579   1.00 10.00 ? 17 CYS A HA   1 
ATOM 255  H HB2  . CYS A 1 17 ? -11.654 12.362  -0.733  1.00 10.00 ? 17 CYS A HB2  1 
ATOM 256  H HB3  . CYS A 1 17 ? -12.413 12.876  0.797   1.00 10.00 ? 17 CYS A HB3  1 
ATOM 257  H HG   . CYS A 1 17 ? -10.826 14.759  -0.027  1.00 10.00 ? 17 CYS A HG   1 
ATOM 258  N N    . ALA A 1 18 ? -11.040 12.268  3.213   1.00 10.00 ? 18 ALA A N    1 
ATOM 259  C CA   . ALA A 1 18 ? -11.048 12.350  4.675   1.00 10.00 ? 18 ALA A CA   1 
ATOM 260  C C    . ALA A 1 18 ? -10.204 11.267  5.367   1.00 10.00 ? 18 ALA A C    1 
ATOM 261  O O    . ALA A 1 18 ? -10.710 10.494  6.176   1.00 10.00 ? 18 ALA A O    1 
ATOM 262  C CB   . ALA A 1 18 ? -12.498 12.363  5.168   1.00 10.00 ? 18 ALA A CB   1 
ATOM 263  H H    . ALA A 1 18 ? -11.187 13.141  2.728   1.00 10.00 ? 18 ALA A H    1 
ATOM 264  H HA   . ALA A 1 18 ? -10.611 13.313  4.946   1.00 10.00 ? 18 ALA A HA   1 
ATOM 265  H HB1  . ALA A 1 18 ? -12.990 11.424  4.910   1.00 10.00 ? 18 ALA A HB1  1 
ATOM 266  H HB2  . ALA A 1 18 ? -12.521 12.497  6.250   1.00 10.00 ? 18 ALA A HB2  1 
ATOM 267  H HB3  . ALA A 1 18 ? -13.038 13.189  4.701   1.00 10.00 ? 18 ALA A HB3  1 
ATOM 268  N N    . ALA A 1 19 ? -8.912  11.209  5.028   1.00 10.00 ? 19 ALA A N    1 
ATOM 269  C CA   . ALA A 1 19 ? -7.928  10.302  5.619   1.00 10.00 ? 19 ALA A CA   1 
ATOM 270  C C    . ALA A 1 19 ? -8.282  8.809   5.484   1.00 10.00 ? 19 ALA A C    1 
ATOM 271  O O    . ALA A 1 19 ? -7.736  7.977   6.206   1.00 10.00 ? 19 ALA A O    1 
ATOM 272  C CB   . ALA A 1 19 ? -7.667  10.696  7.079   1.00 10.00 ? 19 ALA A CB   1 
ATOM 273  H H    . ALA A 1 19 ? -8.586  11.868  4.337   1.00 10.00 ? 19 ALA A H    1 
ATOM 274  H HA   . ALA A 1 19 ? -6.999  10.459  5.070   1.00 10.00 ? 19 ALA A HA   1 
ATOM 275  H HB1  . ALA A 1 19 ? -6.832  10.122  7.478   1.00 10.00 ? 19 ALA A HB1  1 
ATOM 276  H HB2  . ALA A 1 19 ? -7.422  11.757  7.140   1.00 10.00 ? 19 ALA A HB2  1 
ATOM 277  H HB3  . ALA A 1 19 ? -8.550  10.500  7.690   1.00 10.00 ? 19 ALA A HB3  1 
ATOM 278  N N    . CYS A 1 20 ? -9.148  8.441   4.537   1.00 10.00 ? 20 CYS A N    1 
ATOM 279  C CA   . CYS A 1 20 ? -9.599  7.062   4.367   1.00 10.00 ? 20 CYS A CA   1 
ATOM 280  C C    . CYS A 1 20 ? -8.440  6.234   3.828   1.00 10.00 ? 20 CYS A C    1 
ATOM 281  O O    . CYS A 1 20 ? -7.954  5.319   4.485   1.00 10.00 ? 20 CYS A O    1 
ATOM 282  C CB   . CYS A 1 20 ? -10.814 6.981   3.428   1.00 10.00 ? 20 CYS A CB   1 
ATOM 283  S SG   . CYS A 1 20 ? -12.289 7.632   4.249   1.00 10.00 ? 20 CYS A SG   1 
ATOM 284  H H    . CYS A 1 20 ? -9.541  9.157   3.942   1.00 10.00 ? 20 CYS A H    1 
ATOM 285  H HA   . CYS A 1 20 ? -9.895  6.656   5.336   1.00 10.00 ? 20 CYS A HA   1 
ATOM 286  H HB2  . CYS A 1 20 ? -10.633 7.530   2.504   1.00 10.00 ? 20 CYS A HB2  1 
ATOM 287  H HB3  . CYS A 1 20 ? -11.010 5.937   3.183   1.00 10.00 ? 20 CYS A HB3  1 
ATOM 288  H HG   . CYS A 1 20 ? -11.816 8.867   4.454   1.00 10.00 ? 20 CYS A HG   1 
ATOM 289  N N    . ALA A 1 21 ? -7.940  6.599   2.648   1.00 10.00 ? 21 ALA A N    1 
ATOM 290  C CA   . ALA A 1 21 ? -6.784  5.935   2.061   1.00 10.00 ? 21 ALA A CA   1 
ATOM 291  C C    . ALA A 1 21 ? -5.564  6.024   2.977   1.00 10.00 ? 21 ALA A C    1 
ATOM 292  O O    . ALA A 1 21 ? -4.765  5.095   3.063   1.00 10.00 ? 21 ALA A O    1 
ATOM 293  C CB   . ALA A 1 21 ? -6.502  6.529   0.687   1.00 10.00 ? 21 ALA A CB   1 
ATOM 294  H H    . ALA A 1 21 ? -8.371  7.363   2.151   1.00 10.00 ? 21 ALA A H    1 
ATOM 295  H HA   . ALA A 1 21 ? -7.023  4.886   1.932   1.00 10.00 ? 21 ALA A HA   1 
ATOM 296  H HB1  . ALA A 1 21 ? -5.574  6.115   0.289   1.00 10.00 ? 21 ALA A HB1  1 
ATOM 297  H HB2  . ALA A 1 21 ? -7.316  6.280   0.007   1.00 10.00 ? 21 ALA A HB2  1 
ATOM 298  H HB3  . ALA A 1 21 ? -6.421  7.612   0.773   1.00 10.00 ? 21 ALA A HB3  1 
ATOM 299  N N    . ALA A 1 22 ? -5.433  7.137   3.698   1.00 10.00 ? 22 ALA A N    1 
ATOM 300  C CA   . ALA A 1 22 ? -4.401  7.263   4.710   1.00 10.00 ? 22 ALA A CA   1 
ATOM 301  C C    . ALA A 1 22 ? -4.541  6.156   5.759   1.00 10.00 ? 22 ALA A C    1 
ATOM 302  O O    . ALA A 1 22 ? -3.553  5.496   6.068   1.00 10.00 ? 22 ALA A O    1 
ATOM 303  C CB   . ALA A 1 22 ? -4.462  8.657   5.334   1.00 10.00 ? 22 ALA A CB   1 
ATOM 304  H H    . ALA A 1 22 ? -6.117  7.868   3.597   1.00 10.00 ? 22 ALA A H    1 
ATOM 305  H HA   . ALA A 1 22 ? -3.432  7.134   4.217   1.00 10.00 ? 22 ALA A HA   1 
ATOM 306  H HB1  . ALA A 1 22 ? -5.422  8.803   5.821   1.00 10.00 ? 22 ALA A HB1  1 
ATOM 307  H HB2  . ALA A 1 22 ? -3.664  8.762   6.067   1.00 10.00 ? 22 ALA A HB2  1 
ATOM 308  H HB3  . ALA A 1 22 ? -4.342  9.412   4.557   1.00 10.00 ? 22 ALA A HB3  1 
ATOM 309  N N    . ARG A 1 23 ? -5.748  5.932   6.297   1.00 10.00 ? 23 ARG A N    1 
ATOM 310  C CA   . ARG A 1 23 ? -6.011  4.811   7.197   1.00 10.00 ? 23 ARG A CA   1 
ATOM 311  C C    . ARG A 1 23 ? -5.623  3.486   6.538   1.00 10.00 ? 23 ARG A C    1 
ATOM 312  O O    . ARG A 1 23 ? -4.901  2.701   7.156   1.00 10.00 ? 23 ARG A O    1 
ATOM 313  C CB   . ARG A 1 23 ? -7.478  4.785   7.654   1.00 10.00 ? 23 ARG A CB   1 
ATOM 314  C CG   . ARG A 1 23 ? -7.822  5.954   8.587   1.00 10.00 ? 23 ARG A CG   1 
ATOM 315  C CD   . ARG A 1 23 ? -7.797  5.504   10.051  1.00 10.00 ? 23 ARG A CD   1 
ATOM 316  N NE   . ARG A 1 23 ? -7.997  6.646   10.957  1.00 10.00 ? 23 ARG A NE   1 
ATOM 317  C CZ   . ARG A 1 23 ? -8.157  6.556   12.287  1.00 10.00 ? 23 ARG A CZ   1 
ATOM 318  N NH1  . ARG A 1 23 ? -8.202  5.354   12.871  1.00 10.00 ? 23 ARG A NH1  1 
ATOM 319  N NH2  . ARG A 1 23 ? -8.264  7.666   13.025  1.00 10.00 ? 23 ARG A NH2  1 
ATOM 320  H H    . ARG A 1 23 ? -6.535  6.513   6.017   1.00 10.00 ? 23 ARG A H    1 
ATOM 321  H HA   . ARG A 1 23 ? -5.386  4.921   8.084   1.00 10.00 ? 23 ARG A HA   1 
ATOM 322  H HB2  . ARG A 1 23 ? -8.139  4.822   6.792   1.00 10.00 ? 23 ARG A HB2  1 
ATOM 323  H HB3  . ARG A 1 23 ? -7.674  3.842   8.165   1.00 10.00 ? 23 ARG A HB3  1 
ATOM 324  H HG2  . ARG A 1 23 ? -7.120  6.774   8.432   1.00 10.00 ? 23 ARG A HG2  1 
ATOM 325  H HG3  . ARG A 1 23 ? -8.825  6.310   8.344   1.00 10.00 ? 23 ARG A HG3  1 
ATOM 326  H HD2  . ARG A 1 23 ? -8.598  4.773   10.187  1.00 10.00 ? 23 ARG A HD2  1 
ATOM 327  H HD3  . ARG A 1 23 ? -6.834  5.034   10.263  1.00 10.00 ? 23 ARG A HD3  1 
ATOM 328  H HE   . ARG A 1 23 ? -8.004  7.559   10.520  1.00 10.00 ? 23 ARG A HE   1 
ATOM 329  H HH11 . ARG A 1 23 ? -8.132  4.524   12.301  1.00 10.00 ? 23 ARG A HH11 1 
ATOM 330  H HH12 . ARG A 1 23 ? -8.338  5.247   13.866  1.00 10.00 ? 23 ARG A HH12 1 
ATOM 331  H HH21 . ARG A 1 23 ? -8.231  8.578   12.591  1.00 10.00 ? 23 ARG A HH21 1 
ATOM 332  H HH22 . ARG A 1 23 ? -8.384  7.621   14.026  1.00 10.00 ? 23 ARG A HH22 1 
ATOM 333  N N    . ILE A 1 24 ? -6.088  3.243   5.303   1.00 10.00 ? 24 ILE A N    1 
ATOM 334  C CA   . ILE A 1 24 ? -5.757  2.020   4.569   1.00 10.00 ? 24 ILE A CA   1 
ATOM 335  C C    . ILE A 1 24 ? -4.250  1.779   4.651   1.00 10.00 ? 24 ILE A C    1 
ATOM 336  O O    . ILE A 1 24 ? -3.789  0.767   5.185   1.00 10.00 ? 24 ILE A O    1 
ATOM 337  C CB   . ILE A 1 24 ? -6.203  2.091   3.089   1.00 10.00 ? 24 ILE A CB   1 
ATOM 338  C CG1  . ILE A 1 24 ? -7.719  2.252   2.944   1.00 10.00 ? 24 ILE A CG1  1 
ATOM 339  C CG2  . ILE A 1 24 ? -5.759  0.836   2.327   1.00 10.00 ? 24 ILE A CG2  1 
ATOM 340  C CD1  . ILE A 1 24 ? -8.140  2.431   1.479   1.00 10.00 ? 24 ILE A CD1  1 
ATOM 341  H H    . ILE A 1 24 ? -6.680  3.943   4.864   1.00 10.00 ? 24 ILE A H    1 
ATOM 342  H HA   . ILE A 1 24 ? -6.273  1.188   5.047   1.00 10.00 ? 24 ILE A HA   1 
ATOM 343  H HB   . ILE A 1 24 ? -5.724  2.936   2.603   1.00 10.00 ? 24 ILE A HB   1 
ATOM 344  H HG12 . ILE A 1 24 ? -8.203  1.379   3.372   1.00 10.00 ? 24 ILE A HG12 1 
ATOM 345  H HG13 . ILE A 1 24 ? -8.052  3.126   3.493   1.00 10.00 ? 24 ILE A HG13 1 
ATOM 346  H HG21 . ILE A 1 24 ? -4.673  0.768   2.331   1.00 10.00 ? 24 ILE A HG21 1 
ATOM 347  H HG22 . ILE A 1 24 ? -6.188  -0.056  2.785   1.00 10.00 ? 24 ILE A HG22 1 
ATOM 348  H HG23 . ILE A 1 24 ? -6.069  0.888   1.284   1.00 10.00 ? 24 ILE A HG23 1 
ATOM 349  H HD11 . ILE A 1 24 ? -8.237  1.464   0.993   1.00 10.00 ? 24 ILE A HD11 1 
ATOM 350  H HD12 . ILE A 1 24 ? -9.097  2.951   1.438   1.00 10.00 ? 24 ILE A HD12 1 
ATOM 351  H HD13 . ILE A 1 24 ? -7.407  3.016   0.926   1.00 10.00 ? 24 ILE A HD13 1 
ATOM 352  N N    . GLU A 1 25 ? -3.476  2.730   4.129   1.00 10.00 ? 25 GLU A N    1 
ATOM 353  C CA   . GLU A 1 25 ? -2.055  2.508   3.967   1.00 10.00 ? 25 GLU A CA   1 
ATOM 354  C C    . GLU A 1 25 ? -1.340  2.509   5.319   1.00 10.00 ? 25 GLU A C    1 
ATOM 355  O O    . GLU A 1 25 ? -0.372  1.781   5.519   1.00 10.00 ? 25 GLU A O    1 
ATOM 356  C CB   . GLU A 1 25 ? -1.451  3.554   3.031   1.00 10.00 ? 25 GLU A CB   1 
ATOM 357  C CG   . GLU A 1 25 ? -0.426  2.881   2.098   1.00 10.00 ? 25 GLU A CG   1 
ATOM 358  C CD   . GLU A 1 25 ? -1.053  1.990   1.024   1.00 10.00 ? 25 GLU A CD   1 
ATOM 359  O OE1  . GLU A 1 25 ? -2.300  1.896   1.000   1.00 10.00 ? 25 GLU A OE1  1 
ATOM 360  O OE2  . GLU A 1 25 ? -0.268  1.420   0.237   1.00 10.00 ? 25 GLU A OE2  1 
ATOM 361  H H    . GLU A 1 25 ? -3.902  3.562   3.725   1.00 10.00 ? 25 GLU A H    1 
ATOM 362  H HA   . GLU A 1 25 ? -1.981  1.515   3.507   1.00 10.00 ? 25 GLU A HA   1 
ATOM 363  H HB2  . GLU A 1 25 ? -2.236  4.051   2.461   1.00 10.00 ? 25 GLU A HB2  1 
ATOM 364  H HB3  . GLU A 1 25 ? -0.958  4.315   3.634   1.00 10.00 ? 25 GLU A HB3  1 
ATOM 365  H HG2  . GLU A 1 25 ? 0.165   3.648   1.601   1.00 10.00 ? 25 GLU A HG2  1 
ATOM 366  H HG3  . GLU A 1 25 ? 0.254   2.264   2.685   1.00 10.00 ? 25 GLU A HG3  1 
ATOM 367  N N    . LYS A 1 26 ? -1.795  3.327   6.273   1.00 10.00 ? 26 LYS A N    1 
ATOM 368  C CA   . LYS A 1 26 ? -1.270  3.293   7.625   1.00 10.00 ? 26 LYS A CA   1 
ATOM 369  C C    . LYS A 1 26 ? -1.434  1.901   8.234   1.00 10.00 ? 26 LYS A C    1 
ATOM 370  O O    . LYS A 1 26 ? -0.556  1.444   8.967   1.00 10.00 ? 26 LYS A O    1 
ATOM 371  C CB   . LYS A 1 26 ? -1.950  4.368   8.475   1.00 10.00 ? 26 LYS A CB   1 
ATOM 372  C CG   . LYS A 1 26 ? -1.310  5.752   8.293   1.00 10.00 ? 26 LYS A CG   1 
ATOM 373  C CD   . LYS A 1 26 ? 0.033   5.835   9.042   1.00 10.00 ? 26 LYS A CD   1 
ATOM 374  C CE   . LYS A 1 26 ? 0.673   7.230   8.965   1.00 10.00 ? 26 LYS A CE   1 
ATOM 375  N NZ   . LYS A 1 26 ? -0.083  8.246   9.729   1.00 10.00 ? 26 LYS A NZ   1 
ATOM 376  H H    . LYS A 1 26 ? -2.575  3.947   6.086   1.00 10.00 ? 26 LYS A H    1 
ATOM 377  H HA   . LYS A 1 26 ? -0.204  3.491   7.562   1.00 10.00 ? 26 LYS A HA   1 
ATOM 378  H HB2  . LYS A 1 26 ? -3.010  4.406   8.230   1.00 10.00 ? 26 LYS A HB2  1 
ATOM 379  H HB3  . LYS A 1 26 ? -1.883  4.077   9.515   1.00 10.00 ? 26 LYS A HB3  1 
ATOM 380  H HG2  . LYS A 1 26 ? -1.171  5.948   7.225   1.00 10.00 ? 26 LYS A HG2  1 
ATOM 381  H HG3  . LYS A 1 26 ? -2.015  6.483   8.687   1.00 10.00 ? 26 LYS A HG3  1 
ATOM 382  H HD2  . LYS A 1 26 ? -0.109  5.545   10.086  1.00 10.00 ? 26 LYS A HD2  1 
ATOM 383  H HD3  . LYS A 1 26 ? 0.733   5.122   8.601   1.00 10.00 ? 26 LYS A HD3  1 
ATOM 384  H HE2  . LYS A 1 26 ? 1.683   7.174   9.376   1.00 10.00 ? 26 LYS A HE2  1 
ATOM 385  H HE3  . LYS A 1 26 ? 0.747   7.536   7.919   1.00 10.00 ? 26 LYS A HE3  1 
ATOM 386  H HZ1  . LYS A 1 26 ? 0.356   9.152   9.621   1.00 10.00 ? 26 LYS A HZ1  1 
ATOM 387  H HZ2  . LYS A 1 26 ? -1.032  8.306   9.391   1.00 10.00 ? 26 LYS A HZ2  1 
ATOM 388  H HZ3  . LYS A 1 26 ? -0.094  8.010   10.712  1.00 10.00 ? 26 LYS A HZ3  1 
ATOM 389  N N    . GLY A 1 27 ? -2.526  1.210   7.901   1.00 10.00 ? 27 GLY A N    1 
ATOM 390  C CA   . GLY A 1 27 ? -2.651  -0.212  8.168   1.00 10.00 ? 27 GLY A CA   1 
ATOM 391  C C    . GLY A 1 27 ? -1.439  -0.967  7.620   1.00 10.00 ? 27 GLY A C    1 
ATOM 392  O O    . GLY A 1 27 ? -0.788  -1.716  8.345   1.00 10.00 ? 27 GLY A O    1 
ATOM 393  H H    . GLY A 1 27 ? -3.236  1.656   7.326   1.00 10.00 ? 27 GLY A H    1 
ATOM 394  H HA2  . GLY A 1 27 ? -2.730  -0.374  9.244   1.00 10.00 ? 27 GLY A HA2  1 
ATOM 395  H HA3  . GLY A 1 27 ? -3.552  -0.588  7.689   1.00 10.00 ? 27 GLY A HA3  1 
ATOM 396  N N    . LEU A 1 28 ? -1.087  -0.753  6.353   1.00 10.00 ? 28 LEU A N    1 
ATOM 397  C CA   . LEU A 1 28 ? 0.084   -1.401  5.778   1.00 10.00 ? 28 LEU A CA   1 
ATOM 398  C C    . LEU A 1 28 ? 1.390   -0.962  6.425   1.00 10.00 ? 28 LEU A C    1 
ATOM 399  O O    . LEU A 1 28 ? 2.302   -1.774  6.515   1.00 10.00 ? 28 LEU A O    1 
ATOM 400  C CB   . LEU A 1 28 ? 0.145   -1.209  4.272   1.00 10.00 ? 28 LEU A CB   1 
ATOM 401  C CG   . LEU A 1 28 ? -1.008  -1.926  3.573   1.00 10.00 ? 28 LEU A CG   1 
ATOM 402  C CD1  . LEU A 1 28 ? -0.942  -1.496  2.111   1.00 10.00 ? 28 LEU A CD1  1 
ATOM 403  C CD2  . LEU A 1 28 ? -0.960  -3.453  3.758   1.00 10.00 ? 28 LEU A CD2  1 
ATOM 404  H H    . LEU A 1 28 ? -1.589  -0.072  5.789   1.00 10.00 ? 28 LEU A H    1 
ATOM 405  H HA   . LEU A 1 28 ? 0.002   -2.466  5.968   1.00 10.00 ? 28 LEU A HA   1 
ATOM 406  H HB2  . LEU A 1 28 ? 0.140   -0.145  4.040   1.00 10.00 ? 28 LEU A HB2  1 
ATOM 407  H HB3  . LEU A 1 28 ? 1.077   -1.632  3.901   1.00 10.00 ? 28 LEU A HB3  1 
ATOM 408  H HG   . LEU A 1 28 ? -1.955  -1.581  3.979   1.00 10.00 ? 28 LEU A HG   1 
ATOM 409  H HD11 . LEU A 1 28 ? -1.374  -0.501  2.031   1.00 10.00 ? 28 LEU A HD11 1 
ATOM 410  H HD12 . LEU A 1 28 ? 0.083   -1.455  1.747   1.00 10.00 ? 28 LEU A HD12 1 
ATOM 411  H HD13 . LEU A 1 28 ? -1.511  -2.191  1.506   1.00 10.00 ? 28 LEU A HD13 1 
ATOM 412  H HD21 . LEU A 1 28 ? 0.055   -3.845  3.680   1.00 10.00 ? 28 LEU A HD21 1 
ATOM 413  H HD22 . LEU A 1 28 ? -1.345  -3.719  4.740   1.00 10.00 ? 28 LEU A HD22 1 
ATOM 414  H HD23 . LEU A 1 28 ? -1.591  -3.940  3.015   1.00 10.00 ? 28 LEU A HD23 1 
ATOM 415  N N    . LYS A 1 29 ? 1.492   0.274   6.922   1.00 10.00 ? 29 LYS A N    1 
ATOM 416  C CA   . LYS A 1 29 ? 2.650   0.695   7.707   1.00 10.00 ? 29 LYS A CA   1 
ATOM 417  C C    . LYS A 1 29 ? 2.848   -0.195  8.952   1.00 10.00 ? 29 LYS A C    1 
ATOM 418  O O    . LYS A 1 29 ? 3.937   -0.207  9.522   1.00 10.00 ? 29 LYS A O    1 
ATOM 419  C CB   . LYS A 1 29 ? 2.671   2.219   7.952   1.00 10.00 ? 29 LYS A CB   1 
ATOM 420  C CG   . LYS A 1 29 ? 3.768   2.620   8.957   1.00 10.00 ? 29 LYS A CG   1 
ATOM 421  C CD   . LYS A 1 29 ? 4.020   4.128   9.093   1.00 10.00 ? 29 LYS A CD   1 
ATOM 422  C CE   . LYS A 1 29 ? 4.281   4.769   7.728   1.00 10.00 ? 29 LYS A CE   1 
ATOM 423  N NZ   . LYS A 1 29 ? 5.120   5.986   7.806   1.00 10.00 ? 29 LYS A NZ   1 
ATOM 424  H H    . LYS A 1 29 ? 0.730   0.921   6.751   1.00 10.00 ? 29 LYS A H    1 
ATOM 425  H HA   . LYS A 1 29 ? 3.522   0.515   7.082   1.00 10.00 ? 29 LYS A HA   1 
ATOM 426  H HB2  . LYS A 1 29 ? 2.862   2.680   6.984   1.00 10.00 ? 29 LYS A HB2  1 
ATOM 427  H HB3  . LYS A 1 29 ? 1.711   2.588   8.299   1.00 10.00 ? 29 LYS A HB3  1 
ATOM 428  H HG2  . LYS A 1 29 ? 3.507   2.244   9.948   1.00 10.00 ? 29 LYS A HG2  1 
ATOM 429  H HG3  . LYS A 1 29 ? 4.705   2.143   8.654   1.00 10.00 ? 29 LYS A HG3  1 
ATOM 430  H HD2  . LYS A 1 29 ? 3.167   4.606   9.576   1.00 10.00 ? 29 LYS A HD2  1 
ATOM 431  H HD3  . LYS A 1 29 ? 4.898   4.245   9.733   1.00 10.00 ? 29 LYS A HD3  1 
ATOM 432  H HE2  . LYS A 1 29 ? 4.784   4.035   7.106   1.00 10.00 ? 29 LYS A HE2  1 
ATOM 433  H HE3  . LYS A 1 29 ? 3.330   5.010   7.251   1.00 10.00 ? 29 LYS A HE3  1 
ATOM 434  H HZ1  . LYS A 1 29 ? 4.913   6.591   8.581   1.00 10.00 ? 29 LYS A HZ1  1 
ATOM 435  H HZ2  . LYS A 1 29 ? 6.126   5.783   7.797   1.00 10.00 ? 29 LYS A HZ2  1 
ATOM 436  H HZ3  . LYS A 1 29 ? 5.050   6.512   6.930   1.00 10.00 ? 29 LYS A HZ3  1 
ATOM 437  N N    . ARG A 1 30 ? 1.833   -0.953  9.389   1.00 10.00 ? 30 ARG A N    1 
ATOM 438  C CA   . ARG A 1 30 ? 2.014   -1.961  10.432  1.00 10.00 ? 30 ARG A CA   1 
ATOM 439  C C    . ARG A 1 30 ? 2.656   -3.274  9.940   1.00 10.00 ? 30 ARG A C    1 
ATOM 440  O O    . ARG A 1 30 ? 3.074   -4.071  10.778  1.00 10.00 ? 30 ARG A O    1 
ATOM 441  C CB   . ARG A 1 30 ? 0.681   -2.212  11.169  1.00 10.00 ? 30 ARG A CB   1 
ATOM 442  C CG   . ARG A 1 30 ? 0.692   -1.617  12.582  1.00 10.00 ? 30 ARG A CG   1 
ATOM 443  C CD   . ARG A 1 30 ? 0.741   -0.083  12.541  1.00 10.00 ? 30 ARG A CD   1 
ATOM 444  N NE   . ARG A 1 30 ? 1.163   0.469   13.838  1.00 10.00 ? 30 ARG A NE   1 
ATOM 445  C CZ   . ARG A 1 30 ? 0.375   0.992   14.792  1.00 10.00 ? 30 ARG A CZ   1 
ATOM 446  N NH1  . ARG A 1 30 ? -0.954  1.001   14.648  1.00 10.00 ? 30 ARG A NH1  1 
ATOM 447  N NH2  . ARG A 1 30 ? 0.932   1.507   15.894  1.00 10.00 ? 30 ARG A NH2  1 
ATOM 448  H H    . ARG A 1 30 ? 0.930   -0.893  8.927   1.00 10.00 ? 30 ARG A H    1 
ATOM 449  H HA   . ARG A 1 30 ? 2.725   -1.577  11.164  1.00 10.00 ? 30 ARG A HA   1 
ATOM 450  H HB2  . ARG A 1 30 ? -0.159  -1.776  10.635  1.00 10.00 ? 30 ARG A HB2  1 
ATOM 451  H HB3  . ARG A 1 30 ? 0.498   -3.285  11.243  1.00 10.00 ? 30 ARG A HB3  1 
ATOM 452  H HG2  . ARG A 1 30 ? -0.209  -1.939  13.107  1.00 10.00 ? 30 ARG A HG2  1 
ATOM 453  H HG3  . ARG A 1 30 ? 1.558   -2.014  13.117  1.00 10.00 ? 30 ARG A HG3  1 
ATOM 454  H HD2  . ARG A 1 30 ? 1.490   0.234   11.815  1.00 10.00 ? 30 ARG A HD2  1 
ATOM 455  H HD3  . ARG A 1 30 ? -0.213  0.312   12.188  1.00 10.00 ? 30 ARG A HD3  1 
ATOM 456  H HE   . ARG A 1 30 ? 2.161   0.445   13.998  1.00 10.00 ? 30 ARG A HE   1 
ATOM 457  H HH11 . ARG A 1 30 ? -1.367  0.561   13.840  1.00 10.00 ? 30 ARG A HH11 1 
ATOM 458  H HH12 . ARG A 1 30 ? -1.563  1.402   15.346  1.00 10.00 ? 30 ARG A HH12 1 
ATOM 459  H HH21 . ARG A 1 30 ? 1.935   1.491   16.017  1.00 10.00 ? 30 ARG A HH21 1 
ATOM 460  H HH22 . ARG A 1 30 ? 0.371   1.907   16.632  1.00 10.00 ? 30 ARG A HH22 1 
ATOM 461  N N    . MET A 1 31 ? 2.718   -3.552  8.632   1.00 10.00 ? 31 MET A N    1 
ATOM 462  C CA   . MET A 1 31 ? 3.142   -4.870  8.149   1.00 10.00 ? 31 MET A CA   1 
ATOM 463  C C    . MET A 1 31 ? 4.668   -5.059  8.223   1.00 10.00 ? 31 MET A C    1 
ATOM 464  O O    . MET A 1 31 ? 5.419   -4.176  7.808   1.00 10.00 ? 31 MET A O    1 
ATOM 465  C CB   . MET A 1 31 ? 2.640   -5.101  6.716   1.00 10.00 ? 31 MET A CB   1 
ATOM 466  C CG   . MET A 1 31 ? 1.114   -5.246  6.673   1.00 10.00 ? 31 MET A CG   1 
ATOM 467  S SD   . MET A 1 31 ? 0.396   -6.599  7.645   1.00 10.00 ? 31 MET A SD   1 
ATOM 468  C CE   . MET A 1 31 ? 0.939   -8.041  6.707   1.00 10.00 ? 31 MET A CE   1 
ATOM 469  H H    . MET A 1 31 ? 2.414   -2.865  7.949   1.00 10.00 ? 31 MET A H    1 
ATOM 470  H HA   . MET A 1 31 ? 2.668   -5.598  8.801   1.00 10.00 ? 31 MET A HA   1 
ATOM 471  H HB2  . MET A 1 31 ? 2.955   -4.276  6.075   1.00 10.00 ? 31 MET A HB2  1 
ATOM 472  H HB3  . MET A 1 31 ? 3.086   -6.017  6.327   1.00 10.00 ? 31 MET A HB3  1 
ATOM 473  H HG2  . MET A 1 31 ? 0.678   -4.327  7.056   1.00 10.00 ? 31 MET A HG2  1 
ATOM 474  H HG3  . MET A 1 31 ? 0.799   -5.368  5.638   1.00 10.00 ? 31 MET A HG3  1 
ATOM 475  H HE1  . MET A 1 31 ? 2.026   -8.087  6.682   1.00 10.00 ? 31 MET A HE1  1 
ATOM 476  H HE2  . MET A 1 31 ? 0.549   -7.978  5.692   1.00 10.00 ? 31 MET A HE2  1 
ATOM 477  H HE3  . MET A 1 31 ? 0.556   -8.938  7.191   1.00 10.00 ? 31 MET A HE3  1 
ATOM 478  N N    . PRO A 1 32 ? 5.154   -6.214  8.716   1.00 10.00 ? 32 PRO A N    1 
ATOM 479  C CA   . PRO A 1 32 ? 6.577   -6.474  8.878   1.00 10.00 ? 32 PRO A CA   1 
ATOM 480  C C    . PRO A 1 32 ? 7.287   -6.503  7.522   1.00 10.00 ? 32 PRO A C    1 
ATOM 481  O O    . PRO A 1 32 ? 7.186   -7.482  6.785   1.00 10.00 ? 32 PRO A O    1 
ATOM 482  C CB   . PRO A 1 32 ? 6.674   -7.814  9.617   1.00 10.00 ? 32 PRO A CB   1 
ATOM 483  C CG   . PRO A 1 32 ? 5.373   -8.523  9.246   1.00 10.00 ? 32 PRO A CG   1 
ATOM 484  C CD   . PRO A 1 32 ? 4.377   -7.369  9.139   1.00 10.00 ? 32 PRO A CD   1 
ATOM 485  H HA   . PRO A 1 32 ? 7.028   -5.703  9.505   1.00 10.00 ? 32 PRO A HA   1 
ATOM 486  H HB2  . PRO A 1 32 ? 7.556   -8.390  9.330   1.00 10.00 ? 32 PRO A HB2  1 
ATOM 487  H HB3  . PRO A 1 32 ? 6.684   -7.632  10.692  1.00 10.00 ? 32 PRO A HB3  1 
ATOM 488  H HG2  . PRO A 1 32 ? 5.489   -8.997  8.270   1.00 10.00 ? 32 PRO A HG2  1 
ATOM 489  H HG3  . PRO A 1 32 ? 5.076   -9.263  9.990   1.00 10.00 ? 32 PRO A HG3  1 
ATOM 490  H HD2  . PRO A 1 32 ? 3.597   -7.630  8.423   1.00 10.00 ? 32 PRO A HD2  1 
ATOM 491  H HD3  . PRO A 1 32 ? 3.939   -7.169  10.118  1.00 10.00 ? 32 PRO A HD3  1 
ATOM 492  N N    . GLY A 1 33 ? 7.986   -5.411  7.200   1.00 10.00 ? 33 GLY A N    1 
ATOM 493  C CA   . GLY A 1 33 ? 8.833   -5.258  6.029   1.00 10.00 ? 33 GLY A CA   1 
ATOM 494  C C    . GLY A 1 33 ? 8.457   -3.992  5.266   1.00 10.00 ? 33 GLY A C    1 
ATOM 495  O O    . GLY A 1 33 ? 9.189   -3.574  4.373   1.00 10.00 ? 33 GLY A O    1 
ATOM 496  H H    . GLY A 1 33 ? 7.853   -4.575  7.749   1.00 10.00 ? 33 GLY A H    1 
ATOM 497  H HA2  . GLY A 1 33 ? 9.863   -5.157  6.372   1.00 10.00 ? 33 GLY A HA2  1 
ATOM 498  H HA3  . GLY A 1 33 ? 8.792   -6.117  5.366   1.00 10.00 ? 33 GLY A HA3  1 
ATOM 499  N N    . VAL A 1 34 ? 7.344   -3.342  5.628   1.00 10.00 ? 34 VAL A N    1 
ATOM 500  C CA   . VAL A 1 34 ? 7.084   -1.976  5.210   1.00 10.00 ? 34 VAL A CA   1 
ATOM 501  C C    . VAL A 1 34 ? 8.116   -1.038  5.835   1.00 10.00 ? 34 VAL A C    1 
ATOM 502  O O    . VAL A 1 34 ? 8.684   -1.340  6.884   1.00 10.00 ? 34 VAL A O    1 
ATOM 503  C CB   . VAL A 1 34 ? 5.650   -1.599  5.602   1.00 10.00 ? 34 VAL A CB   1 
ATOM 504  C CG1  . VAL A 1 34 ? 5.567   -1.289  7.101   1.00 10.00 ? 34 VAL A CG1  1 
ATOM 505  C CG2  . VAL A 1 34 ? 5.122   -0.424  4.770   1.00 10.00 ? 34 VAL A CG2  1 
ATOM 506  H H    . VAL A 1 34 ? 6.727   -3.742  6.329   1.00 10.00 ? 34 VAL A H    1 
ATOM 507  H HA   . VAL A 1 34 ? 7.178   -1.909  4.132   1.00 10.00 ? 34 VAL A HA   1 
ATOM 508  H HB   . VAL A 1 34 ? 5.010   -2.458  5.388   1.00 10.00 ? 34 VAL A HB   1 
ATOM 509  H HG11 . VAL A 1 34 ? 6.268   -1.891  7.677   1.00 10.00 ? 34 VAL A HG11 1 
ATOM 510  H HG12 . VAL A 1 34 ? 5.785   -0.238  7.295   1.00 10.00 ? 34 VAL A HG12 1 
ATOM 511  H HG13 . VAL A 1 34 ? 4.571   -1.535  7.449   1.00 10.00 ? 34 VAL A HG13 1 
ATOM 512  H HG21 . VAL A 1 34 ? 4.060   -0.284  4.960   1.00 10.00 ? 34 VAL A HG21 1 
ATOM 513  H HG22 . VAL A 1 34 ? 5.651   0.498   5.013   1.00 10.00 ? 34 VAL A HG22 1 
ATOM 514  H HG23 . VAL A 1 34 ? 5.254   -0.640  3.710   1.00 10.00 ? 34 VAL A HG23 1 
ATOM 515  N N    . THR A 1 35 ? 8.339   0.113   5.204   1.00 10.00 ? 35 THR A N    1 
ATOM 516  C CA   . THR A 1 35 ? 9.082   1.220   5.794   1.00 10.00 ? 35 THR A CA   1 
ATOM 517  C C    . THR A 1 35 ? 8.165   2.429   5.879   1.00 10.00 ? 35 THR A C    1 
ATOM 518  O O    . THR A 1 35 ? 7.935   2.933   6.978   1.00 10.00 ? 35 THR A O    1 
ATOM 519  C CB   . THR A 1 35 ? 10.362  1.531   5.002   1.00 10.00 ? 35 THR A CB   1 
ATOM 520  O OG1  . THR A 1 35 ? 10.469  0.651   3.909   1.00 10.00 ? 35 THR A OG1  1 
ATOM 521  C CG2  . THR A 1 35 ? 11.605  1.380   5.883   1.00 10.00 ? 35 THR A CG2  1 
ATOM 522  H H    . THR A 1 35 ? 7.919   0.256   4.288   1.00 10.00 ? 35 THR A H    1 
ATOM 523  H HA   . THR A 1 35 ? 9.364   0.977   6.819   1.00 10.00 ? 35 THR A HA   1 
ATOM 524  H HB   . THR A 1 35 ? 10.340  2.554   4.619   1.00 10.00 ? 35 THR A HB   1 
ATOM 525  H HG1  . THR A 1 35 ? 10.273  -0.240  4.216   1.00 10.00 ? 35 THR A HG1  1 
ATOM 526  H HG21 . THR A 1 35 ? 11.535  2.059   6.733   1.00 10.00 ? 35 THR A HG21 1 
ATOM 527  H HG22 . THR A 1 35 ? 11.689  0.356   6.248   1.00 10.00 ? 35 THR A HG22 1 
ATOM 528  H HG23 . THR A 1 35 ? 12.498  1.635   5.312   1.00 10.00 ? 35 THR A HG23 1 
ATOM 529  N N    . ASP A 1 36 ? 7.630   2.887   4.738   1.00 10.00 ? 36 ASP A N    1 
ATOM 530  C CA   . ASP A 1 36 ? 6.781   4.067   4.743   1.00 10.00 ? 36 ASP A CA   1 
ATOM 531  C C    . ASP A 1 36 ? 5.646   4.024   3.730   1.00 10.00 ? 36 ASP A C    1 
ATOM 532  O O    . ASP A 1 36 ? 5.709   3.266   2.767   1.00 10.00 ? 36 ASP A O    1 
ATOM 533  C CB   . ASP A 1 36 ? 7.593   5.368   4.682   1.00 10.00 ? 36 ASP A CB   1 
ATOM 534  C CG   . ASP A 1 36 ? 6.956   6.330   5.661   1.00 10.00 ? 36 ASP A CG   1 
ATOM 535  O OD1  . ASP A 1 36 ? 5.801   6.741   5.415   1.00 10.00 ? 36 ASP A OD1  1 
ATOM 536  O OD2  . ASP A 1 36 ? 7.445   6.404   6.810   1.00 10.00 ? 36 ASP A OD2  1 
ATOM 537  H H    . ASP A 1 36 ? 7.751   2.375   3.871   1.00 10.00 ? 36 ASP A H    1 
ATOM 538  H HA   . ASP A 1 36 ? 6.279   4.042   5.699   1.00 10.00 ? 36 ASP A HA   1 
ATOM 539  H HB2  . ASP A 1 36 ? 8.626   5.196   4.988   1.00 10.00 ? 36 ASP A HB2  1 
ATOM 540  H HB3  . ASP A 1 36 ? 7.585   5.790   3.676   1.00 10.00 ? 36 ASP A HB3  1 
ATOM 541  N N    . ALA A 1 37 ? 4.600   4.817   3.984   1.00 10.00 ? 37 ALA A N    1 
ATOM 542  C CA   . ALA A 1 37 ? 3.353   4.871   3.233   1.00 10.00 ? 37 ALA A CA   1 
ATOM 543  C C    . ALA A 1 37 ? 2.994   6.333   2.964   1.00 10.00 ? 37 ALA A C    1 
ATOM 544  O O    . ALA A 1 37 ? 3.010   7.141   3.891   1.00 10.00 ? 37 ALA A O    1 
ATOM 545  C CB   . ALA A 1 37 ? 2.259   4.195   4.059   1.00 10.00 ? 37 ALA A CB   1 
ATOM 546  H H    . ALA A 1 37 ? 4.714   5.504   4.731   1.00 10.00 ? 37 ALA A H    1 
ATOM 547  H HA   . ALA A 1 37 ? 3.453   4.342   2.286   1.00 10.00 ? 37 ALA A HA   1 
ATOM 548  H HB1  . ALA A 1 37 ? 2.180   4.663   5.040   1.00 10.00 ? 37 ALA A HB1  1 
ATOM 549  H HB2  . ALA A 1 37 ? 1.311   4.310   3.541   1.00 10.00 ? 37 ALA A HB2  1 
ATOM 550  H HB3  . ALA A 1 37 ? 2.477   3.133   4.178   1.00 10.00 ? 37 ALA A HB3  1 
ATOM 551  N N    . ASN A 1 38 ? 2.689   6.679   1.711   1.00 10.00 ? 38 ASN A N    1 
ATOM 552  C CA   . ASN A 1 38 ? 2.470   8.044   1.246   1.00 10.00 ? 38 ASN A CA   1 
ATOM 553  C C    . ASN A 1 38 ? 1.270   8.049   0.298   1.00 10.00 ? 38 ASN A C    1 
ATOM 554  O O    . ASN A 1 38 ? 1.335   7.495   -0.798  1.00 10.00 ? 38 ASN A O    1 
ATOM 555  C CB   . ASN A 1 38 ? 3.728   8.567   0.536   1.00 10.00 ? 38 ASN A CB   1 
ATOM 556  C CG   . ASN A 1 38 ? 4.629   9.367   1.474   1.00 10.00 ? 38 ASN A CG   1 
ATOM 557  O OD1  . ASN A 1 38 ? 4.655   10.592  1.413   1.00 10.00 ? 38 ASN A OD1  1 
ATOM 558  N ND2  . ASN A 1 38 ? 5.373   8.702   2.352   1.00 10.00 ? 38 ASN A ND2  1 
ATOM 559  H H    . ASN A 1 38 ? 2.612   5.953   1.003   1.00 10.00 ? 38 ASN A H    1 
ATOM 560  H HA   . ASN A 1 38 ? 2.244   8.705   2.085   1.00 10.00 ? 38 ASN A HA   1 
ATOM 561  H HB2  . ASN A 1 38 ? 4.287   7.744   0.087   1.00 10.00 ? 38 ASN A HB2  1 
ATOM 562  H HB3  . ASN A 1 38 ? 3.429   9.242   -0.267  1.00 10.00 ? 38 ASN A HB3  1 
ATOM 563  H HD21 . ASN A 1 38 ? 5.299   7.700   2.448   1.00 10.00 ? 38 ASN A HD21 1 
ATOM 564  H HD22 . ASN A 1 38 ? 5.953   9.226   2.987   1.00 10.00 ? 38 ASN A HD22 1 
ATOM 565  N N    . VAL A 1 39 ? 0.164   8.660   0.730   1.00 10.00 ? 39 VAL A N    1 
ATOM 566  C CA   . VAL A 1 39 ? -1.077  8.707   -0.027  1.00 10.00 ? 39 VAL A CA   1 
ATOM 567  C C    . VAL A 1 39 ? -1.056  9.864   -1.033  1.00 10.00 ? 39 VAL A C    1 
ATOM 568  O O    . VAL A 1 39 ? -0.566  10.948  -0.722  1.00 10.00 ? 39 VAL A O    1 
ATOM 569  C CB   . VAL A 1 39 ? -2.256  8.757   0.959   1.00 10.00 ? 39 VAL A CB   1 
ATOM 570  C CG1  . VAL A 1 39 ? -2.422  10.125  1.634   1.00 10.00 ? 39 VAL A CG1  1 
ATOM 571  C CG2  . VAL A 1 39 ? -3.554  8.351   0.263   1.00 10.00 ? 39 VAL A CG2  1 
ATOM 572  H H    . VAL A 1 39 ? 0.179   9.109   1.633   1.00 10.00 ? 39 VAL A H    1 
ATOM 573  H HA   . VAL A 1 39 ? -1.175  7.784   -0.593  1.00 10.00 ? 39 VAL A HA   1 
ATOM 574  H HB   . VAL A 1 39 ? -2.077  8.021   1.742   1.00 10.00 ? 39 VAL A HB   1 
ATOM 575  H HG11 . VAL A 1 39 ? -2.746  10.875  0.912   1.00 10.00 ? 39 VAL A HG11 1 
ATOM 576  H HG12 . VAL A 1 39 ? -3.175  10.052  2.419   1.00 10.00 ? 39 VAL A HG12 1 
ATOM 577  H HG13 . VAL A 1 39 ? -1.482  10.442  2.084   1.00 10.00 ? 39 VAL A HG13 1 
ATOM 578  H HG21 . VAL A 1 39 ? -3.506  7.298   -0.017  1.00 10.00 ? 39 VAL A HG21 1 
ATOM 579  H HG22 . VAL A 1 39 ? -4.386  8.503   0.949   1.00 10.00 ? 39 VAL A HG22 1 
ATOM 580  H HG23 . VAL A 1 39 ? -3.709  8.947   -0.634  1.00 10.00 ? 39 VAL A HG23 1 
ATOM 581  N N    . ASN A 1 40 ? -1.589  9.630   -2.238  1.00 10.00 ? 40 ASN A N    1 
ATOM 582  C CA   . ASN A 1 40 ? -1.690  10.582  -3.336  1.00 10.00 ? 40 ASN A CA   1 
ATOM 583  C C    . ASN A 1 40 ? -3.098  10.607  -3.929  1.00 10.00 ? 40 ASN A C    1 
ATOM 584  O O    . ASN A 1 40 ? -3.320  10.232  -5.082  1.00 10.00 ? 40 ASN A O    1 
ATOM 585  C CB   . ASN A 1 40 ? -0.648  10.264  -4.415  1.00 10.00 ? 40 ASN A CB   1 
ATOM 586  C CG   . ASN A 1 40 ? -0.505  11.432  -5.390  1.00 10.00 ? 40 ASN A CG   1 
ATOM 587  O OD1  . ASN A 1 40 ? -1.154  12.463  -5.240  1.00 10.00 ? 40 ASN A OD1  1 
ATOM 588  N ND2  . ASN A 1 40 ? 0.309   11.265  -6.427  1.00 10.00 ? 40 ASN A ND2  1 
ATOM 589  H H    . ASN A 1 40 ? -1.974  8.711   -2.436  1.00 10.00 ? 40 ASN A H    1 
ATOM 590  H HA   . ASN A 1 40 ? -1.480  11.578  -2.943  1.00 10.00 ? 40 ASN A HA   1 
ATOM 591  H HB2  . ASN A 1 40 ? 0.311   10.090  -3.928  1.00 10.00 ? 40 ASN A HB2  1 
ATOM 592  H HB3  . ASN A 1 40 ? -0.922  9.359   -4.957  1.00 10.00 ? 40 ASN A HB3  1 
ATOM 593  H HD21 . ASN A 1 40 ? 0.842   10.419  -6.542  1.00 10.00 ? 40 ASN A HD21 1 
ATOM 594  H HD22 . ASN A 1 40 ? 0.305   11.980  -7.143  1.00 10.00 ? 40 ASN A HD22 1 
ATOM 595  N N    . LEU A 1 41 ? -4.066  11.086  -3.147  1.00 10.00 ? 41 LEU A N    1 
ATOM 596  C CA   . LEU A 1 41 ? -5.446  11.175  -3.608  1.00 10.00 ? 41 LEU A CA   1 
ATOM 597  C C    . LEU A 1 41 ? -5.639  12.233  -4.688  1.00 10.00 ? 41 LEU A C    1 
ATOM 598  O O    . LEU A 1 41 ? -6.587  12.136  -5.462  1.00 10.00 ? 41 LEU A O    1 
ATOM 599  C CB   . LEU A 1 41 ? -6.411  11.384  -2.441  1.00 10.00 ? 41 LEU A CB   1 
ATOM 600  C CG   . LEU A 1 41 ? -6.367  10.221  -1.439  1.00 10.00 ? 41 LEU A CG   1 
ATOM 601  C CD1  . LEU A 1 41 ? -7.516  10.352  -0.427  1.00 10.00 ? 41 LEU A CD1  1 
ATOM 602  C CD2  . LEU A 1 41 ? -6.428  8.860   -2.150  1.00 10.00 ? 41 LEU A CD2  1 
ATOM 603  H H    . LEU A 1 41 ? -3.840  11.379  -2.208  1.00 10.00 ? 41 LEU A H    1 
ATOM 604  H HA   . LEU A 1 41 ? -5.702  10.242  -4.105  1.00 10.00 ? 41 LEU A HA   1 
ATOM 605  H HB2  . LEU A 1 41 ? -6.176  12.318  -1.928  1.00 10.00 ? 41 LEU A HB2  1 
ATOM 606  H HB3  . LEU A 1 41 ? -7.413  11.463  -2.864  1.00 10.00 ? 41 LEU A HB3  1 
ATOM 607  H HG   . LEU A 1 41 ? -5.427  10.293  -0.896  1.00 10.00 ? 41 LEU A HG   1 
ATOM 608  H HD11 . LEU A 1 41 ? -8.192  11.151  -0.728  1.00 10.00 ? 41 LEU A HD11 1 
ATOM 609  H HD12 . LEU A 1 41 ? -8.085  9.424   -0.357  1.00 10.00 ? 41 LEU A HD12 1 
ATOM 610  H HD13 . LEU A 1 41 ? -7.109  10.591  0.556   1.00 10.00 ? 41 LEU A HD13 1 
ATOM 611  H HD21 . LEU A 1 41 ? -6.620  8.061   -1.441  1.00 10.00 ? 41 LEU A HD21 1 
ATOM 612  H HD22 . LEU A 1 41 ? -7.224  8.871   -2.893  1.00 10.00 ? 41 LEU A HD22 1 
ATOM 613  H HD23 . LEU A 1 41 ? -5.479  8.635   -2.636  1.00 10.00 ? 41 LEU A HD23 1 
ATOM 614  N N    . ALA A 1 42 ? -4.699  13.171  -4.822  1.00 10.00 ? 42 ALA A N    1 
ATOM 615  C CA   . ALA A 1 42 ? -4.661  14.067  -5.972  1.00 10.00 ? 42 ALA A CA   1 
ATOM 616  C C    . ALA A 1 42 ? -4.527  13.273  -7.275  1.00 10.00 ? 42 ALA A C    1 
ATOM 617  O O    . ALA A 1 42 ? -4.769  13.813  -8.352  1.00 10.00 ? 42 ALA A O    1 
ATOM 618  C CB   . ALA A 1 42 ? -3.512  15.068  -5.822  1.00 10.00 ? 42 ALA A CB   1 
ATOM 619  H H    . ALA A 1 42 ? -3.887  13.118  -4.229  1.00 10.00 ? 42 ALA A H    1 
ATOM 620  H HA   . ALA A 1 42 ? -5.598  14.626  -6.008  1.00 10.00 ? 42 ALA A HA   1 
ATOM 621  H HB1  . ALA A 1 42 ? -2.554  14.550  -5.852  1.00 10.00 ? 42 ALA A HB1  1 
ATOM 622  H HB2  . ALA A 1 42 ? -3.550  15.784  -6.644  1.00 10.00 ? 42 ALA A HB2  1 
ATOM 623  H HB3  . ALA A 1 42 ? -3.607  15.606  -4.879  1.00 10.00 ? 42 ALA A HB3  1 
ATOM 624  N N    . THR A 1 43 ? -4.133  12.000  -7.185  1.00 10.00 ? 43 THR A N    1 
ATOM 625  C CA   . THR A 1 43 ? -4.072  11.083  -8.304  1.00 10.00 ? 43 THR A CA   1 
ATOM 626  C C    . THR A 1 43 ? -4.791  9.770   -7.951  1.00 10.00 ? 43 THR A C    1 
ATOM 627  O O    . THR A 1 43 ? -4.523  8.754   -8.587  1.00 10.00 ? 43 THR A O    1 
ATOM 628  C CB   . THR A 1 43 ? -2.583  10.887  -8.653  1.00 10.00 ? 43 THR A CB   1 
ATOM 629  O OG1  . THR A 1 43 ? -1.895  12.123  -8.556  1.00 10.00 ? 43 THR A OG1  1 
ATOM 630  C CG2  . THR A 1 43 ? -2.371  10.371  -10.073 1.00 10.00 ? 43 THR A CG2  1 
ATOM 631  H H    . THR A 1 43 ? -3.838  11.623  -6.293  1.00 10.00 ? 43 THR A H    1 
ATOM 632  H HA   . THR A 1 43 ? -4.586  11.507  -9.167  1.00 10.00 ? 43 THR A HA   1 
ATOM 633  H HB   . THR A 1 43 ? -2.129  10.195  -7.945  1.00 10.00 ? 43 THR A HB   1 
ATOM 634  H HG1  . THR A 1 43 ? -2.468  12.811  -8.908  1.00 10.00 ? 43 THR A HG1  1 
ATOM 635  H HG21 . THR A 1 43 ? -2.860  11.039  -10.781 1.00 10.00 ? 43 THR A HG21 1 
ATOM 636  H HG22 . THR A 1 43 ? -1.302  10.343  -10.281 1.00 10.00 ? 43 THR A HG22 1 
ATOM 637  H HG23 . THR A 1 43 ? -2.774  9.366   -10.182 1.00 10.00 ? 43 THR A HG23 1 
ATOM 638  N N    . GLU A 1 44 ? -5.687  9.758   -6.947  1.00 10.00 ? 44 GLU A N    1 
ATOM 639  C CA   . GLU A 1 44 ? -6.417  8.567   -6.523  1.00 10.00 ? 44 GLU A CA   1 
ATOM 640  C C    . GLU A 1 44 ? -5.496  7.345   -6.360  1.00 10.00 ? 44 GLU A C    1 
ATOM 641  O O    . GLU A 1 44 ? -5.865  6.220   -6.694  1.00 10.00 ? 44 GLU A O    1 
ATOM 642  C CB   . GLU A 1 44 ? -7.571  8.325   -7.503  1.00 10.00 ? 44 GLU A CB   1 
ATOM 643  C CG   . GLU A 1 44 ? -8.551  9.509   -7.494  1.00 10.00 ? 44 GLU A CG   1 
ATOM 644  C CD   . GLU A 1 44 ? -9.783  9.242   -8.350  1.00 10.00 ? 44 GLU A CD   1 
ATOM 645  O OE1  . GLU A 1 44 ? -9.651  8.466   -9.321  1.00 10.00 ? 44 GLU A OE1  1 
ATOM 646  O OE2  . GLU A 1 44 ? -10.838 9.820   -8.012  1.00 10.00 ? 44 GLU A OE2  1 
ATOM 647  H H    . GLU A 1 44 ? -5.966  10.618  -6.491  1.00 10.00 ? 44 GLU A H    1 
ATOM 648  H HA   . GLU A 1 44 ? -6.847  8.770   -5.544  1.00 10.00 ? 44 GLU A HA   1 
ATOM 649  H HB2  . GLU A 1 44 ? -7.186  8.176   -8.512  1.00 10.00 ? 44 GLU A HB2  1 
ATOM 650  H HB3  . GLU A 1 44 ? -8.109  7.422   -7.225  1.00 10.00 ? 44 GLU A HB3  1 
ATOM 651  H HG2  . GLU A 1 44 ? -8.884  9.701   -6.474  1.00 10.00 ? 44 GLU A HG2  1 
ATOM 652  H HG3  . GLU A 1 44 ? -8.067  10.405  -7.882  1.00 10.00 ? 44 GLU A HG3  1 
ATOM 653  N N    . THR A 1 45 ? -4.286  7.581   -5.849  1.00 10.00 ? 45 THR A N    1 
ATOM 654  C CA   . THR A 1 45 ? -3.189  6.630   -5.857  1.00 10.00 ? 45 THR A CA   1 
ATOM 655  C C    . THR A 1 45 ? -2.544  6.655   -4.485  1.00 10.00 ? 45 THR A C    1 
ATOM 656  O O    . THR A 1 45 ? -2.669  7.634   -3.748  1.00 10.00 ? 45 THR A O    1 
ATOM 657  C CB   . THR A 1 45 ? -2.214  7.015   -6.987  1.00 10.00 ? 45 THR A CB   1 
ATOM 658  O OG1  . THR A 1 45 ? -2.797  6.694   -8.231  1.00 10.00 ? 45 THR A OG1  1 
ATOM 659  C CG2  . THR A 1 45 ? -0.834  6.348   -6.961  1.00 10.00 ? 45 THR A CG2  1 
ATOM 660  H H    . THR A 1 45 ? -4.066  8.497   -5.468  1.00 10.00 ? 45 THR A H    1 
ATOM 661  H HA   . THR A 1 45 ? -3.562  5.622   -6.010  1.00 10.00 ? 45 THR A HA   1 
ATOM 662  H HB   . THR A 1 45 ? -2.045  8.091   -6.942  1.00 10.00 ? 45 THR A HB   1 
ATOM 663  H HG1  . THR A 1 45 ? -3.589  7.236   -8.353  1.00 10.00 ? 45 THR A HG1  1 
ATOM 664  H HG21 . THR A 1 45 ? -0.292  6.592   -6.048  1.00 10.00 ? 45 THR A HG21 1 
ATOM 665  H HG22 . THR A 1 45 ? -0.929  5.271   -7.057  1.00 10.00 ? 45 THR A HG22 1 
ATOM 666  H HG23 . THR A 1 45 ? -0.252  6.711   -7.810  1.00 10.00 ? 45 THR A HG23 1 
ATOM 667  N N    . VAL A 1 46 ? -1.856  5.575   -4.134  1.00 10.00 ? 46 VAL A N    1 
ATOM 668  C CA   . VAL A 1 46 ? -1.044  5.513   -2.940  1.00 10.00 ? 46 VAL A CA   1 
ATOM 669  C C    . VAL A 1 46 ? 0.285   4.860   -3.285  1.00 10.00 ? 46 VAL A C    1 
ATOM 670  O O    . VAL A 1 46 ? 0.343   4.000   -4.168  1.00 10.00 ? 46 VAL A O    1 
ATOM 671  C CB   . VAL A 1 46 ? -1.833  4.791   -1.850  1.00 10.00 ? 46 VAL A CB   1 
ATOM 672  C CG1  . VAL A 1 46 ? -2.191  3.347   -2.235  1.00 10.00 ? 46 VAL A CG1  1 
ATOM 673  C CG2  . VAL A 1 46 ? -1.063  4.762   -0.533  1.00 10.00 ? 46 VAL A CG2  1 
ATOM 674  H H    . VAL A 1 46 ? -1.866  4.755   -4.737  1.00 10.00 ? 46 VAL A H    1 
ATOM 675  H HA   . VAL A 1 46 ? -0.827  6.523   -2.594  1.00 10.00 ? 46 VAL A HA   1 
ATOM 676  H HB   . VAL A 1 46 ? -2.740  5.382   -1.710  1.00 10.00 ? 46 VAL A HB   1 
ATOM 677  H HG11 . VAL A 1 46 ? -2.847  2.921   -1.475  1.00 10.00 ? 46 VAL A HG11 1 
ATOM 678  H HG12 . VAL A 1 46 ? -2.697  3.316   -3.198  1.00 10.00 ? 46 VAL A HG12 1 
ATOM 679  H HG13 . VAL A 1 46 ? -1.292  2.734   -2.295  1.00 10.00 ? 46 VAL A HG13 1 
ATOM 680  H HG21 . VAL A 1 46 ? -0.254  4.035   -0.601  1.00 10.00 ? 46 VAL A HG21 1 
ATOM 681  H HG22 . VAL A 1 46 ? -0.634  5.729   -0.289  1.00 10.00 ? 46 VAL A HG22 1 
ATOM 682  H HG23 . VAL A 1 46 ? -1.758  4.483   0.257   1.00 10.00 ? 46 VAL A HG23 1 
ATOM 683  N N    . ASN A 1 47 ? 1.345   5.324   -2.617  1.00 10.00 ? 47 ASN A N    1 
ATOM 684  C CA   . ASN A 1 47 ? 2.692   4.808   -2.746  1.00 10.00 ? 47 ASN A CA   1 
ATOM 685  C C    . ASN A 1 47 ? 3.103   4.221   -1.407  1.00 10.00 ? 47 ASN A C    1 
ATOM 686  O O    . ASN A 1 47 ? 2.871   4.851   -0.377  1.00 10.00 ? 47 ASN A O    1 
ATOM 687  C CB   . ASN A 1 47 ? 3.642   5.934   -3.166  1.00 10.00 ? 47 ASN A CB   1 
ATOM 688  C CG   . ASN A 1 47 ? 5.077   5.428   -3.305  1.00 10.00 ? 47 ASN A CG   1 
ATOM 689  O OD1  . ASN A 1 47 ? 5.516   5.093   -4.398  1.00 10.00 ? 47 ASN A OD1  1 
ATOM 690  N ND2  . ASN A 1 47 ? 5.830   5.385   -2.209  1.00 10.00 ? 47 ASN A ND2  1 
ATOM 691  H H    . ASN A 1 47 ? 1.210   6.019   -1.888  1.00 10.00 ? 47 ASN A H    1 
ATOM 692  H HA   . ASN A 1 47 ? 2.705   4.035   -3.499  1.00 10.00 ? 47 ASN A HA   1 
ATOM 693  H HB2  . ASN A 1 47 ? 3.317   6.332   -4.127  1.00 10.00 ? 47 ASN A HB2  1 
ATOM 694  H HB3  . ASN A 1 47 ? 3.612   6.738   -2.429  1.00 10.00 ? 47 ASN A HB3  1 
ATOM 695  H HD21 . ASN A 1 47 ? 5.465   5.674   -1.313  1.00 10.00 ? 47 ASN A HD21 1 
ATOM 696  H HD22 . ASN A 1 47 ? 6.787   5.083   -2.311  1.00 10.00 ? 47 ASN A HD22 1 
ATOM 697  N N    . VAL A 1 48 ? 3.730   3.047   -1.403  1.00 10.00 ? 48 VAL A N    1 
ATOM 698  C CA   . VAL A 1 48 ? 4.232   2.433   -0.184  1.00 10.00 ? 48 VAL A CA   1 
ATOM 699  C C    . VAL A 1 48 ? 5.578   1.775   -0.482  1.00 10.00 ? 48 VAL A C    1 
ATOM 700  O O    . VAL A 1 48 ? 5.760   1.182   -1.546  1.00 10.00 ? 48 VAL A O    1 
ATOM 701  C CB   . VAL A 1 48 ? 3.167   1.507   0.438   1.00 10.00 ? 48 VAL A CB   1 
ATOM 702  C CG1  . VAL A 1 48 ? 2.736   0.383   -0.506  1.00 10.00 ? 48 VAL A CG1  1 
ATOM 703  C CG2  . VAL A 1 48 ? 3.630   0.895   1.765   1.00 10.00 ? 48 VAL A CG2  1 
ATOM 704  H H    . VAL A 1 48 ? 3.947   2.594   -2.290  1.00 10.00 ? 48 VAL A H    1 
ATOM 705  H HA   . VAL A 1 48 ? 4.430   3.224   0.536   1.00 10.00 ? 48 VAL A HA   1 
ATOM 706  H HB   . VAL A 1 48 ? 2.284   2.111   0.653   1.00 10.00 ? 48 VAL A HB   1 
ATOM 707  H HG11 . VAL A 1 48 ? 2.306   0.811   -1.410  1.00 10.00 ? 48 VAL A HG11 1 
ATOM 708  H HG12 . VAL A 1 48 ? 3.592   -0.238  -0.759  1.00 10.00 ? 48 VAL A HG12 1 
ATOM 709  H HG13 . VAL A 1 48 ? 1.977   -0.233  -0.024  1.00 10.00 ? 48 VAL A HG13 1 
ATOM 710  H HG21 . VAL A 1 48 ? 2.860   0.226   2.150   1.00 10.00 ? 48 VAL A HG21 1 
ATOM 711  H HG22 . VAL A 1 48 ? 4.552   0.330   1.627   1.00 10.00 ? 48 VAL A HG22 1 
ATOM 712  H HG23 . VAL A 1 48 ? 3.793   1.682   2.498   1.00 10.00 ? 48 VAL A HG23 1 
ATOM 713  N N    . ILE A 1 49 ? 6.527   1.947   0.441   1.00 10.00 ? 49 ILE A N    1 
ATOM 714  C CA   . ILE A 1 49 ? 7.882   1.433   0.368   1.00 10.00 ? 49 ILE A CA   1 
ATOM 715  C C    . ILE A 1 49 ? 7.959   0.229   1.297   1.00 10.00 ? 49 ILE A C    1 
ATOM 716  O O    . ILE A 1 49 ? 7.577   0.327   2.468   1.00 10.00 ? 49 ILE A O    1 
ATOM 717  C CB   . ILE A 1 49 ? 8.903   2.508   0.778   1.00 10.00 ? 49 ILE A CB   1 
ATOM 718  C CG1  . ILE A 1 49 ? 8.802   3.749   -0.125  1.00 10.00 ? 49 ILE A CG1  1 
ATOM 719  C CG2  . ILE A 1 49 ? 10.332  1.939   0.693   1.00 10.00 ? 49 ILE A CG2  1 
ATOM 720  C CD1  . ILE A 1 49 ? 9.399   4.979   0.562   1.00 10.00 ? 49 ILE A CD1  1 
ATOM 721  H H    . ILE A 1 49 ? 6.271   2.413   1.303   1.00 10.00 ? 49 ILE A H    1 
ATOM 722  H HA   . ILE A 1 49 ? 8.096   1.129   -0.649  1.00 10.00 ? 49 ILE A HA   1 
ATOM 723  H HB   . ILE A 1 49 ? 8.697   2.799   1.808   1.00 10.00 ? 49 ILE A HB   1 
ATOM 724  H HG12 . ILE A 1 49 ? 9.331   3.565   -1.060  1.00 10.00 ? 49 ILE A HG12 1 
ATOM 725  H HG13 . ILE A 1 49 ? 7.765   3.983   -0.358  1.00 10.00 ? 49 ILE A HG13 1 
ATOM 726  H HG21 . ILE A 1 49 ? 10.575  1.691   -0.341  1.00 10.00 ? 49 ILE A HG21 1 
ATOM 727  H HG22 . ILE A 1 49 ? 11.055  2.666   1.061   1.00 10.00 ? 49 ILE A HG22 1 
ATOM 728  H HG23 . ILE A 1 49 ? 10.436  1.040   1.296   1.00 10.00 ? 49 ILE A HG23 1 
ATOM 729  H HD11 . ILE A 1 49 ? 10.441  4.802   0.825   1.00 10.00 ? 49 ILE A HD11 1 
ATOM 730  H HD12 . ILE A 1 49 ? 9.339   5.832   -0.114  1.00 10.00 ? 49 ILE A HD12 1 
ATOM 731  H HD13 . ILE A 1 49 ? 8.831   5.200   1.467   1.00 10.00 ? 49 ILE A HD13 1 
ATOM 732  N N    . TYR A 1 50 ? 8.457   -0.893  0.777   1.00 10.00 ? 50 TYR A N    1 
ATOM 733  C CA   . TYR A 1 50 ? 8.599   -2.116  1.541   1.00 10.00 ? 50 TYR A CA   1 
ATOM 734  C C    . TYR A 1 50 ? 9.752   -2.955  1.012   1.00 10.00 ? 50 TYR A C    1 
ATOM 735  O O    . TYR A 1 50 ? 10.271  -2.694  -0.077  1.00 10.00 ? 50 TYR A O    1 
ATOM 736  C CB   . TYR A 1 50 ? 7.300   -2.922  1.488   1.00 10.00 ? 50 TYR A CB   1 
ATOM 737  C CG   . TYR A 1 50 ? 6.726   -3.124  0.094   1.00 10.00 ? 50 TYR A CG   1 
ATOM 738  C CD1  . TYR A 1 50 ? 7.334   -4.020  -0.807  1.00 10.00 ? 50 TYR A CD1  1 
ATOM 739  C CD2  . TYR A 1 50 ? 5.545   -2.461  -0.280  1.00 10.00 ? 50 TYR A CD2  1 
ATOM 740  C CE1  . TYR A 1 50 ? 6.736   -4.288  -2.050  1.00 10.00 ? 50 TYR A CE1  1 
ATOM 741  C CE2  . TYR A 1 50 ? 4.924   -2.767  -1.503  1.00 10.00 ? 50 TYR A CE2  1 
ATOM 742  C CZ   . TYR A 1 50 ? 5.505   -3.700  -2.376  1.00 10.00 ? 50 TYR A CZ   1 
ATOM 743  O OH   . TYR A 1 50 ? 4.813   -4.138  -3.467  1.00 10.00 ? 50 TYR A OH   1 
ATOM 744  H H    . TYR A 1 50 ? 8.783   -0.903  -0.189  1.00 10.00 ? 50 TYR A H    1 
ATOM 745  H HA   . TYR A 1 50 ? 8.840   -1.863  2.572   1.00 10.00 ? 50 TYR A HA   1 
ATOM 746  H HB2  . TYR A 1 50 ? 7.518   -3.901  1.896   1.00 10.00 ? 50 TYR A HB2  1 
ATOM 747  H HB3  . TYR A 1 50 ? 6.562   -2.477  2.157   1.00 10.00 ? 50 TYR A HB3  1 
ATOM 748  H HD1  . TYR A 1 50 ? 8.229   -4.557  -0.532  1.00 10.00 ? 50 TYR A HD1  1 
ATOM 749  H HD2  . TYR A 1 50 ? 5.075   -1.770  0.404   1.00 10.00 ? 50 TYR A HD2  1 
ATOM 750  H HE1  . TYR A 1 50 ? 7.182   -5.014  -2.713  1.00 10.00 ? 50 TYR A HE1  1 
ATOM 751  H HE2  . TYR A 1 50 ? 3.966   -2.330  -1.732  1.00 10.00 ? 50 TYR A HE2  1 
ATOM 752  H HH   . TYR A 1 50 ? 4.071   -3.567  -3.676  1.00 10.00 ? 50 TYR A HH   1 
ATOM 753  N N    . ASP A 1 51 ? 10.119  -3.979  1.785   1.00 10.00 ? 51 ASP A N    1 
ATOM 754  C CA   . ASP A 1 51 ? 11.163  -4.914  1.439   1.00 10.00 ? 51 ASP A CA   1 
ATOM 755  C C    . ASP A 1 51 ? 10.560  -6.219  0.907   1.00 10.00 ? 51 ASP A C    1 
ATOM 756  O O    . ASP A 1 51 ? 9.869   -6.904  1.667   1.00 10.00 ? 51 ASP A O    1 
ATOM 757  C CB   . ASP A 1 51 ? 12.018  -5.164  2.674   1.00 10.00 ? 51 ASP A CB   1 
ATOM 758  C CG   . ASP A 1 51 ? 13.237  -5.968  2.253   1.00 10.00 ? 51 ASP A CG   1 
ATOM 759  O OD1  . ASP A 1 51 ? 13.017  -7.124  1.833   1.00 10.00 ? 51 ASP A OD1  1 
ATOM 760  O OD2  . ASP A 1 51 ? 14.346  -5.397  2.283   1.00 10.00 ? 51 ASP A OD2  1 
ATOM 761  H H    . ASP A 1 51 ? 9.655   -4.141  2.679   1.00 10.00 ? 51 ASP A H    1 
ATOM 762  H HA   . ASP A 1 51 ? 11.819  -4.443  0.715   1.00 10.00 ? 51 ASP A HA   1 
ATOM 763  H HB2  . ASP A 1 51 ? 12.308  -4.204  3.092   1.00 10.00 ? 51 ASP A HB2  1 
ATOM 764  H HB3  . ASP A 1 51 ? 11.458  -5.699  3.437   1.00 10.00 ? 51 ASP A HB3  1 
ATOM 765  N N    . PRO A 1 52 ? 10.844  -6.599  -0.355  1.00 10.00 ? 52 PRO A N    1 
ATOM 766  C CA   . PRO A 1 52 ? 10.287  -7.781  -1.004  1.00 10.00 ? 52 PRO A CA   1 
ATOM 767  C C    . PRO A 1 52 ? 10.763  -9.109  -0.403  1.00 10.00 ? 52 PRO A C    1 
ATOM 768  O O    . PRO A 1 52 ? 10.453  -10.159 -0.962  1.00 10.00 ? 52 PRO A O    1 
ATOM 769  C CB   . PRO A 1 52 ? 10.653  -7.644  -2.485  1.00 10.00 ? 52 PRO A CB   1 
ATOM 770  C CG   . PRO A 1 52 ? 11.961  -6.859  -2.447  1.00 10.00 ? 52 PRO A CG   1 
ATOM 771  C CD   . PRO A 1 52 ? 11.761  -5.919  -1.260  1.00 10.00 ? 52 PRO A CD   1 
ATOM 772  H HA   . PRO A 1 52 ? 9.206   -7.789  -0.952  1.00 10.00 ? 52 PRO A HA   1 
ATOM 773  H HB2  . PRO A 1 52 ? 10.757  -8.604  -2.993  1.00 10.00 ? 52 PRO A HB2  1 
ATOM 774  H HB3  . PRO A 1 52 ? 9.891   -7.042  -2.983  1.00 10.00 ? 52 PRO A HB3  1 
ATOM 775  H HG2  . PRO A 1 52 ? 12.785  -7.541  -2.235  1.00 10.00 ? 52 PRO A HG2  1 
ATOM 776  H HG3  . PRO A 1 52 ? 12.150  -6.318  -3.376  1.00 10.00 ? 52 PRO A HG3  1 
ATOM 777  H HD2  . PRO A 1 52 ? 12.732  -5.735  -0.798  1.00 10.00 ? 52 PRO A HD2  1 
ATOM 778  H HD3  . PRO A 1 52 ? 11.313  -4.984  -1.598  1.00 10.00 ? 52 PRO A HD3  1 
ATOM 779  N N    . ALA A 1 53 ? 11.486  -9.095  0.720   1.00 10.00 ? 53 ALA A N    1 
ATOM 780  C CA   . ALA A 1 53 ? 11.876  -10.323 1.405   1.00 10.00 ? 53 ALA A CA   1 
ATOM 781  C C    . ALA A 1 53 ? 10.721  -10.769 2.297   1.00 10.00 ? 53 ALA A C    1 
ATOM 782  O O    . ALA A 1 53 ? 10.315  -11.928 2.281   1.00 10.00 ? 53 ALA A O    1 
ATOM 783  C CB   . ALA A 1 53 ? 13.148  -10.100 2.228   1.00 10.00 ? 53 ALA A CB   1 
ATOM 784  H H    . ALA A 1 53 ? 11.672  -8.199  1.184   1.00 10.00 ? 53 ALA A H    1 
ATOM 785  H HA   . ALA A 1 53 ? 12.089  -11.109 0.677   1.00 10.00 ? 53 ALA A HA   1 
ATOM 786  H HB1  . ALA A 1 53 ? 13.946  -9.740  1.581   1.00 10.00 ? 53 ALA A HB1  1 
ATOM 787  H HB2  . ALA A 1 53 ? 12.971  -9.372  3.021   1.00 10.00 ? 53 ALA A HB2  1 
ATOM 788  H HB3  . ALA A 1 53 ? 13.456  -11.041 2.684   1.00 10.00 ? 53 ALA A HB3  1 
ATOM 789  N N    . GLU A 1 54 ? 10.209  -9.818  3.077   1.00 10.00 ? 54 GLU A N    1 
ATOM 790  C CA   . GLU A 1 54 ? 9.166   -10.015 4.068   1.00 10.00 ? 54 GLU A CA   1 
ATOM 791  C C    . GLU A 1 54 ? 7.805   -9.577  3.520   1.00 10.00 ? 54 GLU A C    1 
ATOM 792  O O    . GLU A 1 54 ? 6.793   -10.254 3.680   1.00 10.00 ? 54 GLU A O    1 
ATOM 793  C CB   . GLU A 1 54 ? 9.537   -9.176  5.294   1.00 10.00 ? 54 GLU A CB   1 
ATOM 794  C CG   . GLU A 1 54 ? 10.790  -9.707  6.006   1.00 10.00 ? 54 GLU A CG   1 
ATOM 795  C CD   . GLU A 1 54 ? 10.663  -9.590  7.522   1.00 10.00 ? 54 GLU A CD   1 
ATOM 796  O OE1  . GLU A 1 54 ? 10.330  -8.477  7.984   1.00 10.00 ? 54 GLU A OE1  1 
ATOM 797  O OE2  . GLU A 1 54 ? 10.886  -10.623 8.189   1.00 10.00 ? 54 GLU A OE2  1 
ATOM 798  H H    . GLU A 1 54 ? 10.617  -8.895  3.000   1.00 10.00 ? 54 GLU A H    1 
ATOM 799  H HA   . GLU A 1 54 ? 9.096   -11.065 4.361   1.00 10.00 ? 54 GLU A HA   1 
ATOM 800  H HB2  . GLU A 1 54 ? 9.714   -8.139  5.013   1.00 10.00 ? 54 GLU A HB2  1 
ATOM 801  H HB3  . GLU A 1 54 ? 8.694   -9.178  5.977   1.00 10.00 ? 54 GLU A HB3  1 
ATOM 802  H HG2  . GLU A 1 54 ? 10.950  -10.756 5.758   1.00 10.00 ? 54 GLU A HG2  1 
ATOM 803  H HG3  . GLU A 1 54 ? 11.662  -9.138  5.683   1.00 10.00 ? 54 GLU A HG3  1 
ATOM 804  N N    . THR A 1 55 ? 7.797   -8.401  2.900   1.00 10.00 ? 55 THR A N    1 
ATOM 805  C CA   . THR A 1 55 ? 6.650   -7.656  2.421   1.00 10.00 ? 55 THR A CA   1 
ATOM 806  C C    . THR A 1 55 ? 6.551   -7.508  0.914   1.00 10.00 ? 55 THR A C    1 
ATOM 807  O O    . THR A 1 55 ? 7.446   -6.964  0.280   1.00 10.00 ? 55 THR A O    1 
ATOM 808  C CB   . THR A 1 55 ? 6.703   -6.284  3.056   1.00 10.00 ? 55 THR A CB   1 
ATOM 809  O OG1  . THR A 1 55 ? 6.559   -6.374  4.454   1.00 10.00 ? 55 THR A OG1  1 
ATOM 810  C CG2  . THR A 1 55 ? 5.502   -5.431  2.715   1.00 10.00 ? 55 THR A CG2  1 
ATOM 811  H H    . THR A 1 55 ? 8.695   -7.962  2.710   1.00 10.00 ? 55 THR A H    1 
ATOM 812  H HA   . THR A 1 55 ? 5.745   -8.103  2.802   1.00 10.00 ? 55 THR A HA   1 
ATOM 813  H HB   . THR A 1 55 ? 7.640   -5.845  2.770   1.00 10.00 ? 55 THR A HB   1 
ATOM 814  H HG1  . THR A 1 55 ? 6.979   -7.165  4.814   1.00 10.00 ? 55 THR A HG1  1 
ATOM 815  H HG21 . THR A 1 55 ? 5.591   -4.503  3.276   1.00 10.00 ? 55 THR A HG21 1 
ATOM 816  H HG22 . THR A 1 55 ? 5.584   -5.211  1.652   1.00 10.00 ? 55 THR A HG22 1 
ATOM 817  H HG23 . THR A 1 55 ? 4.577   -5.954  2.942   1.00 10.00 ? 55 THR A HG23 1 
ATOM 818  N N    . GLY A 1 56 ? 5.384   -7.817  0.351   1.00 10.00 ? 56 GLY A N    1 
ATOM 819  C CA   . GLY A 1 56 ? 5.046   -7.295  -0.952  1.00 10.00 ? 56 GLY A CA   1 
ATOM 820  C C    . GLY A 1 56 ? 3.544   -7.266  -1.159  1.00 10.00 ? 56 GLY A C    1 
ATOM 821  O O    . GLY A 1 56 ? 2.768   -7.635  -0.271  1.00 10.00 ? 56 GLY A O    1 
ATOM 822  H H    . GLY A 1 56 ? 4.630   -8.209  0.899   1.00 10.00 ? 56 GLY A H    1 
ATOM 823  H HA2  . GLY A 1 56 ? 5.387   -6.264  -1.016  1.00 10.00 ? 56 GLY A HA2  1 
ATOM 824  H HA3  . GLY A 1 56 ? 5.530   -7.886  -1.730  1.00 10.00 ? 56 GLY A HA3  1 
ATOM 825  N N    . THR A 1 57 ? 3.170   -6.833  -2.364  1.00 10.00 ? 57 THR A N    1 
ATOM 826  C CA   . THR A 1 57 ? 1.814   -6.720  -2.878  1.00 10.00 ? 57 THR A CA   1 
ATOM 827  C C    . THR A 1 57 ? 0.959   -7.913  -2.440  1.00 10.00 ? 57 THR A C    1 
ATOM 828  O O    . THR A 1 57 ? -0.170  -7.735  -2.002  1.00 10.00 ? 57 THR A O    1 
ATOM 829  C CB   . THR A 1 57 ? 1.857   -6.477  -4.395  1.00 10.00 ? 57 THR A CB   1 
ATOM 830  O OG1  . THR A 1 57 ? 0.581   -6.110  -4.867  1.00 10.00 ? 57 THR A OG1  1 
ATOM 831  C CG2  . THR A 1 57 ? 2.413   -7.645  -5.215  1.00 10.00 ? 57 THR A CG2  1 
ATOM 832  H H    . THR A 1 57 ? 3.913   -6.542  -2.975  1.00 10.00 ? 57 THR A H    1 
ATOM 833  H HA   . THR A 1 57 ? 1.378   -5.812  -2.471  1.00 10.00 ? 57 THR A HA   1 
ATOM 834  H HB   . THR A 1 57 ? 2.504   -5.615  -4.571  1.00 10.00 ? 57 THR A HB   1 
ATOM 835  H HG1  . THR A 1 57 ? 0.017   -6.894  -4.939  1.00 10.00 ? 57 THR A HG1  1 
ATOM 836  H HG21 . THR A 1 57 ? 1.760   -8.515  -5.145  1.00 10.00 ? 57 THR A HG21 1 
ATOM 837  H HG22 . THR A 1 57 ? 2.479   -7.342  -6.261  1.00 10.00 ? 57 THR A HG22 1 
ATOM 838  H HG23 . THR A 1 57 ? 3.412   -7.909  -4.868  1.00 10.00 ? 57 THR A HG23 1 
ATOM 839  N N    . ALA A 1 58 ? 1.524   -9.120  -2.478  1.00 10.00 ? 58 ALA A N    1 
ATOM 840  C CA   . ALA A 1 58 ? 0.903   -10.336 -1.973  1.00 10.00 ? 58 ALA A CA   1 
ATOM 841  C C    . ALA A 1 58 ? 0.255   -10.151 -0.592  1.00 10.00 ? 58 ALA A C    1 
ATOM 842  O O    . ALA A 1 58 ? -0.936  -10.404 -0.415  1.00 10.00 ? 58 ALA A O    1 
ATOM 843  C CB   . ALA A 1 58 ? 1.984   -11.419 -1.901  1.00 10.00 ? 58 ALA A CB   1 
ATOM 844  H H    . ALA A 1 58 ? 2.463   -9.189  -2.836  1.00 10.00 ? 58 ALA A H    1 
ATOM 845  H HA   . ALA A 1 58 ? 0.128   -10.637 -2.678  1.00 10.00 ? 58 ALA A HA   1 
ATOM 846  H HB1  . ALA A 1 58 ? 1.551   -12.348 -1.528  1.00 10.00 ? 58 ALA A HB1  1 
ATOM 847  H HB2  . ALA A 1 58 ? 2.401   -11.595 -2.893  1.00 10.00 ? 58 ALA A HB2  1 
ATOM 848  H HB3  . ALA A 1 58 ? 2.786   -11.099 -1.228  1.00 10.00 ? 58 ALA A HB3  1 
ATOM 849  N N    . ALA A 1 59 ? 1.053   -9.743  0.399   1.00 10.00 ? 59 ALA A N    1 
ATOM 850  C CA   . ALA A 1 59 ? 0.587   -9.570  1.769   1.00 10.00 ? 59 ALA A CA   1 
ATOM 851  C C    . ALA A 1 59 ? -0.297  -8.332  1.829   1.00 10.00 ? 59 ALA A C    1 
ATOM 852  O O    . ALA A 1 59 ? -1.294  -8.268  2.550   1.00 10.00 ? 59 ALA A O    1 
ATOM 853  C CB   . ALA A 1 59 ? 1.793   -9.433  2.704   1.00 10.00 ? 59 ALA A CB   1 
ATOM 854  H H    . ALA A 1 59 ? 1.902   -9.252  0.137   1.00 10.00 ? 59 ALA A H    1 
ATOM 855  H HA   . ALA A 1 59 ? 0.004   -10.441 2.072   1.00 10.00 ? 59 ALA A HA   1 
ATOM 856  H HB1  . ALA A 1 59 ? 2.385   -8.558  2.435   1.00 10.00 ? 59 ALA A HB1  1 
ATOM 857  H HB2  . ALA A 1 59 ? 1.446   -9.324  3.732   1.00 10.00 ? 59 ALA A HB2  1 
ATOM 858  H HB3  . ALA A 1 59 ? 2.419   -10.323 2.634   1.00 10.00 ? 59 ALA A HB3  1 
ATOM 859  N N    . ILE A 1 60 ? 0.121   -7.327  1.063   1.00 10.00 ? 60 ILE A N    1 
ATOM 860  C CA   . ILE A 1 60 ? -0.519  -6.039  1.009   1.00 10.00 ? 60 ILE A CA   1 
ATOM 861  C C    . ILE A 1 60 ? -1.988  -6.173  0.597   1.00 10.00 ? 60 ILE A C    1 
ATOM 862  O O    . ILE A 1 60 ? -2.836  -5.787  1.391   1.00 10.00 ? 60 ILE A O    1 
ATOM 863  C CB   . ILE A 1 60 ? 0.378   -5.085  0.202   1.00 10.00 ? 60 ILE A CB   1 
ATOM 864  C CG1  . ILE A 1 60 ? 1.262   -4.327  1.197   1.00 10.00 ? 60 ILE A CG1  1 
ATOM 865  C CG2  . ILE A 1 60 ? -0.377  -4.126  -0.721  1.00 10.00 ? 60 ILE A CG2  1 
ATOM 866  C CD1  . ILE A 1 60 ? 2.484   -3.664  0.560   1.00 10.00 ? 60 ILE A CD1  1 
ATOM 867  H H    . ILE A 1 60 ? 0.957   -7.462  0.504   1.00 10.00 ? 60 ILE A H    1 
ATOM 868  H HA   . ILE A 1 60 ? -0.547  -5.683  2.037   1.00 10.00 ? 60 ILE A HA   1 
ATOM 869  H HB   . ILE A 1 60 ? 1.041   -5.678  -0.414  1.00 10.00 ? 60 ILE A HB   1 
ATOM 870  H HG12 . ILE A 1 60 ? 0.634   -3.574  1.659   1.00 10.00 ? 60 ILE A HG12 1 
ATOM 871  H HG13 . ILE A 1 60 ? 1.631   -5.012  1.965   1.00 10.00 ? 60 ILE A HG13 1 
ATOM 872  H HG21 . ILE A 1 60 ? -0.887  -4.696  -1.488  1.00 10.00 ? 60 ILE A HG21 1 
ATOM 873  H HG22 . ILE A 1 60 ? -1.107  -3.543  -0.167  1.00 10.00 ? 60 ILE A HG22 1 
ATOM 874  H HG23 . ILE A 1 60 ? 0.325   -3.460  -1.216  1.00 10.00 ? 60 ILE A HG23 1 
ATOM 875  H HD11 . ILE A 1 60 ? 2.182   -2.871  -0.122  1.00 10.00 ? 60 ILE A HD11 1 
ATOM 876  H HD12 . ILE A 1 60 ? 3.100   -3.230  1.349   1.00 10.00 ? 60 ILE A HD12 1 
ATOM 877  H HD13 . ILE A 1 60 ? 3.072   -4.410  0.024   1.00 10.00 ? 60 ILE A HD13 1 
ATOM 878  N N    . GLN A 1 61 ? -2.323  -6.756  -0.562  1.00 10.00 ? 61 GLN A N    1 
ATOM 879  C CA   . GLN A 1 61 ? -3.712  -6.999  -0.959  1.00 10.00 ? 61 GLN A CA   1 
ATOM 880  C C    . GLN A 1 61 ? -4.488  -7.631  0.196   1.00 10.00 ? 61 GLN A C    1 
ATOM 881  O O    . GLN A 1 61 ? -5.529  -7.119  0.594   1.00 10.00 ? 61 GLN A O    1 
ATOM 882  C CB   . GLN A 1 61 ? -3.815  -7.939  -2.170  1.00 10.00 ? 61 GLN A CB   1 
ATOM 883  C CG   . GLN A 1 61 ? -3.734  -7.289  -3.555  1.00 10.00 ? 61 GLN A CG   1 
ATOM 884  C CD   . GLN A 1 61 ? -2.318  -6.922  -3.965  1.00 10.00 ? 61 GLN A CD   1 
ATOM 885  O OE1  . GLN A 1 61 ? -1.643  -7.669  -4.671  1.00 10.00 ? 61 GLN A OE1  1 
ATOM 886  N NE2  . GLN A 1 61 ? -1.856  -5.754  -3.547  1.00 10.00 ? 61 GLN A NE2  1 
ATOM 887  H H    . GLN A 1 61 ? -1.583  -7.103  -1.157  1.00 10.00 ? 61 GLN A H    1 
ATOM 888  H HA   . GLN A 1 61 ? -4.182  -6.048  -1.208  1.00 10.00 ? 61 GLN A HA   1 
ATOM 889  H HB2  . GLN A 1 61 ? -3.086  -8.743  -2.081  1.00 10.00 ? 61 GLN A HB2  1 
ATOM 890  H HB3  . GLN A 1 61 ? -4.816  -8.370  -2.128  1.00 10.00 ? 61 GLN A HB3  1 
ATOM 891  H HG2  . GLN A 1 61 ? -4.105  -8.008  -4.285  1.00 10.00 ? 61 GLN A HG2  1 
ATOM 892  H HG3  . GLN A 1 61 ? -4.375  -6.411  -3.592  1.00 10.00 ? 61 GLN A HG3  1 
ATOM 893  H HE21 . GLN A 1 61 ? -2.410  -5.180  -2.935  1.00 10.00 ? 61 GLN A HE21 1 
ATOM 894  H HE22 . GLN A 1 61 ? -0.919  -5.484  -3.824  1.00 10.00 ? 61 GLN A HE22 1 
ATOM 895  N N    . GLU A 1 62 ? -3.964  -8.737  0.730   1.00 10.00 ? 62 GLU A N    1 
ATOM 896  C CA   . GLU A 1 62 ? -4.531  -9.427  1.881   1.00 10.00 ? 62 GLU A CA   1 
ATOM 897  C C    . GLU A 1 62 ? -4.983  -8.469  2.980   1.00 10.00 ? 62 GLU A C    1 
ATOM 898  O O    . GLU A 1 62 ? -6.136  -8.499  3.412   1.00 10.00 ? 62 GLU A O    1 
ATOM 899  C CB   . GLU A 1 62 ? -3.518  -10.468 2.398   1.00 10.00 ? 62 GLU A CB   1 
ATOM 900  C CG   . GLU A 1 62 ? -4.133  -11.829 2.736   1.00 10.00 ? 62 GLU A CG   1 
ATOM 901  C CD   . GLU A 1 62 ? -4.767  -11.809 4.124   1.00 10.00 ? 62 GLU A CD   1 
ATOM 902  O OE1  . GLU A 1 62 ? -4.006  -11.532 5.079   1.00 10.00 ? 62 GLU A OE1  1 
ATOM 903  O OE2  . GLU A 1 62 ? -5.989  -12.038 4.235   1.00 10.00 ? 62 GLU A OE2  1 
ATOM 904  H H    . GLU A 1 62 ? -3.096  -9.084  0.344   1.00 10.00 ? 62 GLU A H    1 
ATOM 905  H HA   . GLU A 1 62 ? -5.441  -9.901  1.512   1.00 10.00 ? 62 GLU A HA   1 
ATOM 906  H HB2  . GLU A 1 62 ? -2.791  -10.671 1.610   1.00 10.00 ? 62 GLU A HB2  1 
ATOM 907  H HB3  . GLU A 1 62 ? -2.964  -10.086 3.256   1.00 10.00 ? 62 GLU A HB3  1 
ATOM 908  H HG2  . GLU A 1 62 ? -4.856  -12.127 1.979   1.00 10.00 ? 62 GLU A HG2  1 
ATOM 909  H HG3  . GLU A 1 62 ? -3.321  -12.559 2.751   1.00 10.00 ? 62 GLU A HG3  1 
ATOM 910  N N    . LYS A 1 63 ? -4.083  -7.601  3.439   1.00 10.00 ? 63 LYS A N    1 
ATOM 911  C CA   . LYS A 1 63 ? -4.462  -6.648  4.453   1.00 10.00 ? 63 LYS A CA   1 
ATOM 912  C C    . LYS A 1 63 ? -5.409  -5.586  3.898   1.00 10.00 ? 63 LYS A C    1 
ATOM 913  O O    . LYS A 1 63 ? -6.402  -5.291  4.555   1.00 10.00 ? 63 LYS A O    1 
ATOM 914  C CB   . LYS A 1 63 ? -3.219  -6.084  5.143   1.00 10.00 ? 63 LYS A CB   1 
ATOM 915  C CG   . LYS A 1 63 ? -3.140  -6.564  6.601   1.00 10.00 ? 63 LYS A CG   1 
ATOM 916  C CD   . LYS A 1 63 ? -2.845  -8.075  6.696   1.00 10.00 ? 63 LYS A CD   1 
ATOM 917  C CE   . LYS A 1 63 ? -3.998  -8.882  7.314   1.00 10.00 ? 63 LYS A CE   1 
ATOM 918  N NZ   . LYS A 1 63 ? -3.698  -10.329 7.333   1.00 10.00 ? 63 LYS A NZ   1 
ATOM 919  H H    . LYS A 1 63 ? -3.153  -7.546  3.036   1.00 10.00 ? 63 LYS A H    1 
ATOM 920  H HA   . LYS A 1 63 ? -5.054  -7.180  5.195   1.00 10.00 ? 63 LYS A HA   1 
ATOM 921  H HB2  . LYS A 1 63 ? -2.307  -6.367  4.613   1.00 10.00 ? 63 LYS A HB2  1 
ATOM 922  H HB3  . LYS A 1 63 ? -3.284  -5.002  5.114   1.00 10.00 ? 63 LYS A HB3  1 
ATOM 923  H HG2  . LYS A 1 63 ? -2.333  -6.012  7.081   1.00 10.00 ? 63 LYS A HG2  1 
ATOM 924  H HG3  . LYS A 1 63 ? -4.064  -6.309  7.124   1.00 10.00 ? 63 LYS A HG3  1 
ATOM 925  H HD2  . LYS A 1 63 ? -2.612  -8.465  5.702   1.00 10.00 ? 63 LYS A HD2  1 
ATOM 926  H HD3  . LYS A 1 63 ? -1.963  -8.206  7.323   1.00 10.00 ? 63 LYS A HD3  1 
ATOM 927  H HE2  . LYS A 1 63 ? -4.180  -8.537  8.333   1.00 10.00 ? 63 LYS A HE2  1 
ATOM 928  H HE3  . LYS A 1 63 ? -4.908  -8.745  6.728   1.00 10.00 ? 63 LYS A HE3  1 
ATOM 929  H HZ1  . LYS A 1 63 ? -3.589  -10.667 6.379   1.00 10.00 ? 63 LYS A HZ1  1 
ATOM 930  H HZ2  . LYS A 1 63 ? -2.856  -10.540 7.846   1.00 10.00 ? 63 LYS A HZ2  1 
ATOM 931  H HZ3  . LYS A 1 63 ? -4.470  -10.857 7.709   1.00 10.00 ? 63 LYS A HZ3  1 
ATOM 932  N N    . ILE A 1 64 ? -5.144  -5.020  2.717   1.00 10.00 ? 64 ILE A N    1 
ATOM 933  C CA   . ILE A 1 64 ? -5.980  -3.997  2.109   1.00 10.00 ? 64 ILE A CA   1 
ATOM 934  C C    . ILE A 1 64 ? -7.452  -4.459  2.111   1.00 10.00 ? 64 ILE A C    1 
ATOM 935  O O    . ILE A 1 64 ? -8.346  -3.709  2.511   1.00 10.00 ? 64 ILE A O    1 
ATOM 936  C CB   . ILE A 1 64 ? -5.506  -3.678  0.678   1.00 10.00 ? 64 ILE A CB   1 
ATOM 937  C CG1  . ILE A 1 64 ? -4.120  -3.022  0.569   1.00 10.00 ? 64 ILE A CG1  1 
ATOM 938  C CG2  . ILE A 1 64 ? -6.546  -2.766  0.031   1.00 10.00 ? 64 ILE A CG2  1 
ATOM 939  C CD1  . ILE A 1 64 ? -4.093  -1.527  0.874   1.00 10.00 ? 64 ILE A CD1  1 
ATOM 940  H H    . ILE A 1 64 ? -4.365  -5.353  2.168   1.00 10.00 ? 64 ILE A H    1 
ATOM 941  H HA   . ILE A 1 64 ? -5.843  -3.094  2.709   1.00 10.00 ? 64 ILE A HA   1 
ATOM 942  H HB   . ILE A 1 64 ? -5.444  -4.599  0.100   1.00 10.00 ? 64 ILE A HB   1 
ATOM 943  H HG12 . ILE A 1 64 ? -3.423  -3.500  1.248   1.00 10.00 ? 64 ILE A HG12 1 
ATOM 944  H HG13 . ILE A 1 64 ? -3.759  -3.155  -0.450  1.00 10.00 ? 64 ILE A HG13 1 
ATOM 945  H HG21 . ILE A 1 64 ? -7.442  -3.334  -0.199  1.00 10.00 ? 64 ILE A HG21 1 
ATOM 946  H HG22 . ILE A 1 64 ? -6.781  -1.948  0.716   1.00 10.00 ? 64 ILE A HG22 1 
ATOM 947  H HG23 . ILE A 1 64 ? -6.155  -2.363  -0.893  1.00 10.00 ? 64 ILE A HG23 1 
ATOM 948  H HD11 . ILE A 1 64 ? -4.836  -0.978  0.304   1.00 10.00 ? 64 ILE A HD11 1 
ATOM 949  H HD12 . ILE A 1 64 ? -4.245  -1.397  1.944   1.00 10.00 ? 64 ILE A HD12 1 
ATOM 950  H HD13 . ILE A 1 64 ? -3.129  -1.121  0.582   1.00 10.00 ? 64 ILE A HD13 1 
ATOM 951  N N    . GLU A 1 65 ? -7.696  -5.707  1.695   1.00 10.00 ? 65 GLU A N    1 
ATOM 952  C CA   . GLU A 1 65 ? -9.021  -6.309  1.716   1.00 10.00 ? 65 GLU A CA   1 
ATOM 953  C C    . GLU A 1 65 ? -9.632  -6.186  3.115   1.00 10.00 ? 65 GLU A C    1 
ATOM 954  O O    . GLU A 1 65 ? -10.767 -5.746  3.279   1.00 10.00 ? 65 GLU A O    1 
ATOM 955  C CB   . GLU A 1 65 ? -8.905  -7.763  1.246   1.00 10.00 ? 65 GLU A CB   1 
ATOM 956  C CG   . GLU A 1 65 ? -8.702  -7.843  -0.277  1.00 10.00 ? 65 GLU A CG   1 
ATOM 957  C CD   . GLU A 1 65 ? -9.965  -7.530  -1.075  1.00 10.00 ? 65 GLU A CD   1 
ATOM 958  O OE1  . GLU A 1 65 ? -11.059 -7.877  -0.580  1.00 10.00 ? 65 GLU A OE1  1 
ATOM 959  O OE2  . GLU A 1 65 ? -9.808  -6.972  -2.183  1.00 10.00 ? 65 GLU A OE2  1 
ATOM 960  H H    . GLU A 1 65 ? -6.926  -6.302  1.391   1.00 10.00 ? 65 GLU A H    1 
ATOM 961  H HA   . GLU A 1 65 ? -9.685  -5.792  1.029   1.00 10.00 ? 65 GLU A HA   1 
ATOM 962  H HB2  . GLU A 1 65 ? -8.057  -8.230  1.744   1.00 10.00 ? 65 GLU A HB2  1 
ATOM 963  H HB3  . GLU A 1 65 ? -9.812  -8.305  1.510   1.00 10.00 ? 65 GLU A HB3  1 
ATOM 964  H HG2  . GLU A 1 65 ? -7.916  -7.156  -0.589  1.00 10.00 ? 65 GLU A HG2  1 
ATOM 965  H HG3  . GLU A 1 65 ? -8.397  -8.853  -0.544  1.00 10.00 ? 65 GLU A HG3  1 
ATOM 966  N N    . LYS A 1 66 ? -8.857  -6.521  4.146   1.00 10.00 ? 66 LYS A N    1 
ATOM 967  C CA   . LYS A 1 66 ? -9.304  -6.478  5.528   1.00 10.00 ? 66 LYS A CA   1 
ATOM 968  C C    . LYS A 1 66 ? -9.508  -5.054  6.038   1.00 10.00 ? 66 LYS A C    1 
ATOM 969  O O    . LYS A 1 66 ? -10.417 -4.817  6.831   1.00 10.00 ? 66 LYS A O    1 
ATOM 970  C CB   . LYS A 1 66 ? -8.304  -7.238  6.391   1.00 10.00 ? 66 LYS A CB   1 
ATOM 971  C CG   . LYS A 1 66 ? -8.962  -7.815  7.658   1.00 10.00 ? 66 LYS A CG   1 
ATOM 972  C CD   . LYS A 1 66 ? -8.449  -9.227  7.971   1.00 10.00 ? 66 LYS A CD   1 
ATOM 973  C CE   . LYS A 1 66 ? -8.922  -10.249 6.916   1.00 10.00 ? 66 LYS A CE   1 
ATOM 974  N NZ   . LYS A 1 66 ? -9.796  -11.297 7.485   1.00 10.00 ? 66 LYS A NZ   1 
ATOM 975  H H    . LYS A 1 66 ? -7.876  -6.706  3.973   1.00 10.00 ? 66 LYS A H    1 
ATOM 976  H HA   . LYS A 1 66 ? -10.264 -6.994  5.554   1.00 10.00 ? 66 LYS A HA   1 
ATOM 977  H HB2  . LYS A 1 66 ? -7.903  -8.043  5.777   1.00 10.00 ? 66 LYS A HB2  1 
ATOM 978  H HB3  . LYS A 1 66 ? -7.489  -6.559  6.636   1.00 10.00 ? 66 LYS A HB3  1 
ATOM 979  H HG2  . LYS A 1 66 ? -8.729  -7.147  8.490   1.00 10.00 ? 66 LYS A HG2  1 
ATOM 980  H HG3  . LYS A 1 66 ? -10.049 -7.843  7.564   1.00 10.00 ? 66 LYS A HG3  1 
ATOM 981  H HD2  . LYS A 1 66 ? -7.358  -9.197  7.986   1.00 10.00 ? 66 LYS A HD2  1 
ATOM 982  H HD3  . LYS A 1 66 ? -8.792  -9.500  8.971   1.00 10.00 ? 66 LYS A HD3  1 
ATOM 983  H HE2  . LYS A 1 66 ? -9.474  -9.744  6.120   1.00 10.00 ? 66 LYS A HE2  1 
ATOM 984  H HE3  . LYS A 1 66 ? -8.050  -10.725 6.460   1.00 10.00 ? 66 LYS A HE3  1 
ATOM 985  H HZ1  . LYS A 1 66 ? -9.304  -11.815 8.200   1.00 10.00 ? 66 LYS A HZ1  1 
ATOM 986  H HZ2  . LYS A 1 66 ? -10.629 -10.882 7.880   1.00 10.00 ? 66 LYS A HZ2  1 
ATOM 987  H HZ3  . LYS A 1 66 ? -10.067 -11.939 6.752   1.00 10.00 ? 66 LYS A HZ3  1 
ATOM 988  N N    . LEU A 1 67 ? -8.684  -4.106  5.585   1.00 10.00 ? 67 LEU A N    1 
ATOM 989  C CA   . LEU A 1 67 ? -8.923  -2.689  5.790   1.00 10.00 ? 67 LEU A CA   1 
ATOM 990  C C    . LEU A 1 67 ? -10.294 -2.280  5.232   1.00 10.00 ? 67 LEU A C    1 
ATOM 991  O O    . LEU A 1 67 ? -10.833 -1.258  5.650   1.00 10.00 ? 67 LEU A O    1 
ATOM 992  C CB   . LEU A 1 67 ? -7.774  -1.880  5.163   1.00 10.00 ? 67 LEU A CB   1 
ATOM 993  C CG   . LEU A 1 67 ? -6.539  -1.677  6.053   1.00 10.00 ? 67 LEU A CG   1 
ATOM 994  C CD1  . LEU A 1 67 ? -6.879  -0.921  7.338   1.00 10.00 ? 67 LEU A CD1  1 
ATOM 995  C CD2  . LEU A 1 67 ? -5.747  -2.943  6.385   1.00 10.00 ? 67 LEU A CD2  1 
ATOM 996  H H    . LEU A 1 67 ? -7.898  -4.355  4.992   1.00 10.00 ? 67 LEU A H    1 
ATOM 997  H HA   . LEU A 1 67 ? -8.968  -2.499  6.860   1.00 10.00 ? 67 LEU A HA   1 
ATOM 998  H HB2  . LEU A 1 67 ? -7.444  -2.349  4.243   1.00 10.00 ? 67 LEU A HB2  1 
ATOM 999  H HB3  . LEU A 1 67 ? -8.138  -0.893  4.885   1.00 10.00 ? 67 LEU A HB3  1 
ATOM 1000 H HG   . LEU A 1 67 ? -5.866  -1.069  5.459   1.00 10.00 ? 67 LEU A HG   1 
ATOM 1001 H HD11 . LEU A 1 67 ? -7.360  -1.591  8.050   1.00 10.00 ? 67 LEU A HD11 1 
ATOM 1002 H HD12 . LEU A 1 67 ? -5.964  -0.536  7.788   1.00 10.00 ? 67 LEU A HD12 1 
ATOM 1003 H HD13 . LEU A 1 67 ? -7.543  -0.085  7.115   1.00 10.00 ? 67 LEU A HD13 1 
ATOM 1004 H HD21 . LEU A 1 67 ? -6.385  -3.702  6.836   1.00 10.00 ? 67 LEU A HD21 1 
ATOM 1005 H HD22 . LEU A 1 67 ? -5.295  -3.319  5.471   1.00 10.00 ? 67 LEU A HD22 1 
ATOM 1006 H HD23 . LEU A 1 67 ? -4.943  -2.700  7.079   1.00 10.00 ? 67 LEU A HD23 1 
ATOM 1007 N N    . GLY A 1 68 ? -10.873 -3.074  4.323   1.00 10.00 ? 68 GLY A N    1 
ATOM 1008 C CA   . GLY A 1 68 ? -12.238 -2.914  3.850   1.00 10.00 ? 68 GLY A CA   1 
ATOM 1009 C C    . GLY A 1 68 ? -12.271 -2.173  2.521   1.00 10.00 ? 68 GLY A C    1 
ATOM 1010 O O    . GLY A 1 68 ? -13.240 -1.474  2.231   1.00 10.00 ? 68 GLY A O    1 
ATOM 1011 H H    . GLY A 1 68 ? -10.379 -3.893  3.984   1.00 10.00 ? 68 GLY A H    1 
ATOM 1012 H HA2  . GLY A 1 68 ? -12.675 -3.902  3.701   1.00 10.00 ? 68 GLY A HA2  1 
ATOM 1013 H HA3  . GLY A 1 68 ? -12.846 -2.379  4.581   1.00 10.00 ? 68 GLY A HA3  1 
ATOM 1014 N N    . TYR A 1 69 ? -11.212 -2.311  1.719   1.00 10.00 ? 69 TYR A N    1 
ATOM 1015 C CA   . TYR A 1 69 ? -11.115 -1.689  0.401   1.00 10.00 ? 69 TYR A CA   1 
ATOM 1016 C C    . TYR A 1 69 ? -10.429 -2.690  -0.514  1.00 10.00 ? 69 TYR A C    1 
ATOM 1017 O O    . TYR A 1 69 ? -9.933  -3.692  -0.016  1.00 10.00 ? 69 TYR A O    1 
ATOM 1018 C CB   . TYR A 1 69 ? -10.288 -0.402  0.497   1.00 10.00 ? 69 TYR A CB   1 
ATOM 1019 C CG   . TYR A 1 69 ? -10.834 0.623   1.471   1.00 10.00 ? 69 TYR A CG   1 
ATOM 1020 C CD1  . TYR A 1 69 ? -10.582 0.470   2.843   1.00 10.00 ? 69 TYR A CD1  1 
ATOM 1021 C CD2  . TYR A 1 69 ? -11.530 1.756   1.013   1.00 10.00 ? 69 TYR A CD2  1 
ATOM 1022 C CE1  . TYR A 1 69 ? -11.035 1.429   3.759   1.00 10.00 ? 69 TYR A CE1  1 
ATOM 1023 C CE2  . TYR A 1 69 ? -11.932 2.748   1.925   1.00 10.00 ? 69 TYR A CE2  1 
ATOM 1024 C CZ   . TYR A 1 69 ? -11.699 2.578   3.299   1.00 10.00 ? 69 TYR A CZ   1 
ATOM 1025 O OH   . TYR A 1 69 ? -12.065 3.555   4.176   1.00 10.00 ? 69 TYR A OH   1 
ATOM 1026 H H    . TYR A 1 69 ? -10.442 -2.929  1.992   1.00 10.00 ? 69 TYR A H    1 
ATOM 1027 H HA   . TYR A 1 69 ? -12.104 -1.463  -0.001  1.00 10.00 ? 69 TYR A HA   1 
ATOM 1028 H HB2  . TYR A 1 69 ? -9.278  -0.671  0.810   1.00 10.00 ? 69 TYR A HB2  1 
ATOM 1029 H HB3  . TYR A 1 69 ? -10.215 0.048   -0.494  1.00 10.00 ? 69 TYR A HB3  1 
ATOM 1030 H HD1  . TYR A 1 69 ? -10.004 -0.371  3.194   1.00 10.00 ? 69 TYR A HD1  1 
ATOM 1031 H HD2  . TYR A 1 69 ? -11.701 1.895   -0.042  1.00 10.00 ? 69 TYR A HD2  1 
ATOM 1032 H HE1  . TYR A 1 69 ? -10.844 1.264   4.808   1.00 10.00 ? 69 TYR A HE1  1 
ATOM 1033 H HE2  . TYR A 1 69 ? -12.425 3.639   1.570   1.00 10.00 ? 69 TYR A HE2  1 
ATOM 1034 H HH   . TYR A 1 69 ? -11.923 3.300   5.090   1.00 10.00 ? 69 TYR A HH   1 
ATOM 1035 N N    . HIS A 1 70 ? -10.349 -2.426  -1.821  1.00 10.00 ? 70 HIS A N    1 
ATOM 1036 C CA   . HIS A 1 70 ? -9.535  -3.227  -2.703  1.00 10.00 ? 70 HIS A CA   1 
ATOM 1037 C C    . HIS A 1 70 ? -8.616  -2.302  -3.493  1.00 10.00 ? 70 HIS A C    1 
ATOM 1038 O O    . HIS A 1 70 ? -9.044  -1.267  -4.013  1.00 10.00 ? 70 HIS A O    1 
ATOM 1039 C CB   . HIS A 1 70 ? -10.395 -4.166  -3.548  1.00 10.00 ? 70 HIS A CB   1 
ATOM 1040 C CG   . HIS A 1 70 ? -10.982 -3.633  -4.828  1.00 10.00 ? 70 HIS A CG   1 
ATOM 1041 N ND1  . HIS A 1 70 ? -10.705 -4.095  -6.094  1.00 10.00 ? 70 HIS A ND1  1 
ATOM 1042 C CD2  . HIS A 1 70 ? -11.962 -2.690  -4.942  1.00 10.00 ? 70 HIS A CD2  1 
ATOM 1043 C CE1  . HIS A 1 70 ? -11.482 -3.410  -6.952  1.00 10.00 ? 70 HIS A CE1  1 
ATOM 1044 N NE2  . HIS A 1 70 ? -12.259 -2.529  -6.299  1.00 10.00 ? 70 HIS A NE2  1 
ATOM 1045 H H    . HIS A 1 70 ? -10.708 -1.581  -2.231  1.00 10.00 ? 70 HIS A H    1 
ATOM 1046 H HA   . HIS A 1 70 ? -8.898  -3.883  -2.109  1.00 10.00 ? 70 HIS A HA   1 
ATOM 1047 H HB2  . HIS A 1 70 ? -9.716  -4.954  -3.829  1.00 10.00 ? 70 HIS A HB2  1 
ATOM 1048 H HB3  . HIS A 1 70 ? -11.182 -4.607  -2.934  1.00 10.00 ? 70 HIS A HB3  1 
ATOM 1049 H HD1  . HIS A 1 70 ? -10.053 -4.829  -6.328  1.00 10.00 ? 70 HIS A HD1  1 
ATOM 1050 H HD2  . HIS A 1 70 ? -12.395 -2.136  -4.129  1.00 10.00 ? 70 HIS A HD2  1 
ATOM 1051 H HE1  . HIS A 1 70 ? -11.489 -3.560  -8.022  1.00 10.00 ? 70 HIS A HE1  1 
ATOM 1052 N N    . VAL A 1 71 ? -7.336  -2.666  -3.506  1.00 10.00 ? 71 VAL A N    1 
ATOM 1053 C CA   . VAL A 1 71 ? -6.304  -2.002  -4.287  1.00 10.00 ? 71 VAL A CA   1 
ATOM 1054 C C    . VAL A 1 71 ? -6.247  -2.633  -5.677  1.00 10.00 ? 71 VAL A C    1 
ATOM 1055 O O    . VAL A 1 71 ? -6.558  -3.815  -5.829  1.00 10.00 ? 71 VAL A O    1 
ATOM 1056 C CB   . VAL A 1 71 ? -4.959  -2.060  -3.542  1.00 10.00 ? 71 VAL A CB   1 
ATOM 1057 C CG1  . VAL A 1 71 ? -4.432  -3.488  -3.355  1.00 10.00 ? 71 VAL A CG1  1 
ATOM 1058 C CG2  . VAL A 1 71 ? -3.885  -1.209  -4.214  1.00 10.00 ? 71 VAL A CG2  1 
ATOM 1059 H H    . VAL A 1 71 ? -7.111  -3.524  -3.021  1.00 10.00 ? 71 VAL A H    1 
ATOM 1060 H HA   . VAL A 1 71 ? -6.572  -0.956  -4.398  1.00 10.00 ? 71 VAL A HA   1 
ATOM 1061 H HB   . VAL A 1 71 ? -5.100  -1.612  -2.562  1.00 10.00 ? 71 VAL A HB   1 
ATOM 1062 H HG11 . VAL A 1 71 ? -3.498  -3.446  -2.795  1.00 10.00 ? 71 VAL A HG11 1 
ATOM 1063 H HG12 . VAL A 1 71 ? -5.145  -4.091  -2.795  1.00 10.00 ? 71 VAL A HG12 1 
ATOM 1064 H HG13 . VAL A 1 71 ? -4.240  -3.953  -4.322  1.00 10.00 ? 71 VAL A HG13 1 
ATOM 1065 H HG21 . VAL A 1 71 ? -4.213  -0.173  -4.250  1.00 10.00 ? 71 VAL A HG21 1 
ATOM 1066 H HG22 . VAL A 1 71 ? -2.986  -1.260  -3.605  1.00 10.00 ? 71 VAL A HG22 1 
ATOM 1067 H HG23 . VAL A 1 71 ? -3.654  -1.568  -5.217  1.00 10.00 ? 71 VAL A HG23 1 
ATOM 1068 N N    . VAL A 1 72 ? -5.850  -1.854  -6.686  1.00 10.00 ? 72 VAL A N    1 
ATOM 1069 C CA   . VAL A 1 72 ? -5.661  -2.342  -8.046  1.00 10.00 ? 72 VAL A CA   1 
ATOM 1070 C C    . VAL A 1 72 ? -4.188  -2.227  -8.430  1.00 10.00 ? 72 VAL A C    1 
ATOM 1071 O O    . VAL A 1 72 ? -3.672  -1.126  -8.627  1.00 10.00 ? 72 VAL A O    1 
ATOM 1072 C CB   . VAL A 1 72 ? -6.564  -1.602  -9.053  1.00 10.00 ? 72 VAL A CB   1 
ATOM 1073 C CG1  . VAL A 1 72 ? -7.867  -2.358  -9.265  1.00 10.00 ? 72 VAL A CG1  1 
ATOM 1074 C CG2  . VAL A 1 72 ? -6.922  -0.183  -8.619  1.00 10.00 ? 72 VAL A CG2  1 
ATOM 1075 H H    . VAL A 1 72 ? -5.596  -0.887  -6.489  1.00 10.00 ? 72 VAL A H    1 
ATOM 1076 H HA   . VAL A 1 72 ? -5.919  -3.400  -8.111  1.00 10.00 ? 72 VAL A HA   1 
ATOM 1077 H HB   . VAL A 1 72 ? -6.058  -1.554  -10.019 1.00 10.00 ? 72 VAL A HB   1 
ATOM 1078 H HG11 . VAL A 1 72 ? -7.647  -3.328  -9.708  1.00 10.00 ? 72 VAL A HG11 1 
ATOM 1079 H HG12 . VAL A 1 72 ? -8.373  -2.482  -8.309  1.00 10.00 ? 72 VAL A HG12 1 
ATOM 1080 H HG13 . VAL A 1 72 ? -8.490  -1.781  -9.947  1.00 10.00 ? 72 VAL A HG13 1 
ATOM 1081 H HG21 . VAL A 1 72 ? -5.985  0.328   -8.438  1.00 10.00 ? 72 VAL A HG21 1 
ATOM 1082 H HG22 . VAL A 1 72 ? -7.460  0.326   -9.419  1.00 10.00 ? 72 VAL A HG22 1 
ATOM 1083 H HG23 . VAL A 1 72 ? -7.547  -0.187  -7.720  1.00 10.00 ? 72 VAL A HG23 1 
ATOM 1084 N N    . ILE A 1 73 ? -3.532  -3.375  -8.615  1.00 10.00 ? 73 ILE A N    1 
ATOM 1085 C CA   . ILE A 1 73 ? -2.213  -3.432  -9.225  1.00 10.00 ? 73 ILE A CA   1 
ATOM 1086 C C    . ILE A 1 73 ? -2.433  -3.409  -10.738 1.00 10.00 ? 73 ILE A C    1 
ATOM 1087 O O    . ILE A 1 73 ? -2.212  -4.399  -11.431 1.00 10.00 ? 73 ILE A O    1 
ATOM 1088 C CB   . ILE A 1 73 ? -1.441  -4.690  -8.773  1.00 10.00 ? 73 ILE A CB   1 
ATOM 1089 C CG1  . ILE A 1 73 ? -1.460  -4.907  -7.251  1.00 10.00 ? 73 ILE A CG1  1 
ATOM 1090 C CG2  . ILE A 1 73 ? 0.006   -4.614  -9.288  1.00 10.00 ? 73 ILE A CG2  1 
ATOM 1091 C CD1  . ILE A 1 73 ? -0.820  -3.765  -6.459  1.00 10.00 ? 73 ILE A CD1  1 
ATOM 1092 H H    . ILE A 1 73 ? -4.008  -4.248  -8.447  1.00 10.00 ? 73 ILE A H    1 
ATOM 1093 H HA   . ILE A 1 73 ? -1.630  -2.552  -8.947  1.00 10.00 ? 73 ILE A HA   1 
ATOM 1094 H HB   . ILE A 1 73 ? -1.912  -5.570  -9.211  1.00 10.00 ? 73 ILE A HB   1 
ATOM 1095 H HG12 . ILE A 1 73 ? -2.486  -5.037  -6.907  1.00 10.00 ? 73 ILE A HG12 1 
ATOM 1096 H HG13 . ILE A 1 73 ? -0.924  -5.830  -7.029  1.00 10.00 ? 73 ILE A HG13 1 
ATOM 1097 H HG21 . ILE A 1 73 ? 0.575   -5.470  -8.925  1.00 10.00 ? 73 ILE A HG21 1 
ATOM 1098 H HG22 . ILE A 1 73 ? 0.030   -4.623  -10.378 1.00 10.00 ? 73 ILE A HG22 1 
ATOM 1099 H HG23 . ILE A 1 73 ? 0.485   -3.694  -8.955  1.00 10.00 ? 73 ILE A HG23 1 
ATOM 1100 H HD11 . ILE A 1 73 ? -1.330  -2.826  -6.671  1.00 10.00 ? 73 ILE A HD11 1 
ATOM 1101 H HD12 . ILE A 1 73 ? -0.912  -3.973  -5.394  1.00 10.00 ? 73 ILE A HD12 1 
ATOM 1102 H HD13 . ILE A 1 73 ? 0.238   -3.673  -6.701  1.00 10.00 ? 73 ILE A HD13 1 
ATOM 1103 N N    . GLU A 1 74 ? -2.892  -2.261  -11.235 1.00 10.00 ? 74 GLU A N    1 
ATOM 1104 C CA   . GLU A 1 74 ? -2.804  -1.924  -12.647 1.00 10.00 ? 74 GLU A CA   1 
ATOM 1105 C C    . GLU A 1 74 ? -1.726  -0.852  -12.786 1.00 10.00 ? 74 GLU A C    1 
ATOM 1106 O O    . GLU A 1 74 ? -1.397  -0.185  -11.804 1.00 10.00 ? 74 GLU A O    1 
ATOM 1107 C CB   . GLU A 1 74 ? -4.155  -1.447  -13.203 1.00 10.00 ? 74 GLU A CB   1 
ATOM 1108 C CG   . GLU A 1 74 ? -4.346  -1.969  -14.636 1.00 10.00 ? 74 GLU A CG   1 
ATOM 1109 C CD   . GLU A 1 74 ? -5.281  -1.081  -15.444 1.00 10.00 ? 74 GLU A CD   1 
ATOM 1110 O OE1  . GLU A 1 74 ? -6.503  -1.331  -15.378 1.00 10.00 ? 74 GLU A OE1  1 
ATOM 1111 O OE2  . GLU A 1 74 ? -4.745  -0.173  -16.114 1.00 10.00 ? 74 GLU A OE2  1 
ATOM 1112 H H    . GLU A 1 74 ? -3.025  -1.502  -10.577 1.00 10.00 ? 74 GLU A H    1 
ATOM 1113 H HA   . GLU A 1 74 ? -2.487  -2.803  -13.210 1.00 10.00 ? 74 GLU A HA   1 
ATOM 1114 H HB2  . GLU A 1 74 ? -4.984  -1.814  -12.597 1.00 10.00 ? 74 GLU A HB2  1 
ATOM 1115 H HB3  . GLU A 1 74 ? -4.189  -0.356  -13.203 1.00 10.00 ? 74 GLU A HB3  1 
ATOM 1116 H HG2  . GLU A 1 74 ? -3.400  -1.997  -15.173 1.00 10.00 ? 74 GLU A HG2  1 
ATOM 1117 H HG3  . GLU A 1 74 ? -4.752  -2.981  -14.604 1.00 10.00 ? 74 GLU A HG3  1 
ATOM 1118 N N    . GLY A 1 75 ? -1.180  -0.705  -13.991 1.00 10.00 ? 75 GLY A N    1 
ATOM 1119 C CA   . GLY A 1 75 ? -0.083  0.194   -14.298 1.00 10.00 ? 75 GLY A CA   1 
ATOM 1120 C C    . GLY A 1 75 ? 1.116   -0.630  -14.748 1.00 10.00 ? 75 GLY A C    1 
ATOM 1121 O O    . GLY A 1 75 ? 1.355   -0.766  -15.947 1.00 10.00 ? 75 GLY A O    1 
ATOM 1122 H H    . GLY A 1 75 ? -1.526  -1.290  -14.738 1.00 10.00 ? 75 GLY A H    1 
ATOM 1123 H HA2  . GLY A 1 75 ? -0.391  0.852   -15.110 1.00 10.00 ? 75 GLY A HA2  1 
ATOM 1124 H HA3  . GLY A 1 75 ? 0.197   0.808   -13.442 1.00 10.00 ? 75 GLY A HA3  1 
ATOM 1125 N N    . ARG A 1 76 ? 1.864   -1.185  -13.794 1.00 10.00 ? 76 ARG A N    1 
ATOM 1126 C CA   . ARG A 1 76 ? 3.045   -2.002  -13.998 1.00 10.00 ? 76 ARG A CA   1 
ATOM 1127 C C    . ARG A 1 76 ? 3.393   -2.539  -12.601 1.00 10.00 ? 76 ARG A C    1 
ATOM 1128 O O    . ARG A 1 76 ? 2.564   -2.304  -11.694 1.00 10.00 ? 76 ARG A O    1 
ATOM 1129 C CB   . ARG A 1 76 ? 4.177   -1.155  -14.630 1.00 10.00 ? 76 ARG A CB   1 
ATOM 1130 C CG   . ARG A 1 76 ? 5.120   -1.952  -15.555 1.00 10.00 ? 76 ARG A CG   1 
ATOM 1131 C CD   . ARG A 1 76 ? 6.577   -1.917  -15.076 1.00 10.00 ? 76 ARG A CD   1 
ATOM 1132 N NE   . ARG A 1 76 ? 6.636   -2.520  -13.743 1.00 10.00 ? 76 ARG A NE   1 
ATOM 1133 C CZ   . ARG A 1 76 ? 7.316   -3.607  -13.369 1.00 10.00 ? 76 ARG A CZ   1 
ATOM 1134 N NH1  . ARG A 1 76 ? 8.476   -3.927  -13.954 1.00 10.00 ? 76 ARG A NH1  1 
ATOM 1135 N NH2  . ARG A 1 76 ? 6.786   -4.363  -12.406 1.00 10.00 ? 76 ARG A NH2  1 
ATOM 1136 O OXT  . ARG A 1 76 ? 4.480   -3.142  -12.440 1.00 10.00 ? 76 ARG A OXT  1 
ATOM 1137 H H    . ARG A 1 76 ? 1.596   -1.151  -12.810 1.00 10.00 ? 76 ARG A H    1 
ATOM 1138 H HA   . ARG A 1 76 ? 2.770   -2.834  -14.648 1.00 10.00 ? 76 ARG A HA   1 
ATOM 1139 H HB2  . ARG A 1 76 ? 3.742   -0.376  -15.253 1.00 10.00 ? 76 ARG A HB2  1 
ATOM 1140 H HB3  . ARG A 1 76 ? 4.725   -0.643  -13.839 1.00 10.00 ? 76 ARG A HB3  1 
ATOM 1141 H HG2  . ARG A 1 76 ? 4.796   -2.992  -15.618 1.00 10.00 ? 76 ARG A HG2  1 
ATOM 1142 H HG3  . ARG A 1 76 ? 5.070   -1.527  -16.560 1.00 10.00 ? 76 ARG A HG3  1 
ATOM 1143 H HD2  . ARG A 1 76 ? 7.186   -2.462  -15.799 1.00 10.00 ? 76 ARG A HD2  1 
ATOM 1144 H HD3  . ARG A 1 76 ? 6.920   -0.881  -15.030 1.00 10.00 ? 76 ARG A HD3  1 
ATOM 1145 H HE   . ARG A 1 76 ? 5.795   -2.367  -13.182 1.00 10.00 ? 76 ARG A HE   1 
ATOM 1146 H HH11 . ARG A 1 76 ? 8.857   -3.306  -14.649 1.00 10.00 ? 76 ARG A HH11 1 
ATOM 1147 H HH12 . ARG A 1 76 ? 8.984   -4.758  -13.696 1.00 10.00 ? 76 ARG A HH12 1 
ATOM 1148 H HH21 . ARG A 1 76 ? 5.830   -4.089  -12.128 1.00 10.00 ? 76 ARG A HH21 1 
ATOM 1149 H HH22 . ARG A 1 76 ? 7.186   -5.222  -12.066 1.00 10.00 ? 76 ARG A HH22 1 
# 
